data_5XFM
#
_entry.id   5XFM
#
_cell.length_a   72.810
_cell.length_b   90.510
_cell.length_c   128.550
_cell.angle_alpha   105.50
_cell.angle_beta   94.80
_cell.angle_gamma   96.15
#
_symmetry.space_group_name_H-M   'P 1'
#
loop_
_entity.id
_entity.type
_entity.pdbx_description
1 polymer Alpha-glucosidase
2 non-polymer 'CALCIUM ION'
3 water water
#
_entity_poly.entity_id   1
_entity_poly.type   'polypeptide(L)'
_entity_poly.pdbx_seq_one_letter_code
;MNHKVHHHHHHMELQDVVVKGPDEKLQLAVFVQNETKPCYSVSYNGKTMLEKSPLGMNTNIGDFTKNLKLTGHSVDKIDT
VYQQTRIKVSNVHYRANELTCHLENEQGQKLGVIFRVSDNDVAFRYTLPHQGGKASVTVKEEQTGFRFPEQTTTFLCPQS
DAMIGWKRTKPSYEEEYKADAPMSDRSQYGHGYTFPCLFRIGNDGWVLVSETGVDSRYCGSRLSDVSEGNLYTVAFPMAE
ENNGNGTVAPAFALPGATPWRTITVGDHLKPIVETTVPWDVVSPLYETKHDYRFGRGTWSWILWQDGSINYDDQVRYIDF
ASAMGYEYALIDNWWDTRIGHQRMKSLVEYARDKGVELFLWYSSSGYWNDIEQGPVNRMDNAIIRKREMKWLQSLGVKGI
KVDFFGGDKQETMRLYEDILSDADDHGLMVIFHGCTLPRGWERMYPNYVGSEAVLASENMVFNQHFCDEEAFNTCLHPFI
RNTVGSMEFGGCLLNKRLNRNNDGGTTRRTTDVFQLATTVLLQNPVQNFALAPNNLKDVPAVCMDFMKRVPTTWDETRFV
DGYPGKYVVLARRQGDTWYLAAVNAGKEPLKLKLDLEMFAGKTVALYKDDKKGEPELTSLKVKENGKVQLEIRPQGGILC
IK
;
_entity_poly.pdbx_strand_id   A,B,C,D
#
loop_
_chem_comp.id
_chem_comp.type
_chem_comp.name
_chem_comp.formula
CA non-polymer 'CALCIUM ION' 'Ca 2'
#
# COMPACT_ATOMS: atom_id res chain seq x y z
N HIS A 11 -7.82 4.05 83.37
CA HIS A 11 -8.33 2.80 83.92
C HIS A 11 -7.65 1.59 83.28
N MET A 12 -8.45 0.65 82.77
CA MET A 12 -7.92 -0.62 82.27
C MET A 12 -7.33 -0.48 80.86
N GLU A 13 -6.01 -0.60 80.78
CA GLU A 13 -5.26 -0.37 79.55
C GLU A 13 -4.73 -1.67 78.96
N LEU A 14 -4.91 -1.85 77.66
CA LEU A 14 -4.56 -3.11 77.01
C LEU A 14 -3.38 -3.00 76.04
N GLN A 15 -2.81 -1.81 75.89
CA GLN A 15 -1.78 -1.62 74.87
C GLN A 15 -0.47 -2.31 75.24
N ASP A 16 0.11 -2.99 74.27
CA ASP A 16 1.39 -3.67 74.48
C ASP A 16 2.54 -2.67 74.53
N VAL A 17 2.46 -1.65 73.68
CA VAL A 17 3.52 -0.64 73.57
C VAL A 17 2.96 0.60 72.89
N VAL A 18 3.58 1.75 73.17
CA VAL A 18 3.14 3.02 72.59
C VAL A 18 4.33 3.76 71.96
N VAL A 19 4.11 4.34 70.77
CA VAL A 19 5.13 5.16 70.14
C VAL A 19 4.55 6.55 69.81
N LYS A 20 5.35 7.58 70.04
CA LYS A 20 4.90 8.96 69.88
C LYS A 20 5.72 9.72 68.82
N GLY A 21 5.12 10.74 68.23
CA GLY A 21 5.84 11.68 67.40
C GLY A 21 6.77 12.50 68.28
N PRO A 22 7.71 13.23 67.66
CA PRO A 22 8.72 14.02 68.38
C PRO A 22 8.14 15.03 69.39
N ASP A 23 7.06 15.70 69.04
CA ASP A 23 6.46 16.66 69.97
C ASP A 23 5.38 15.99 70.83
N GLU A 24 5.24 14.68 70.64
CA GLU A 24 4.38 13.82 71.45
C GLU A 24 2.87 14.07 71.33
N LYS A 25 2.46 14.91 70.38
CA LYS A 25 1.03 15.15 70.16
C LYS A 25 0.37 13.95 69.51
N LEU A 26 1.08 13.36 68.55
CA LEU A 26 0.58 12.20 67.85
C LEU A 26 1.04 10.95 68.61
N GLN A 27 0.11 10.09 68.97
CA GLN A 27 0.46 8.85 69.67
C GLN A 27 -0.19 7.63 69.00
N LEU A 28 0.60 6.57 68.86
CA LEU A 28 0.12 5.32 68.27
C LEU A 28 0.32 4.19 69.27
N ALA A 29 -0.74 3.41 69.49
CA ALA A 29 -0.67 2.32 70.46
C ALA A 29 -0.88 0.98 69.79
N VAL A 30 -0.17 -0.04 70.26
CA VAL A 30 -0.23 -1.35 69.64
C VAL A 30 -0.83 -2.40 70.55
N PHE A 31 -1.78 -3.17 70.02
CA PHE A 31 -2.48 -4.20 70.75
C PHE A 31 -2.33 -5.54 70.06
N VAL A 32 -1.46 -6.39 70.57
CA VAL A 32 -1.22 -7.70 69.99
C VAL A 32 -1.45 -8.84 70.98
N GLN A 33 -0.81 -8.73 72.14
CA GLN A 33 -0.89 -9.77 73.17
C GLN A 33 -2.32 -10.01 73.62
N ASN A 34 -2.71 -11.29 73.65
CA ASN A 34 -4.03 -11.75 74.08
C ASN A 34 -5.21 -11.18 73.28
N GLU A 35 -4.91 -10.69 72.08
CA GLU A 35 -5.96 -10.21 71.19
C GLU A 35 -6.18 -11.17 70.04
N THR A 36 -7.45 -11.47 69.77
CA THR A 36 -7.81 -12.35 68.67
C THR A 36 -7.30 -11.75 67.36
N LYS A 37 -7.41 -10.44 67.25
CA LYS A 37 -7.00 -9.74 66.06
C LYS A 37 -6.04 -8.60 66.41
N PRO A 38 -4.79 -8.69 65.94
CA PRO A 38 -3.80 -7.63 66.21
C PRO A 38 -4.29 -6.30 65.68
N CYS A 39 -4.07 -5.23 66.45
CA CYS A 39 -4.57 -3.93 66.04
C CYS A 39 -3.73 -2.79 66.58
N TYR A 40 -4.00 -1.59 66.08
CA TYR A 40 -3.35 -0.38 66.55
C TYR A 40 -4.41 0.70 66.71
N SER A 41 -4.08 1.77 67.43
CA SER A 41 -4.98 2.92 67.52
C SER A 41 -4.17 4.21 67.50
N VAL A 42 -4.80 5.30 67.07
CA VAL A 42 -4.11 6.57 66.92
C VAL A 42 -4.84 7.72 67.60
N SER A 43 -4.09 8.50 68.36
CA SER A 43 -4.64 9.68 69.01
C SER A 43 -3.82 10.92 68.67
N TYR A 44 -4.46 12.08 68.69
CA TYR A 44 -3.77 13.36 68.48
C TYR A 44 -4.27 14.38 69.50
N ASN A 45 -3.35 14.99 70.24
CA ASN A 45 -3.69 15.83 71.39
C ASN A 45 -4.72 15.21 72.33
N GLY A 46 -4.64 13.90 72.53
CA GLY A 46 -5.50 13.21 73.47
C GLY A 46 -6.85 12.82 72.92
N LYS A 47 -7.13 13.24 71.70
CA LYS A 47 -8.37 12.85 71.05
C LYS A 47 -8.15 11.65 70.15
N THR A 48 -9.08 10.69 70.23
CA THR A 48 -9.04 9.51 69.38
C THR A 48 -9.25 9.91 67.92
N MET A 49 -8.30 9.54 67.07
CA MET A 49 -8.38 9.86 65.65
C MET A 49 -8.60 8.59 64.84
N LEU A 50 -7.90 7.53 65.24
CA LEU A 50 -8.23 6.20 64.74
C LEU A 50 -8.49 5.31 65.93
N GLU A 51 -9.62 4.63 65.92
CA GLU A 51 -9.85 3.62 66.93
C GLU A 51 -9.11 2.35 66.56
N LYS A 52 -9.31 1.30 67.36
CA LYS A 52 -8.60 0.05 67.15
C LYS A 52 -8.79 -0.47 65.73
N SER A 53 -7.69 -0.47 64.99
CA SER A 53 -7.68 -0.77 63.56
C SER A 53 -6.85 -2.00 63.29
N PRO A 54 -7.35 -2.91 62.45
CA PRO A 54 -6.74 -4.22 62.28
C PRO A 54 -5.35 -4.18 61.62
N LEU A 55 -4.50 -5.11 62.01
CA LEU A 55 -3.18 -5.31 61.41
C LEU A 55 -3.09 -6.73 60.89
N GLY A 56 -2.11 -7.00 60.03
CA GLY A 56 -1.82 -8.38 59.70
C GLY A 56 -2.02 -8.71 58.26
N MET A 57 -1.87 -10.00 57.94
CA MET A 57 -1.99 -10.44 56.55
C MET A 57 -2.17 -11.94 56.47
N ASN A 58 -2.65 -12.39 55.32
CA ASN A 58 -2.79 -13.79 54.97
C ASN A 58 -1.82 -14.11 53.83
N THR A 59 -1.01 -15.14 54.05
CA THR A 59 0.17 -15.40 53.24
C THR A 59 0.34 -16.89 52.88
N ASN A 60 0.92 -17.17 51.71
CA ASN A 60 1.11 -18.56 51.28
C ASN A 60 2.25 -19.31 51.97
N ILE A 61 2.89 -18.66 52.94
CA ILE A 61 3.81 -19.38 53.81
C ILE A 61 3.29 -19.37 55.25
N GLY A 62 2.16 -18.71 55.48
CA GLY A 62 1.61 -18.63 56.82
C GLY A 62 0.57 -17.55 57.02
N ASP A 63 -0.22 -17.69 58.08
CA ASP A 63 -1.23 -16.68 58.35
C ASP A 63 -0.88 -15.83 59.56
N PHE A 64 -0.98 -14.52 59.37
CA PHE A 64 -0.65 -13.53 60.39
C PHE A 64 -1.87 -12.62 60.58
N THR A 65 -3.02 -13.26 60.80
CA THR A 65 -4.30 -12.59 60.85
C THR A 65 -4.88 -12.62 62.27
N LYS A 66 -4.64 -13.72 62.97
CA LYS A 66 -5.25 -13.92 64.28
C LYS A 66 -4.29 -14.46 65.33
N ASN A 67 -4.46 -14.02 66.57
CA ASN A 67 -3.78 -14.61 67.70
C ASN A 67 -2.26 -14.59 67.58
N LEU A 68 -1.71 -13.40 67.36
CA LEU A 68 -0.28 -13.21 67.29
C LEU A 68 0.32 -12.92 68.65
N LYS A 69 1.62 -13.19 68.78
CA LYS A 69 2.36 -12.79 69.97
C LYS A 69 3.32 -11.69 69.59
N LEU A 70 3.48 -10.71 70.47
CA LEU A 70 4.53 -9.71 70.33
C LEU A 70 5.72 -10.23 71.13
N THR A 71 6.69 -10.82 70.44
CA THR A 71 7.83 -11.45 71.11
C THR A 71 8.86 -10.43 71.62
N GLY A 72 8.90 -9.26 70.99
CA GLY A 72 9.80 -8.22 71.41
C GLY A 72 9.68 -7.00 70.54
N HIS A 73 10.30 -5.90 70.97
CA HIS A 73 10.26 -4.68 70.18
C HIS A 73 11.50 -3.82 70.38
N SER A 74 11.73 -2.91 69.44
CA SER A 74 12.87 -2.00 69.48
C SER A 74 12.45 -0.60 69.07
N VAL A 75 13.20 0.40 69.52
CA VAL A 75 12.89 1.78 69.20
C VAL A 75 14.12 2.53 68.66
N ASP A 76 13.91 3.41 67.70
CA ASP A 76 15.01 4.23 67.21
C ASP A 76 14.58 5.64 66.86
N LYS A 77 15.53 6.55 66.78
CA LYS A 77 15.25 7.93 66.44
C LYS A 77 15.78 8.19 65.05
N ILE A 78 14.93 8.72 64.18
CA ILE A 78 15.36 9.12 62.85
C ILE A 78 15.44 10.64 62.75
N ASP A 79 16.58 11.12 62.28
CA ASP A 79 16.81 12.55 62.14
C ASP A 79 17.73 12.78 60.95
N THR A 80 17.15 13.09 59.80
CA THR A 80 17.91 13.22 58.57
C THR A 80 17.43 14.41 57.75
N VAL A 81 18.23 14.83 56.78
CA VAL A 81 17.85 15.88 55.85
C VAL A 81 17.93 15.34 54.44
N TYR A 82 16.92 15.63 53.63
CA TYR A 82 16.99 15.23 52.24
C TYR A 82 16.48 16.32 51.30
N GLN A 83 17.01 16.32 50.08
CA GLN A 83 16.57 17.25 49.05
C GLN A 83 15.71 16.52 48.04
N GLN A 84 14.62 17.16 47.61
CA GLN A 84 13.73 16.53 46.64
C GLN A 84 13.12 17.58 45.72
N THR A 85 13.33 17.41 44.42
CA THR A 85 12.69 18.28 43.43
C THR A 85 11.34 17.70 43.05
N ARG A 86 10.54 18.50 42.35
CA ARG A 86 9.25 18.06 41.78
C ARG A 86 8.16 17.79 42.81
N ILE A 87 8.30 18.30 44.03
CA ILE A 87 7.24 18.20 45.04
C ILE A 87 6.98 19.58 45.65
N LYS A 88 6.13 19.63 46.68
CA LYS A 88 5.68 20.89 47.27
C LYS A 88 6.76 21.66 48.05
N VAL A 89 7.86 21.01 48.37
CA VAL A 89 8.94 21.66 49.13
C VAL A 89 10.27 21.09 48.66
N SER A 90 11.34 21.87 48.71
CA SER A 90 12.62 21.42 48.15
C SER A 90 13.62 20.85 49.18
N ASN A 91 13.40 21.12 50.46
CA ASN A 91 14.28 20.62 51.50
C ASN A 91 13.50 20.11 52.71
N VAL A 92 13.77 18.87 53.10
CA VAL A 92 13.05 18.30 54.23
C VAL A 92 13.98 17.88 55.38
N HIS A 93 13.64 18.35 56.57
CA HIS A 93 14.25 17.87 57.81
C HIS A 93 13.32 16.84 58.44
N TYR A 94 13.59 15.58 58.17
CA TYR A 94 12.75 14.48 58.64
C TYR A 94 13.17 14.00 60.04
N ARG A 95 12.23 14.09 60.96
CA ARG A 95 12.42 13.74 62.37
C ARG A 95 11.26 12.87 62.82
N ALA A 96 11.57 11.63 63.18
CA ALA A 96 10.51 10.69 63.56
C ALA A 96 11.00 9.66 64.58
N ASN A 97 10.05 9.03 65.26
CA ASN A 97 10.38 7.91 66.12
C ASN A 97 9.91 6.60 65.53
N GLU A 98 10.79 5.60 65.56
CA GLU A 98 10.53 4.32 64.91
C GLU A 98 10.35 3.19 65.91
N LEU A 99 9.20 2.53 65.81
CA LEU A 99 8.88 1.36 66.62
C LEU A 99 8.93 0.10 65.76
N THR A 100 9.79 -0.85 66.11
CA THR A 100 9.83 -2.13 65.43
C THR A 100 9.22 -3.20 66.30
N CYS A 101 8.15 -3.82 65.81
CA CYS A 101 7.47 -4.89 66.54
C CYS A 101 7.74 -6.25 65.90
N HIS A 102 8.11 -7.21 66.74
CA HIS A 102 8.35 -8.57 66.28
C HIS A 102 7.21 -9.48 66.67
N LEU A 103 6.48 -9.96 65.67
CA LEU A 103 5.29 -10.76 65.88
C LEU A 103 5.52 -12.21 65.49
N GLU A 104 4.75 -13.10 66.12
CA GLU A 104 4.81 -14.52 65.85
C GLU A 104 3.41 -15.11 65.85
N ASN A 105 3.11 -16.01 64.92
CA ASN A 105 1.82 -16.71 64.96
C ASN A 105 1.95 -18.01 65.75
N GLU A 106 0.84 -18.73 65.88
CA GLU A 106 0.77 -19.93 66.71
C GLU A 106 1.70 -21.02 66.19
N GLN A 107 2.01 -20.97 64.90
CA GLN A 107 2.89 -21.96 64.30
C GLN A 107 4.35 -21.59 64.46
N GLY A 108 4.59 -20.41 65.04
CA GLY A 108 5.95 -19.98 65.28
C GLY A 108 6.55 -19.19 64.13
N GLN A 109 5.75 -18.93 63.09
CA GLN A 109 6.22 -18.14 61.96
C GLN A 109 6.26 -16.66 62.35
N LYS A 110 7.23 -15.94 61.80
CA LYS A 110 7.56 -14.59 62.24
C LYS A 110 7.16 -13.51 61.24
N LEU A 111 6.79 -12.34 61.76
CA LEU A 111 6.43 -11.19 60.94
C LEU A 111 6.80 -9.89 61.66
N GLY A 112 7.44 -8.95 60.96
CA GLY A 112 7.73 -7.66 61.58
C GLY A 112 6.73 -6.57 61.19
N VAL A 113 6.51 -5.62 62.10
CA VAL A 113 5.75 -4.40 61.77
C VAL A 113 6.52 -3.17 62.23
N ILE A 114 6.74 -2.23 61.32
CA ILE A 114 7.53 -1.04 61.60
C ILE A 114 6.69 0.22 61.48
N PHE A 115 6.70 1.02 62.54
CA PHE A 115 6.02 2.32 62.59
C PHE A 115 7.01 3.47 62.62
N ARG A 116 6.88 4.42 61.71
CA ARG A 116 7.65 5.66 61.76
C ARG A 116 6.70 6.82 61.99
N VAL A 117 6.83 7.47 63.14
CA VAL A 117 5.92 8.52 63.50
C VAL A 117 6.64 9.87 63.59
N SER A 118 6.34 10.75 62.64
CA SER A 118 6.80 12.14 62.72
C SER A 118 5.71 12.94 63.43
N ASP A 119 5.84 14.26 63.48
CA ASP A 119 4.91 15.09 64.25
C ASP A 119 3.44 14.89 63.87
N ASN A 120 3.17 14.74 62.58
CA ASN A 120 1.80 14.61 62.10
C ASN A 120 1.60 13.46 61.12
N ASP A 121 2.53 12.53 61.07
CA ASP A 121 2.40 11.40 60.15
C ASP A 121 2.84 10.08 60.74
N VAL A 122 2.10 9.03 60.38
CA VAL A 122 2.46 7.66 60.69
C VAL A 122 2.70 6.91 59.39
N ALA A 123 3.85 6.26 59.24
CA ALA A 123 4.06 5.39 58.09
C ALA A 123 4.38 4.01 58.61
N PHE A 124 3.66 2.98 58.18
CA PHE A 124 4.00 1.67 58.73
C PHE A 124 3.98 0.59 57.67
N ARG A 125 4.81 -0.43 57.88
CA ARG A 125 4.88 -1.52 56.90
C ARG A 125 5.19 -2.84 57.58
N TYR A 126 4.97 -3.93 56.85
CA TYR A 126 5.30 -5.25 57.34
C TYR A 126 6.63 -5.72 56.75
N THR A 127 7.38 -6.51 57.51
CA THR A 127 8.54 -7.19 56.97
C THR A 127 8.37 -8.70 57.12
N LEU A 128 8.89 -9.45 56.15
CA LEU A 128 8.88 -10.91 56.20
C LEU A 128 10.30 -11.44 55.99
N PRO A 129 10.81 -12.19 56.97
CA PRO A 129 12.17 -12.73 56.88
C PRO A 129 12.20 -14.03 56.07
N HIS A 130 13.40 -14.46 55.69
CA HIS A 130 13.58 -15.81 55.17
C HIS A 130 13.32 -16.83 56.27
N GLN A 131 12.38 -17.75 56.03
CA GLN A 131 12.00 -18.71 57.07
C GLN A 131 11.27 -19.92 56.46
N GLY A 132 11.32 -21.05 57.17
CA GLY A 132 10.68 -22.27 56.72
C GLY A 132 11.23 -22.82 55.42
N GLY A 133 12.46 -22.44 55.09
CA GLY A 133 13.07 -22.86 53.85
C GLY A 133 12.43 -22.17 52.65
N LYS A 134 11.76 -21.06 52.91
CA LYS A 134 11.07 -20.33 51.87
C LYS A 134 11.90 -19.11 51.44
N ALA A 135 12.03 -18.89 50.14
CA ALA A 135 12.80 -17.75 49.66
C ALA A 135 11.88 -16.73 48.96
N SER A 136 10.60 -17.05 48.88
CA SER A 136 9.66 -16.13 48.25
C SER A 136 8.27 -16.30 48.81
N VAL A 137 7.45 -15.28 48.61
CA VAL A 137 6.14 -15.26 49.23
C VAL A 137 5.10 -14.65 48.30
N THR A 138 3.87 -15.15 48.42
CA THR A 138 2.71 -14.52 47.82
C THR A 138 1.78 -14.08 48.93
N VAL A 139 1.53 -12.78 49.04
CA VAL A 139 0.59 -12.29 50.04
C VAL A 139 -0.83 -12.37 49.50
N LYS A 140 -1.61 -13.32 50.02
CA LYS A 140 -2.96 -13.57 49.55
C LYS A 140 -3.87 -12.40 49.88
N GLU A 141 -3.65 -11.79 51.04
CA GLU A 141 -4.55 -10.71 51.47
C GLU A 141 -4.00 -9.88 52.62
N GLU A 142 -4.32 -8.60 52.68
CA GLU A 142 -4.00 -7.80 53.86
C GLU A 142 -5.23 -7.60 54.72
N GLN A 143 -5.07 -7.78 56.03
CA GLN A 143 -6.13 -7.49 56.99
C GLN A 143 -6.03 -6.01 57.41
N THR A 144 -4.90 -5.40 57.08
CA THR A 144 -4.59 -4.00 57.41
C THR A 144 -5.80 -3.09 57.26
N GLY A 145 -6.13 -2.36 58.32
CA GLY A 145 -7.34 -1.56 58.33
C GLY A 145 -7.22 -0.20 58.99
N PHE A 146 -8.28 0.59 58.84
CA PHE A 146 -8.41 1.91 59.43
C PHE A 146 -9.83 2.08 59.95
N ARG A 147 -9.97 2.16 61.27
CA ARG A 147 -11.26 2.32 61.92
C ARG A 147 -11.39 3.71 62.51
N PHE A 148 -12.53 4.36 62.28
CA PHE A 148 -12.68 5.77 62.67
C PHE A 148 -13.74 6.00 63.75
N PRO A 149 -13.61 7.09 64.51
CA PRO A 149 -14.67 7.44 65.46
C PRO A 149 -16.00 7.63 64.75
N GLU A 150 -17.06 7.26 65.46
CA GLU A 150 -18.44 7.27 64.97
C GLU A 150 -18.84 8.52 64.18
N GLN A 151 -18.43 9.69 64.65
CA GLN A 151 -18.90 10.94 64.06
C GLN A 151 -18.12 11.34 62.82
N THR A 152 -17.25 10.44 62.34
CA THR A 152 -16.35 10.77 61.24
C THR A 152 -17.06 10.90 59.91
N THR A 153 -16.79 11.98 59.17
CA THR A 153 -17.28 12.07 57.79
C THR A 153 -16.14 11.92 56.77
N THR A 154 -16.50 11.74 55.50
CA THR A 154 -15.51 11.33 54.50
C THR A 154 -15.51 12.19 53.23
N PHE A 155 -14.34 12.27 52.60
CA PHE A 155 -14.16 12.96 51.32
C PHE A 155 -13.46 11.97 50.38
N LEU A 156 -14.27 11.13 49.73
CA LEU A 156 -13.75 10.01 48.95
C LEU A 156 -14.22 9.99 47.50
N CYS A 157 -13.38 9.45 46.63
CA CYS A 157 -13.81 9.11 45.27
C CYS A 157 -13.69 7.60 45.08
N PRO A 158 -14.70 7.00 44.45
CA PRO A 158 -14.79 5.54 44.39
C PRO A 158 -13.85 4.93 43.36
N GLN A 159 -13.50 3.67 43.57
CA GLN A 159 -12.86 2.88 42.54
C GLN A 159 -13.93 2.36 41.58
N SER A 160 -13.68 2.45 40.28
CA SER A 160 -14.70 2.07 39.30
C SER A 160 -14.74 0.55 39.08
N ASP A 161 -15.71 0.10 38.29
CA ASP A 161 -15.68 -1.25 37.75
C ASP A 161 -14.46 -1.37 36.86
N ALA A 162 -14.06 -2.60 36.56
CA ALA A 162 -12.97 -2.83 35.64
C ALA A 162 -13.50 -2.91 34.21
N MET A 163 -12.71 -2.41 33.26
CA MET A 163 -12.99 -2.54 31.83
C MET A 163 -14.26 -1.79 31.36
N ILE A 164 -14.59 -0.69 32.03
CA ILE A 164 -15.64 0.20 31.52
C ILE A 164 -14.99 1.49 31.04
N GLY A 165 -15.82 2.48 30.69
CA GLY A 165 -15.30 3.75 30.21
C GLY A 165 -14.74 3.66 28.79
N TRP A 166 -14.02 4.70 28.39
CA TRP A 166 -13.50 4.82 27.03
C TRP A 166 -12.58 3.66 26.64
N LYS A 167 -13.02 2.90 25.64
CA LYS A 167 -12.28 1.75 25.12
C LYS A 167 -11.86 0.75 26.21
N ARG A 168 -12.73 0.56 27.21
CA ARG A 168 -12.49 -0.40 28.29
C ARG A 168 -11.19 -0.10 29.06
N THR A 169 -10.85 1.19 29.18
CA THR A 169 -9.60 1.59 29.83
C THR A 169 -9.66 1.82 31.34
N LYS A 170 -10.85 1.72 31.95
CA LYS A 170 -10.96 1.86 33.40
C LYS A 170 -10.55 0.57 34.11
N PRO A 171 -10.07 0.68 35.36
CA PRO A 171 -9.92 1.89 36.19
C PRO A 171 -8.82 2.84 35.73
N SER A 172 -9.01 4.14 35.96
CA SER A 172 -8.04 5.14 35.56
C SER A 172 -7.97 6.29 36.56
N TYR A 173 -8.48 6.05 37.77
CA TYR A 173 -8.44 7.03 38.86
C TYR A 173 -9.07 8.34 38.41
N GLU A 174 -10.21 8.23 37.75
CA GLU A 174 -10.90 9.40 37.23
C GLU A 174 -12.35 9.44 37.70
N GLU A 175 -12.54 9.55 39.02
CA GLU A 175 -13.89 9.54 39.58
C GLU A 175 -14.14 10.77 40.45
N GLU A 176 -15.41 10.96 40.80
CA GLU A 176 -15.82 12.18 41.50
C GLU A 176 -15.89 11.96 42.99
N TYR A 177 -15.78 13.07 43.74
CA TYR A 177 -15.82 13.06 45.20
C TYR A 177 -17.20 13.41 45.77
N LYS A 178 -17.42 13.01 47.01
CA LYS A 178 -18.51 13.52 47.84
C LYS A 178 -17.93 14.15 49.11
N ALA A 179 -18.31 15.39 49.39
CA ALA A 179 -17.75 16.09 50.53
C ALA A 179 -18.57 15.84 51.79
N ASP A 180 -17.88 15.58 52.89
CA ASP A 180 -18.53 15.34 54.18
C ASP A 180 -19.65 14.31 54.09
N ALA A 181 -19.39 13.23 53.36
CA ALA A 181 -20.32 12.13 53.26
C ALA A 181 -20.36 11.31 54.55
N PRO A 182 -21.51 10.75 54.89
CA PRO A 182 -21.56 9.81 56.02
C PRO A 182 -20.69 8.59 55.72
N MET A 183 -20.10 8.00 56.77
CA MET A 183 -19.29 6.80 56.61
C MET A 183 -20.13 5.64 56.09
N SER A 184 -21.39 5.62 56.49
CA SER A 184 -22.31 4.53 56.11
C SER A 184 -22.63 4.52 54.62
N ASP A 185 -22.29 5.58 53.91
CA ASP A 185 -22.54 5.62 52.47
C ASP A 185 -21.84 4.47 51.75
N ARG A 186 -22.50 3.97 50.72
CA ARG A 186 -21.95 2.89 49.90
C ARG A 186 -21.24 3.49 48.68
N SER A 187 -20.12 2.89 48.28
CA SER A 187 -19.37 3.39 47.13
C SER A 187 -20.19 3.22 45.85
N GLN A 188 -19.94 4.12 44.89
CA GLN A 188 -20.71 4.19 43.65
C GLN A 188 -20.71 2.87 42.88
N TYR A 189 -19.58 2.17 42.86
CA TYR A 189 -19.50 0.92 42.09
C TYR A 189 -19.41 -0.35 42.95
N GLY A 190 -19.34 -0.19 44.26
CA GLY A 190 -19.17 -1.33 45.14
C GLY A 190 -17.74 -1.88 45.16
N HIS A 191 -16.76 -1.03 44.89
CA HIS A 191 -15.37 -1.48 44.94
C HIS A 191 -14.51 -0.61 45.85
N GLY A 192 -15.13 0.03 46.82
CA GLY A 192 -14.43 0.92 47.73
C GLY A 192 -13.85 2.16 47.07
N TYR A 193 -12.74 2.66 47.58
CA TYR A 193 -12.24 3.98 47.21
C TYR A 193 -10.74 3.97 46.92
N THR A 194 -10.30 4.80 45.98
CA THR A 194 -8.87 4.87 45.70
C THR A 194 -8.18 5.93 46.54
N PHE A 195 -6.92 5.70 46.85
CA PHE A 195 -6.09 6.62 47.64
C PHE A 195 -5.86 7.92 46.88
N PRO A 196 -5.60 9.02 47.62
CA PRO A 196 -5.67 9.08 49.09
C PRO A 196 -7.09 9.35 49.56
N CYS A 197 -7.33 9.17 50.85
CA CYS A 197 -8.67 9.24 51.40
C CYS A 197 -8.73 10.17 52.61
N LEU A 198 -9.58 11.20 52.53
CA LEU A 198 -9.64 12.22 53.57
C LEU A 198 -10.83 12.00 54.51
N PHE A 199 -10.57 12.11 55.80
CA PHE A 199 -11.59 11.92 56.82
C PHE A 199 -11.59 13.10 57.78
N ARG A 200 -12.78 13.60 58.08
CA ARG A 200 -12.94 14.61 59.10
C ARG A 200 -13.45 13.96 60.39
N ILE A 201 -12.65 14.10 61.45
CA ILE A 201 -12.94 13.46 62.72
C ILE A 201 -13.81 14.37 63.61
N GLY A 202 -15.01 14.66 63.15
CA GLY A 202 -15.91 15.55 63.85
C GLY A 202 -15.28 16.92 64.00
N ASN A 203 -15.03 17.31 65.25
CA ASN A 203 -14.37 18.58 65.53
C ASN A 203 -12.92 18.38 65.99
N ASP A 204 -12.47 17.13 66.03
CA ASP A 204 -11.13 16.82 66.52
C ASP A 204 -10.07 16.75 65.42
N GLY A 205 -10.34 17.34 64.26
CA GLY A 205 -9.35 17.41 63.20
C GLY A 205 -9.50 16.51 61.99
N TRP A 206 -8.38 16.10 61.41
CA TRP A 206 -8.37 15.45 60.11
C TRP A 206 -7.40 14.27 59.99
N VAL A 207 -7.78 13.30 59.17
CA VAL A 207 -6.95 12.15 58.86
C VAL A 207 -6.91 11.87 57.34
N LEU A 208 -5.71 11.74 56.77
CA LEU A 208 -5.56 11.34 55.37
C LEU A 208 -4.86 9.97 55.27
N VAL A 209 -5.56 9.00 54.70
CA VAL A 209 -5.03 7.64 54.53
C VAL A 209 -4.49 7.44 53.12
N SER A 210 -3.25 6.97 53.00
CA SER A 210 -2.71 6.67 51.68
C SER A 210 -1.67 5.56 51.74
N GLU A 211 -0.89 5.41 50.69
CA GLU A 211 0.22 4.47 50.70
C GLU A 211 1.34 4.98 49.80
N THR A 212 2.57 4.61 50.14
CA THR A 212 3.71 5.01 49.32
C THR A 212 4.77 3.92 49.22
N GLY A 213 5.68 4.08 48.27
CA GLY A 213 6.74 3.12 48.06
C GLY A 213 6.24 1.87 47.35
N VAL A 214 5.22 2.04 46.53
CA VAL A 214 4.78 0.95 45.67
C VAL A 214 5.58 0.93 44.36
N ASP A 215 6.27 -0.18 44.12
CA ASP A 215 7.00 -0.37 42.88
C ASP A 215 6.71 -1.75 42.35
N SER A 216 7.65 -2.29 41.58
CA SER A 216 7.45 -3.57 40.92
C SER A 216 7.25 -4.73 41.90
N ARG A 217 7.61 -4.53 43.16
CA ARG A 217 7.59 -5.60 44.15
C ARG A 217 6.22 -5.79 44.83
N TYR A 218 5.21 -5.04 44.41
CA TYR A 218 3.89 -5.18 45.01
C TYR A 218 2.82 -4.72 44.05
N CYS A 219 1.57 -4.77 44.51
CA CYS A 219 0.45 -4.23 43.76
C CYS A 219 0.09 -2.87 44.35
N GLY A 220 -0.64 -2.06 43.59
CA GLY A 220 -1.23 -0.85 44.14
C GLY A 220 -2.45 -1.25 44.95
N SER A 221 -2.68 -0.58 46.07
CA SER A 221 -3.83 -0.94 46.90
C SER A 221 -4.83 0.22 46.99
N ARG A 222 -5.97 -0.05 47.60
CA ARG A 222 -7.03 0.93 47.75
C ARG A 222 -7.82 0.64 49.03
N LEU A 223 -8.84 1.44 49.32
CA LEU A 223 -9.69 1.14 50.47
C LEU A 223 -10.96 0.41 50.04
N SER A 224 -11.37 -0.57 50.84
CA SER A 224 -12.62 -1.29 50.61
C SER A 224 -13.82 -0.41 50.94
N ASP A 225 -15.02 -0.93 50.71
CA ASP A 225 -16.21 -0.32 51.27
C ASP A 225 -16.13 -0.45 52.80
N VAL A 226 -16.90 0.37 53.50
CA VAL A 226 -16.96 0.29 54.95
C VAL A 226 -17.55 -1.04 55.35
N SER A 227 -17.11 -1.53 56.50
CA SER A 227 -17.72 -2.68 57.14
C SER A 227 -17.80 -2.35 58.62
N GLU A 228 -18.69 -3.02 59.34
CA GLU A 228 -18.83 -2.81 60.78
C GLU A 228 -19.12 -1.36 61.14
N GLY A 229 -19.65 -0.59 60.18
CA GLY A 229 -20.04 0.78 60.43
C GLY A 229 -18.94 1.82 60.35
N ASN A 230 -17.69 1.41 60.48
CA ASN A 230 -16.59 2.37 60.57
C ASN A 230 -15.21 1.88 60.12
N LEU A 231 -15.14 0.72 59.49
CA LEU A 231 -13.84 0.12 59.18
C LEU A 231 -13.57 0.06 57.68
N TYR A 232 -12.41 0.58 57.28
CA TYR A 232 -11.96 0.48 55.90
C TYR A 232 -10.75 -0.43 55.85
N THR A 233 -10.79 -1.43 54.97
CA THR A 233 -9.72 -2.40 54.86
C THR A 233 -8.91 -2.21 53.58
N VAL A 234 -7.60 -2.40 53.68
CA VAL A 234 -6.74 -2.37 52.51
C VAL A 234 -7.14 -3.49 51.56
N ALA A 235 -7.53 -3.12 50.34
CA ALA A 235 -7.94 -4.09 49.35
C ALA A 235 -6.96 -4.15 48.19
N PHE A 236 -6.74 -5.35 47.66
CA PHE A 236 -5.86 -5.56 46.51
C PHE A 236 -6.66 -5.34 45.23
N PRO A 237 -5.98 -5.20 44.07
CA PRO A 237 -6.72 -4.95 42.82
C PRO A 237 -7.73 -6.03 42.47
N MET A 238 -8.73 -5.66 41.67
CA MET A 238 -9.75 -6.60 41.22
C MET A 238 -9.20 -7.50 40.11
N ALA A 239 -9.66 -8.75 40.10
CA ALA A 239 -9.21 -9.74 39.13
C ALA A 239 -9.52 -9.32 37.69
N GLU A 240 -10.61 -8.58 37.51
CA GLU A 240 -11.03 -8.18 36.18
C GLU A 240 -10.16 -7.08 35.58
N GLU A 241 -9.27 -6.49 36.37
CA GLU A 241 -8.40 -5.44 35.87
C GLU A 241 -7.39 -6.01 34.85
N ASN A 242 -6.78 -5.12 34.06
CA ASN A 242 -5.82 -5.55 33.03
C ASN A 242 -6.46 -6.54 32.06
N ASN A 243 -7.78 -6.38 31.86
CA ASN A 243 -8.59 -7.30 31.05
C ASN A 243 -8.53 -8.75 31.54
N GLY A 244 -8.23 -8.95 32.83
CA GLY A 244 -8.15 -10.29 33.39
C GLY A 244 -6.79 -10.93 33.27
N ASN A 245 -5.79 -10.17 32.80
CA ASN A 245 -4.42 -10.68 32.70
C ASN A 245 -3.62 -10.41 33.97
N GLY A 246 -2.85 -11.39 34.42
CA GLY A 246 -2.05 -11.24 35.62
C GLY A 246 -2.85 -11.54 36.87
N THR A 247 -2.20 -12.07 37.89
CA THR A 247 -2.88 -12.43 39.13
C THR A 247 -2.99 -11.23 40.08
N VAL A 248 -3.92 -11.32 41.03
CA VAL A 248 -4.17 -10.25 42.00
C VAL A 248 -3.15 -10.19 43.14
N ALA A 249 -2.84 -11.34 43.73
CA ALA A 249 -1.98 -11.36 44.92
C ALA A 249 -0.52 -11.06 44.57
N PRO A 250 0.08 -10.09 45.27
CA PRO A 250 1.48 -9.67 45.07
C PRO A 250 2.47 -10.71 45.59
N ALA A 251 3.59 -10.83 44.91
CA ALA A 251 4.60 -11.82 45.23
C ALA A 251 5.96 -11.16 45.25
N PHE A 252 6.80 -11.57 46.20
CA PHE A 252 8.17 -11.02 46.24
C PHE A 252 9.16 -11.93 46.94
N ALA A 253 10.44 -11.55 46.87
CA ALA A 253 11.51 -12.33 47.46
C ALA A 253 11.59 -12.16 48.98
N LEU A 254 12.04 -13.22 49.66
CA LEU A 254 12.32 -13.13 51.10
C LEU A 254 13.82 -13.04 51.32
N PRO A 255 14.27 -12.17 52.24
CA PRO A 255 13.43 -11.27 53.05
C PRO A 255 12.87 -10.10 52.25
N GLY A 256 11.63 -9.72 52.54
CA GLY A 256 10.96 -8.64 51.83
C GLY A 256 10.03 -7.81 52.70
N ALA A 257 9.25 -6.92 52.08
CA ALA A 257 8.36 -6.03 52.81
C ALA A 257 7.15 -5.59 51.98
N THR A 258 6.13 -5.09 52.68
CA THR A 258 4.99 -4.44 52.03
C THR A 258 5.35 -2.97 51.83
N PRO A 259 4.60 -2.28 50.97
CA PRO A 259 4.73 -0.81 50.91
C PRO A 259 4.32 -0.13 52.21
N TRP A 260 4.51 1.17 52.30
CA TRP A 260 4.16 1.91 53.49
C TRP A 260 2.68 2.33 53.46
N ARG A 261 1.97 2.04 54.54
CA ARG A 261 0.62 2.58 54.76
C ARG A 261 0.79 3.91 55.49
N THR A 262 0.12 4.96 55.03
CA THR A 262 0.37 6.28 55.61
C THR A 262 -0.88 6.94 56.20
N ILE A 263 -0.68 7.53 57.37
CA ILE A 263 -1.74 8.24 58.08
C ILE A 263 -1.29 9.65 58.44
N THR A 264 -1.82 10.65 57.76
CA THR A 264 -1.50 12.04 58.07
C THR A 264 -2.60 12.59 58.97
N VAL A 265 -2.25 12.94 60.20
CA VAL A 265 -3.29 13.28 61.18
C VAL A 265 -2.99 14.62 61.83
N GLY A 266 -4.02 15.41 62.09
CA GLY A 266 -3.82 16.66 62.81
C GLY A 266 -5.11 17.22 63.39
N ASP A 267 -5.02 18.28 64.17
CA ASP A 267 -6.21 18.95 64.64
C ASP A 267 -6.61 20.03 63.65
N HIS A 268 -5.76 20.26 62.66
CA HIS A 268 -6.02 21.25 61.61
C HIS A 268 -5.69 20.70 60.21
N LEU A 269 -6.06 21.45 59.19
CA LEU A 269 -5.83 21.06 57.81
C LEU A 269 -4.39 21.23 57.38
N LYS A 270 -3.62 22.02 58.14
CA LYS A 270 -2.24 22.35 57.79
C LYS A 270 -1.30 21.15 57.58
N PRO A 271 -1.29 20.18 58.51
CA PRO A 271 -0.42 19.03 58.27
C PRO A 271 -0.87 18.17 57.08
N ILE A 272 -2.16 18.17 56.80
CA ILE A 272 -2.72 17.50 55.63
C ILE A 272 -2.15 18.06 54.34
N VAL A 273 -2.15 19.38 54.23
CA VAL A 273 -1.68 20.05 53.03
C VAL A 273 -0.17 20.02 52.91
N GLU A 274 0.52 20.09 54.05
CA GLU A 274 1.98 20.24 54.04
C GLU A 274 2.75 18.93 54.24
N THR A 275 2.05 17.80 54.31
CA THR A 275 2.69 16.52 54.57
C THR A 275 3.70 16.12 53.49
N THR A 276 4.79 15.48 53.93
CA THR A 276 5.79 14.95 53.01
C THR A 276 5.97 13.44 53.18
N VAL A 277 5.05 12.80 53.91
CA VAL A 277 5.21 11.38 54.17
C VAL A 277 5.28 10.47 52.92
N PRO A 278 4.69 10.87 51.77
CA PRO A 278 4.96 9.97 50.63
C PRO A 278 6.45 9.86 50.27
N TRP A 279 7.22 10.88 50.62
CA TRP A 279 8.64 10.93 50.29
C TRP A 279 9.55 10.69 51.52
N ASP A 280 8.99 10.79 52.73
CA ASP A 280 9.78 10.61 53.95
C ASP A 280 10.39 9.21 54.09
N VAL A 281 9.68 8.20 53.62
CA VAL A 281 10.06 6.82 53.89
C VAL A 281 10.48 6.03 52.66
N VAL A 282 10.73 6.71 51.54
CA VAL A 282 11.24 6.05 50.33
C VAL A 282 12.56 6.67 49.84
N SER A 283 13.28 5.91 49.02
CA SER A 283 14.55 6.38 48.47
C SER A 283 14.60 6.14 46.95
N PRO A 284 15.44 6.91 46.22
CA PRO A 284 15.63 6.69 44.79
C PRO A 284 16.06 5.27 44.47
N LEU A 285 15.49 4.70 43.42
CA LEU A 285 15.80 3.32 43.01
C LEU A 285 16.90 3.28 41.95
N TYR A 286 17.24 4.45 41.41
CA TYR A 286 18.42 4.58 40.56
C TYR A 286 18.92 6.02 40.55
N GLU A 287 20.16 6.17 40.10
CA GLU A 287 20.80 7.46 39.98
C GLU A 287 20.70 7.86 38.50
N THR A 288 20.53 9.15 38.23
CA THR A 288 20.49 9.57 36.84
C THR A 288 21.73 10.39 36.44
N LYS A 289 22.13 10.26 35.19
CA LYS A 289 23.23 11.04 34.63
C LYS A 289 22.70 12.32 33.98
N HIS A 290 21.38 12.43 33.90
CA HIS A 290 20.77 13.56 33.19
C HIS A 290 20.27 14.66 34.12
N ASP A 291 20.41 15.89 33.64
CA ASP A 291 19.94 17.07 34.35
C ASP A 291 18.60 17.48 33.73
N TYR A 292 17.51 16.92 34.25
CA TYR A 292 16.21 17.08 33.62
C TYR A 292 15.66 18.47 33.87
N ARG A 293 15.25 19.12 32.79
CA ARG A 293 14.78 20.50 32.84
C ARG A 293 13.25 20.56 32.88
N PHE A 294 12.71 21.17 33.91
CA PHE A 294 11.26 21.25 34.04
C PHE A 294 10.75 22.58 33.52
N GLY A 295 9.43 22.72 33.44
CA GLY A 295 8.84 23.97 32.99
C GLY A 295 7.44 23.89 32.42
N ARG A 296 7.24 24.59 31.31
CA ARG A 296 5.91 24.88 30.79
C ARG A 296 5.79 24.38 29.37
N GLY A 297 4.60 23.86 29.03
CA GLY A 297 4.35 23.39 27.70
C GLY A 297 3.09 23.97 27.09
N THR A 298 3.06 24.06 25.77
CA THR A 298 1.82 24.34 25.06
C THR A 298 1.25 23.00 24.57
N TRP A 299 -0.05 22.97 24.38
CA TRP A 299 -0.75 21.70 24.25
C TRP A 299 -1.99 21.90 23.39
N SER A 300 -1.89 21.53 22.12
CA SER A 300 -2.96 21.79 21.15
C SER A 300 -4.22 20.96 21.40
N TRP A 301 -4.04 19.69 21.78
CA TRP A 301 -5.18 18.79 21.85
C TRP A 301 -6.24 19.16 22.89
N ILE A 302 -5.87 19.78 24.00
CA ILE A 302 -6.87 20.04 25.04
C ILE A 302 -8.04 20.90 24.50
N LEU A 303 -7.73 21.98 23.79
CA LEU A 303 -8.78 22.87 23.28
C LEU A 303 -9.10 22.67 21.80
N TRP A 304 -8.14 22.19 21.02
CA TRP A 304 -8.33 22.03 19.58
C TRP A 304 -8.55 20.56 19.20
N GLN A 305 -8.33 19.67 20.15
CA GLN A 305 -8.64 18.23 20.04
C GLN A 305 -7.97 17.54 18.85
N ASP A 306 -8.55 16.42 18.42
CA ASP A 306 -7.93 15.53 17.44
C ASP A 306 -7.65 16.23 16.09
N GLY A 307 -8.46 17.23 15.78
CA GLY A 307 -8.28 18.00 14.55
C GLY A 307 -6.99 18.79 14.52
N SER A 308 -6.36 18.94 15.68
CA SER A 308 -5.11 19.70 15.78
C SER A 308 -3.86 18.85 15.55
N ILE A 309 -4.04 17.54 15.48
CA ILE A 309 -2.91 16.64 15.33
C ILE A 309 -2.49 16.55 13.86
N ASN A 310 -1.80 17.60 13.42
CA ASN A 310 -1.24 17.69 12.08
C ASN A 310 -0.05 18.63 12.12
N TYR A 311 0.77 18.59 11.07
CA TYR A 311 2.02 19.34 11.03
C TYR A 311 1.85 20.85 11.30
N ASP A 312 0.92 21.48 10.60
CA ASP A 312 0.81 22.94 10.62
C ASP A 312 0.29 23.49 11.95
N ASP A 313 -0.67 22.80 12.56
CA ASP A 313 -1.18 23.21 13.86
C ASP A 313 -0.11 23.03 14.94
N GLN A 314 0.69 21.99 14.79
CA GLN A 314 1.79 21.77 15.73
C GLN A 314 2.84 22.85 15.55
N VAL A 315 3.03 23.31 14.31
CA VAL A 315 3.90 24.45 14.05
C VAL A 315 3.35 25.66 14.78
N ARG A 316 2.04 25.85 14.70
CA ARG A 316 1.36 26.93 15.39
C ARG A 316 1.62 26.91 16.89
N TYR A 317 1.48 25.74 17.51
CA TYR A 317 1.66 25.64 18.96
C TYR A 317 3.12 25.71 19.40
N ILE A 318 4.02 25.27 18.52
CA ILE A 318 5.45 25.43 18.73
C ILE A 318 5.80 26.92 18.73
N ASP A 319 5.25 27.65 17.75
CA ASP A 319 5.40 29.09 17.66
C ASP A 319 4.85 29.79 18.90
N PHE A 320 3.69 29.31 19.35
CA PHE A 320 3.03 29.87 20.53
C PHE A 320 3.89 29.64 21.77
N ALA A 321 4.47 28.45 21.88
CA ALA A 321 5.41 28.16 22.98
C ALA A 321 6.57 29.13 22.93
N SER A 322 7.12 29.34 21.73
CA SER A 322 8.24 30.27 21.56
C SER A 322 7.86 31.68 22.00
N ALA A 323 6.67 32.13 21.60
CA ALA A 323 6.18 33.45 21.96
C ALA A 323 5.93 33.59 23.46
N MET A 324 5.50 32.49 24.08
CA MET A 324 5.27 32.46 25.50
C MET A 324 6.58 32.27 26.28
N GLY A 325 7.63 31.89 25.57
CA GLY A 325 8.91 31.61 26.22
C GLY A 325 8.82 30.28 26.94
N TYR A 326 7.89 29.44 26.51
CA TYR A 326 7.70 28.14 27.14
C TYR A 326 8.74 27.14 26.66
N GLU A 327 9.14 26.25 27.56
CA GLU A 327 10.19 25.27 27.29
C GLU A 327 9.74 24.13 26.38
N TYR A 328 8.47 23.76 26.47
CA TYR A 328 8.01 22.55 25.79
C TYR A 328 6.75 22.73 24.95
N ALA A 329 6.57 21.80 24.03
CA ALA A 329 5.30 21.62 23.35
C ALA A 329 4.94 20.13 23.37
N LEU A 330 3.73 19.83 23.83
CA LEU A 330 3.24 18.46 23.88
C LEU A 330 2.42 18.12 22.64
N ILE A 331 2.88 17.09 21.90
CA ILE A 331 2.12 16.61 20.75
C ILE A 331 1.37 15.35 21.17
N ASP A 332 0.04 15.36 21.03
CA ASP A 332 -0.81 14.35 21.68
C ASP A 332 -1.10 13.18 20.74
N ASN A 333 -2.13 12.39 21.07
CA ASN A 333 -2.45 11.16 20.34
C ASN A 333 -2.67 11.35 18.82
N TRP A 334 -2.52 10.24 18.08
CA TRP A 334 -2.63 10.12 16.62
C TRP A 334 -1.44 10.62 15.81
N TRP A 335 -0.41 11.17 16.45
CA TRP A 335 0.66 11.82 15.69
C TRP A 335 1.46 10.86 14.79
N ASP A 336 1.58 9.60 15.21
CA ASP A 336 2.39 8.66 14.44
C ASP A 336 1.74 8.31 13.12
N THR A 337 0.43 8.46 13.07
CA THR A 337 -0.34 8.07 11.90
C THR A 337 -0.78 9.27 11.04
N ARG A 338 -0.90 10.44 11.65
CA ARG A 338 -1.39 11.64 10.95
C ARG A 338 -0.28 12.64 10.65
N ILE A 339 0.89 12.44 11.26
CA ILE A 339 2.08 13.25 10.96
C ILE A 339 3.26 12.35 10.57
N GLY A 340 3.49 11.31 11.36
CA GLY A 340 4.51 10.32 11.04
C GLY A 340 5.84 10.57 11.72
N HIS A 341 6.60 9.48 11.89
CA HIS A 341 7.90 9.53 12.54
C HIS A 341 8.88 10.37 11.74
N GLN A 342 8.74 10.32 10.41
CA GLN A 342 9.70 10.98 9.52
C GLN A 342 9.64 12.49 9.58
N ARG A 343 8.43 13.05 9.53
CA ARG A 343 8.27 14.50 9.57
C ARG A 343 8.43 15.04 10.99
N MET A 344 8.29 14.14 11.96
CA MET A 344 8.52 14.50 13.35
C MET A 344 9.91 15.09 13.56
N LYS A 345 10.88 14.61 12.80
CA LYS A 345 12.25 15.10 12.89
C LYS A 345 12.38 16.56 12.47
N SER A 346 11.66 16.92 11.41
CA SER A 346 11.69 18.30 10.93
C SER A 346 10.90 19.18 11.87
N LEU A 347 9.86 18.62 12.49
CA LEU A 347 9.10 19.34 13.50
C LEU A 347 9.97 19.63 14.72
N VAL A 348 10.75 18.63 15.13
CA VAL A 348 11.68 18.77 16.25
C VAL A 348 12.75 19.82 15.94
N GLU A 349 13.30 19.76 14.74
CA GLU A 349 14.29 20.73 14.29
C GLU A 349 13.72 22.15 14.33
N TYR A 350 12.51 22.29 13.81
CA TYR A 350 11.82 23.58 13.78
C TYR A 350 11.62 24.11 15.20
N ALA A 351 11.15 23.24 16.10
CA ALA A 351 10.98 23.61 17.50
C ALA A 351 12.29 24.04 18.16
N ARG A 352 13.36 23.30 17.87
CA ARG A 352 14.66 23.62 18.45
C ARG A 352 15.17 24.98 17.98
N ASP A 353 14.93 25.31 16.71
CA ASP A 353 15.34 26.60 16.19
C ASP A 353 14.56 27.75 16.87
N LYS A 354 13.40 27.42 17.43
CA LYS A 354 12.58 28.40 18.13
C LYS A 354 12.80 28.35 19.65
N GLY A 355 13.76 27.53 20.09
CA GLY A 355 14.04 27.39 21.51
C GLY A 355 12.97 26.58 22.23
N VAL A 356 12.43 25.58 21.54
CA VAL A 356 11.34 24.76 22.04
C VAL A 356 11.70 23.28 21.88
N GLU A 357 11.38 22.47 22.88
CA GLU A 357 11.57 21.03 22.79
C GLU A 357 10.25 20.30 22.94
N LEU A 358 10.20 19.02 22.56
CA LEU A 358 8.92 18.32 22.49
C LEU A 358 8.73 17.19 23.50
N PHE A 359 7.46 17.01 23.88
CA PHE A 359 7.01 15.80 24.54
C PHE A 359 6.12 15.07 23.55
N LEU A 360 6.28 13.76 23.44
CA LEU A 360 5.43 12.98 22.55
C LEU A 360 4.54 12.00 23.31
N TRP A 361 3.29 11.90 22.84
CA TRP A 361 2.27 10.99 23.39
C TRP A 361 2.46 9.56 22.92
N TYR A 362 2.41 8.63 23.87
CA TYR A 362 2.38 7.20 23.56
C TYR A 362 1.28 6.51 24.35
N SER A 363 0.69 5.46 23.78
CA SER A 363 -0.13 4.57 24.60
C SER A 363 0.77 3.54 25.22
N SER A 364 0.56 3.27 26.51
CA SER A 364 1.24 2.16 27.16
C SER A 364 0.70 0.86 26.59
N SER A 365 -0.49 0.97 26.01
CA SER A 365 -1.32 -0.19 25.71
C SER A 365 -0.84 -1.02 24.55
N GLY A 366 -0.71 -2.31 24.85
CA GLY A 366 -0.53 -3.35 23.86
C GLY A 366 -1.68 -4.33 23.91
N TYR A 367 -1.92 -4.96 25.06
CA TYR A 367 -2.78 -6.15 25.05
C TYR A 367 -3.96 -6.21 26.03
N TRP A 368 -4.37 -5.11 26.64
CA TRP A 368 -5.41 -5.23 27.66
C TRP A 368 -6.67 -4.39 27.42
N ASN A 369 -6.66 -3.56 26.38
CA ASN A 369 -7.82 -2.72 26.07
C ASN A 369 -8.09 -2.56 24.58
N ASP A 370 -8.98 -1.65 24.23
CA ASP A 370 -9.39 -1.43 22.84
C ASP A 370 -8.94 -0.08 22.29
N ILE A 371 -7.85 0.46 22.82
CA ILE A 371 -7.32 1.73 22.33
C ILE A 371 -6.75 1.62 20.92
N GLU A 372 -7.16 2.53 20.03
CA GLU A 372 -6.60 2.60 18.68
C GLU A 372 -5.67 3.78 18.51
N GLN A 373 -5.98 4.86 19.22
CA GLN A 373 -5.12 6.05 19.17
C GLN A 373 -3.61 5.79 19.42
N GLY A 374 -2.80 6.26 18.46
CA GLY A 374 -1.42 5.83 18.41
C GLY A 374 -0.44 6.93 18.78
N PRO A 375 0.84 6.58 18.85
CA PRO A 375 1.28 5.21 18.55
C PRO A 375 0.98 4.20 19.67
N VAL A 376 0.48 3.02 19.28
CA VAL A 376 0.24 1.91 20.19
C VAL A 376 1.35 0.87 20.01
N ASN A 377 1.56 0.04 21.03
CA ASN A 377 2.50 -1.09 20.96
C ASN A 377 3.96 -0.67 20.84
N ARG A 378 4.27 0.53 21.31
CA ARG A 378 5.66 0.97 21.33
C ARG A 378 6.24 1.03 22.75
N MET A 379 5.48 0.69 23.78
CA MET A 379 5.95 0.88 25.17
C MET A 379 5.80 -0.37 26.05
N ASP A 380 5.08 -1.38 25.57
CA ASP A 380 4.82 -2.56 26.42
C ASP A 380 5.87 -3.65 26.24
N ASN A 381 6.54 -3.64 25.08
CA ASN A 381 7.57 -4.62 24.77
C ASN A 381 8.93 -3.96 24.87
N ALA A 382 9.77 -4.46 25.77
CA ALA A 382 11.05 -3.85 26.09
C ALA A 382 11.92 -3.62 24.86
N ILE A 383 12.00 -4.62 23.98
CA ILE A 383 12.78 -4.49 22.76
C ILE A 383 12.32 -3.32 21.91
N ILE A 384 11.02 -3.32 21.60
CA ILE A 384 10.42 -2.27 20.78
C ILE A 384 10.49 -0.92 21.47
N ARG A 385 10.32 -0.93 22.79
CA ARG A 385 10.35 0.30 23.58
C ARG A 385 11.72 0.94 23.55
N LYS A 386 12.76 0.15 23.75
CA LYS A 386 14.11 0.68 23.71
C LYS A 386 14.48 1.14 22.29
N ARG A 387 14.03 0.41 21.28
CA ARG A 387 14.21 0.87 19.89
C ARG A 387 13.60 2.27 19.69
N GLU A 388 12.36 2.41 20.16
CA GLU A 388 11.63 3.66 20.09
C GLU A 388 12.39 4.78 20.79
N MET A 389 12.85 4.51 22.01
CA MET A 389 13.49 5.51 22.85
C MET A 389 14.87 5.92 22.33
N LYS A 390 15.54 4.98 21.67
CA LYS A 390 16.76 5.29 20.92
C LYS A 390 16.44 6.31 19.83
N TRP A 391 15.37 6.05 19.08
CA TRP A 391 14.94 7.02 18.06
C TRP A 391 14.64 8.39 18.70
N LEU A 392 13.85 8.39 19.77
CA LEU A 392 13.49 9.62 20.47
C LEU A 392 14.72 10.42 20.87
N GLN A 393 15.68 9.72 21.48
CA GLN A 393 16.89 10.37 21.98
C GLN A 393 17.75 10.90 20.84
N SER A 394 17.87 10.12 19.78
CA SER A 394 18.60 10.56 18.60
C SER A 394 17.97 11.83 18.01
N LEU A 395 16.65 11.95 18.11
CA LEU A 395 15.99 13.19 17.68
C LEU A 395 16.16 14.32 18.69
N GLY A 396 16.35 13.98 19.94
CA GLY A 396 16.45 15.01 20.96
C GLY A 396 15.10 15.35 21.60
N VAL A 397 14.13 14.45 21.47
CA VAL A 397 12.86 14.61 22.18
C VAL A 397 13.19 14.50 23.66
N LYS A 398 12.56 15.34 24.48
CA LYS A 398 12.90 15.48 25.88
C LYS A 398 11.92 14.81 26.85
N GLY A 399 10.77 14.39 26.35
CA GLY A 399 9.79 13.78 27.23
C GLY A 399 8.74 12.95 26.53
N ILE A 400 8.11 12.05 27.29
CA ILE A 400 6.99 11.28 26.77
C ILE A 400 5.79 11.30 27.71
N LYS A 401 4.61 11.30 27.10
CA LYS A 401 3.36 11.18 27.83
C LYS A 401 2.73 9.82 27.54
N VAL A 402 2.67 8.96 28.54
CA VAL A 402 2.23 7.57 28.36
C VAL A 402 0.87 7.31 28.99
N ASP A 403 -0.07 6.78 28.20
CA ASP A 403 -1.48 6.77 28.58
C ASP A 403 -2.10 5.37 28.66
N PHE A 404 -3.27 5.29 29.26
CA PHE A 404 -4.16 4.10 29.22
C PHE A 404 -3.57 2.81 29.80
N PHE A 405 -3.11 2.84 31.04
CA PHE A 405 -2.57 1.63 31.67
C PHE A 405 -3.65 0.65 32.11
N GLY A 406 -3.23 -0.55 32.48
CA GLY A 406 -4.13 -1.67 32.76
C GLY A 406 -4.61 -1.91 34.19
N GLY A 407 -4.35 -0.98 35.09
CA GLY A 407 -4.87 -1.11 36.44
C GLY A 407 -3.79 -1.20 37.50
N ASP A 408 -4.10 -1.82 38.63
CA ASP A 408 -3.24 -1.74 39.81
C ASP A 408 -2.45 -3.00 40.06
N LYS A 409 -2.62 -4.00 39.19
CA LYS A 409 -1.91 -5.26 39.38
C LYS A 409 -0.39 -5.08 39.29
N GLN A 410 0.33 -5.95 39.99
CA GLN A 410 1.79 -5.89 40.07
C GLN A 410 2.43 -5.93 38.67
N GLU A 411 1.81 -6.64 37.74
CA GLU A 411 2.20 -6.68 36.32
C GLU A 411 2.26 -5.26 35.70
N THR A 412 1.28 -4.45 36.09
CA THR A 412 1.19 -3.08 35.60
C THR A 412 2.25 -2.23 36.28
N MET A 413 2.46 -2.47 37.58
CA MET A 413 3.55 -1.79 38.31
C MET A 413 4.88 -2.07 37.62
N ARG A 414 5.08 -3.32 37.24
CA ARG A 414 6.26 -3.74 36.51
C ARG A 414 6.40 -2.91 35.26
N LEU A 415 5.28 -2.73 34.55
CA LEU A 415 5.31 -1.94 33.32
C LEU A 415 5.69 -0.46 33.57
N TYR A 416 5.04 0.19 34.55
CA TYR A 416 5.36 1.56 34.93
C TYR A 416 6.85 1.75 35.18
N GLU A 417 7.38 0.88 36.03
CA GLU A 417 8.78 0.99 36.44
C GLU A 417 9.74 0.77 35.28
N ASP A 418 9.55 -0.31 34.52
CA ASP A 418 10.42 -0.59 33.39
C ASP A 418 10.41 0.54 32.34
N ILE A 419 9.23 1.13 32.12
CA ILE A 419 9.13 2.25 31.19
C ILE A 419 9.96 3.41 31.71
N LEU A 420 9.80 3.71 33.00
CA LEU A 420 10.60 4.78 33.62
C LEU A 420 12.11 4.56 33.51
N SER A 421 12.53 3.30 33.69
CA SER A 421 13.94 2.96 33.73
C SER A 421 14.58 3.05 32.32
N ASP A 422 13.92 2.49 31.32
CA ASP A 422 14.40 2.61 29.93
C ASP A 422 14.42 4.09 29.50
N ALA A 423 13.37 4.81 29.91
CA ALA A 423 13.28 6.24 29.64
C ALA A 423 14.50 6.96 30.19
N ASP A 424 14.81 6.73 31.46
CA ASP A 424 15.98 7.38 32.03
C ASP A 424 17.25 6.99 31.29
N ASP A 425 17.34 5.74 30.87
CA ASP A 425 18.50 5.32 30.08
C ASP A 425 18.60 6.13 28.78
N HIS A 426 17.48 6.65 28.29
CA HIS A 426 17.53 7.46 27.07
C HIS A 426 17.24 8.94 27.32
N GLY A 427 17.50 9.40 28.54
CA GLY A 427 17.35 10.80 28.91
C GLY A 427 15.97 11.37 28.72
N LEU A 428 14.95 10.56 28.96
CA LEU A 428 13.57 11.02 28.76
C LEU A 428 12.81 11.20 30.07
N MET A 429 12.14 12.35 30.19
CA MET A 429 11.18 12.53 31.26
C MET A 429 9.89 11.80 30.92
N VAL A 430 9.14 11.42 31.94
CA VAL A 430 7.90 10.67 31.74
C VAL A 430 6.69 11.23 32.49
N ILE A 431 5.63 11.53 31.74
CA ILE A 431 4.32 11.82 32.32
C ILE A 431 3.41 10.61 32.15
N PHE A 432 2.68 10.24 33.19
CA PHE A 432 1.68 9.19 33.05
C PHE A 432 0.26 9.74 32.98
N HIS A 433 -0.55 9.15 32.12
CA HIS A 433 -1.98 9.46 32.04
C HIS A 433 -2.77 8.17 32.00
N GLY A 434 -4.08 8.26 32.27
CA GLY A 434 -4.96 7.10 32.27
C GLY A 434 -4.40 6.08 33.22
N CYS A 435 -4.04 6.55 34.41
CA CYS A 435 -3.08 5.85 35.24
C CYS A 435 -3.47 5.81 36.71
N THR A 436 -2.65 5.13 37.49
CA THR A 436 -2.88 5.03 38.92
C THR A 436 -2.21 6.18 39.65
N LEU A 437 -2.57 6.33 40.93
CA LEU A 437 -1.99 7.34 41.79
C LEU A 437 -0.49 7.12 41.93
N PRO A 438 0.30 8.21 41.88
CA PRO A 438 1.74 8.09 42.13
C PRO A 438 1.99 7.82 43.62
N ARG A 439 2.93 6.94 43.92
CA ARG A 439 3.12 6.56 45.31
C ARG A 439 4.55 6.87 45.76
N GLY A 440 4.86 8.15 45.94
CA GLY A 440 6.20 8.57 46.29
C GLY A 440 7.12 8.51 45.09
N TRP A 441 6.54 8.54 43.89
CA TRP A 441 7.30 8.28 42.67
C TRP A 441 8.34 9.34 42.28
N GLU A 442 8.16 10.59 42.71
CA GLU A 442 9.15 11.64 42.41
C GLU A 442 10.52 11.30 43.01
N ARG A 443 10.51 10.81 44.24
CA ARG A 443 11.75 10.44 44.90
C ARG A 443 12.25 9.10 44.37
N MET A 444 11.34 8.15 44.22
CA MET A 444 11.74 6.83 43.73
C MET A 444 12.34 6.86 42.32
N TYR A 445 11.82 7.73 41.45
CA TYR A 445 12.26 7.81 40.05
C TYR A 445 12.68 9.22 39.60
N PRO A 446 13.99 9.44 39.39
CA PRO A 446 14.58 10.73 39.05
C PRO A 446 13.96 11.41 37.82
N ASN A 447 13.44 10.62 36.88
CA ASN A 447 12.90 11.18 35.63
C ASN A 447 11.37 11.20 35.59
N TYR A 448 10.74 10.88 36.71
CA TYR A 448 9.30 10.97 36.81
C TYR A 448 8.86 12.43 36.92
N VAL A 449 7.98 12.87 36.04
CA VAL A 449 7.55 14.27 36.07
C VAL A 449 6.02 14.47 36.10
N GLY A 450 5.31 13.53 36.72
CA GLY A 450 3.89 13.75 36.99
C GLY A 450 2.94 12.69 36.46
N SER A 451 1.72 12.71 37.00
CA SER A 451 0.69 11.72 36.70
C SER A 451 -0.67 12.39 36.56
N GLU A 452 -1.58 11.73 35.84
CA GLU A 452 -2.94 12.25 35.75
C GLU A 452 -3.68 11.80 37.03
N ALA A 453 -4.23 10.59 37.03
CA ALA A 453 -4.92 10.01 38.18
C ALA A 453 -5.89 10.98 38.82
N VAL A 454 -6.65 11.68 37.99
CA VAL A 454 -7.62 12.67 38.44
C VAL A 454 -8.51 13.02 37.26
N LEU A 455 -9.69 13.56 37.55
CA LEU A 455 -10.53 14.12 36.53
C LEU A 455 -9.89 15.43 36.07
N ALA A 456 -9.13 15.35 34.99
CA ALA A 456 -8.37 16.49 34.50
C ALA A 456 -9.24 17.47 33.72
N SER A 457 -8.62 18.57 33.30
CA SER A 457 -9.30 19.64 32.59
C SER A 457 -9.99 19.19 31.31
N GLU A 458 -9.54 18.07 30.75
CA GLU A 458 -10.15 17.50 29.55
C GLU A 458 -11.66 17.28 29.76
N ASN A 459 -12.03 16.91 30.99
CA ASN A 459 -13.42 16.63 31.28
C ASN A 459 -14.25 17.90 31.17
N MET A 460 -13.67 19.04 31.51
CA MET A 460 -14.36 20.31 31.36
C MET A 460 -14.63 20.58 29.88
N VAL A 461 -13.72 20.14 29.00
CA VAL A 461 -13.96 20.27 27.57
C VAL A 461 -15.08 19.31 27.17
N PHE A 462 -15.10 18.14 27.80
CA PHE A 462 -16.04 17.11 27.39
C PHE A 462 -17.47 17.39 27.86
N ASN A 463 -17.61 17.95 29.05
CA ASN A 463 -18.91 17.98 29.71
C ASN A 463 -19.07 19.22 30.59
N GLN A 464 -20.19 19.92 30.39
CA GLN A 464 -20.53 21.13 31.12
C GLN A 464 -20.58 20.91 32.63
N HIS A 465 -20.95 19.70 33.01
CA HIS A 465 -21.01 19.31 34.42
C HIS A 465 -19.69 19.62 35.11
N PHE A 466 -18.58 19.23 34.49
CA PHE A 466 -17.27 19.40 35.10
C PHE A 466 -16.80 20.86 35.05
N CYS A 467 -17.37 21.66 34.17
CA CYS A 467 -17.20 23.11 34.24
C CYS A 467 -17.91 23.67 35.46
N ASP A 468 -19.11 23.15 35.73
CA ASP A 468 -19.91 23.62 36.85
C ASP A 468 -19.28 23.21 38.18
N GLU A 469 -18.53 22.11 38.15
CA GLU A 469 -17.94 21.54 39.36
C GLU A 469 -16.48 21.93 39.55
N GLU A 470 -15.93 22.70 38.61
CA GLU A 470 -14.51 23.03 38.62
C GLU A 470 -14.00 23.57 39.94
N ALA A 471 -14.69 24.56 40.48
CA ALA A 471 -14.25 25.21 41.71
C ALA A 471 -14.21 24.24 42.88
N PHE A 472 -15.24 23.42 43.00
CA PHE A 472 -15.34 22.39 44.03
C PHE A 472 -14.11 21.45 44.05
N ASN A 473 -13.81 20.87 42.89
CA ASN A 473 -12.68 19.95 42.76
C ASN A 473 -11.33 20.64 42.97
N THR A 474 -11.22 21.87 42.46
CA THR A 474 -10.04 22.70 42.72
C THR A 474 -9.85 22.94 44.22
N CYS A 475 -10.96 23.05 44.95
CA CYS A 475 -10.90 23.23 46.39
C CYS A 475 -10.79 21.90 47.11
N LEU A 476 -10.74 20.82 46.35
CA LEU A 476 -10.43 19.54 46.97
C LEU A 476 -8.96 19.15 46.82
N HIS A 477 -8.40 19.33 45.63
CA HIS A 477 -7.08 18.77 45.28
C HIS A 477 -5.89 19.08 46.21
N PRO A 478 -5.75 20.34 46.68
CA PRO A 478 -4.60 20.58 47.54
C PRO A 478 -4.68 19.82 48.87
N PHE A 479 -5.87 19.43 49.28
CA PHE A 479 -6.06 18.67 50.52
C PHE A 479 -5.94 17.16 50.32
N ILE A 480 -6.14 16.69 49.09
CA ILE A 480 -6.26 15.25 48.83
C ILE A 480 -5.36 14.75 47.68
N ARG A 481 -5.86 14.75 46.45
CA ARG A 481 -5.12 14.11 45.36
C ARG A 481 -3.71 14.66 45.19
N ASN A 482 -3.58 15.98 45.18
CA ASN A 482 -2.32 16.63 44.84
C ASN A 482 -1.35 16.72 46.03
N THR A 483 -1.85 16.57 47.25
CA THR A 483 -1.00 16.66 48.44
C THR A 483 -0.02 15.49 48.55
N VAL A 484 -0.37 14.34 47.98
CA VAL A 484 0.52 13.19 48.06
C VAL A 484 1.37 13.02 46.80
N GLY A 485 1.17 13.89 45.80
CA GLY A 485 1.94 13.75 44.58
C GLY A 485 1.58 14.66 43.42
N SER A 486 2.50 14.74 42.45
CA SER A 486 2.33 15.56 41.27
C SER A 486 1.04 15.22 40.54
N MET A 487 0.31 16.27 40.15
CA MET A 487 -0.94 16.13 39.44
C MET A 487 -0.92 16.90 38.13
N GLU A 488 -0.86 16.18 37.01
CA GLU A 488 -0.80 16.82 35.70
C GLU A 488 -2.22 17.12 35.24
N PHE A 489 -2.71 18.29 35.64
CA PHE A 489 -4.13 18.60 35.51
C PHE A 489 -4.49 19.24 34.17
N GLY A 490 -3.54 19.95 33.57
CA GLY A 490 -3.80 20.65 32.32
C GLY A 490 -4.69 21.87 32.50
N GLY A 491 -4.54 22.53 33.64
CA GLY A 491 -5.37 23.66 34.01
C GLY A 491 -5.04 24.99 33.35
N CYS A 492 -5.69 26.03 33.86
CA CYS A 492 -5.59 27.39 33.34
C CYS A 492 -6.20 27.50 31.95
N LEU A 493 -7.53 27.49 31.91
CA LEU A 493 -8.26 27.73 30.68
C LEU A 493 -8.65 29.20 30.62
N LEU A 494 -8.05 29.94 29.70
CA LEU A 494 -8.34 31.36 29.61
C LEU A 494 -9.37 31.62 28.51
N ASN A 495 -9.60 30.62 27.68
CA ASN A 495 -10.76 30.59 26.79
C ASN A 495 -12.07 30.68 27.59
N LYS A 496 -13.07 31.36 27.04
CA LYS A 496 -14.38 31.42 27.68
C LYS A 496 -15.25 30.27 27.19
N ARG A 497 -15.00 29.86 25.96
CA ARG A 497 -15.72 28.74 25.39
C ARG A 497 -14.73 27.66 24.97
N LEU A 498 -14.98 26.44 25.41
CA LEU A 498 -13.97 25.39 25.33
C LEU A 498 -14.01 24.65 24.02
N ASN A 499 -13.72 25.38 22.94
CA ASN A 499 -13.51 24.81 21.61
C ASN A 499 -12.45 25.64 20.88
N ARG A 500 -12.13 25.27 19.64
CA ARG A 500 -11.03 25.92 18.93
C ARG A 500 -11.23 27.40 18.64
N ASN A 501 -12.43 27.79 18.22
CA ASN A 501 -12.65 29.19 17.87
C ASN A 501 -13.16 30.03 19.05
N ASN A 502 -13.18 29.41 20.23
CA ASN A 502 -13.58 30.10 21.46
C ASN A 502 -14.97 30.71 21.34
N ASP A 503 -15.90 29.95 20.77
CA ASP A 503 -17.26 30.45 20.53
C ASP A 503 -18.31 29.35 20.63
N GLY A 504 -17.90 28.19 21.12
CA GLY A 504 -18.81 27.06 21.27
C GLY A 504 -18.28 26.04 22.25
N GLY A 505 -18.94 24.89 22.33
CA GLY A 505 -18.57 23.87 23.30
C GLY A 505 -19.02 24.28 24.70
N THR A 506 -18.33 23.76 25.72
CA THR A 506 -18.71 24.06 27.09
C THR A 506 -18.32 25.47 27.48
N THR A 507 -18.84 25.92 28.62
CA THR A 507 -18.67 27.28 29.09
C THR A 507 -17.97 27.30 30.45
N ARG A 508 -16.80 27.94 30.51
CA ARG A 508 -16.11 28.13 31.78
C ARG A 508 -16.97 28.92 32.75
N ARG A 509 -17.03 28.46 34.01
CA ARG A 509 -17.85 29.09 35.03
C ARG A 509 -17.04 29.94 36.00
N THR A 510 -15.72 29.83 35.92
CA THR A 510 -14.82 30.52 36.82
C THR A 510 -14.13 31.70 36.14
N THR A 511 -13.55 32.58 36.94
CA THR A 511 -12.91 33.79 36.42
C THR A 511 -11.47 33.59 35.98
N ASP A 512 -10.95 34.57 35.24
CA ASP A 512 -9.57 34.51 34.78
C ASP A 512 -8.61 34.44 35.96
N VAL A 513 -8.87 35.23 36.98
CA VAL A 513 -7.98 35.27 38.13
C VAL A 513 -8.05 33.94 38.89
N PHE A 514 -9.23 33.34 38.92
CA PHE A 514 -9.38 31.96 39.40
C PHE A 514 -8.38 31.03 38.68
N GLN A 515 -8.40 31.11 37.37
CA GLN A 515 -7.53 30.28 36.54
C GLN A 515 -6.05 30.52 36.81
N LEU A 516 -5.67 31.79 36.93
CA LEU A 516 -4.29 32.15 37.24
C LEU A 516 -3.87 31.58 38.60
N ALA A 517 -4.76 31.74 39.59
CA ALA A 517 -4.56 31.19 40.93
C ALA A 517 -4.36 29.69 40.88
N THR A 518 -5.04 29.04 39.95
CA THR A 518 -4.98 27.60 39.79
C THR A 518 -3.58 27.11 39.34
N THR A 519 -2.79 27.99 38.73
CA THR A 519 -1.43 27.63 38.36
C THR A 519 -0.52 27.51 39.59
N VAL A 520 -0.94 28.16 40.68
CA VAL A 520 -0.20 28.08 41.93
C VAL A 520 -0.81 27.00 42.83
N LEU A 521 -2.13 26.87 42.81
CA LEU A 521 -2.80 25.88 43.63
C LEU A 521 -2.44 24.44 43.26
N LEU A 522 -2.41 24.14 41.96
CA LEU A 522 -2.20 22.78 41.50
C LEU A 522 -0.76 22.55 41.00
N GLN A 523 -0.04 21.65 41.68
CA GLN A 523 1.40 21.47 41.45
C GLN A 523 1.74 20.28 40.53
N ASN A 524 2.60 20.55 39.56
CA ASN A 524 3.21 19.52 38.71
C ASN A 524 4.45 20.12 38.03
N PRO A 525 5.57 19.37 38.00
CA PRO A 525 6.87 19.87 37.55
C PRO A 525 6.87 20.35 36.09
N VAL A 526 6.22 19.58 35.22
CA VAL A 526 6.05 19.97 33.83
C VAL A 526 4.58 20.29 33.58
N GLN A 527 4.26 21.57 33.47
CA GLN A 527 2.88 21.98 33.29
C GLN A 527 2.53 22.20 31.82
N ASN A 528 1.61 21.38 31.32
CA ASN A 528 1.02 21.61 30.01
C ASN A 528 -0.32 22.30 30.21
N PHE A 529 -0.29 23.63 30.29
CA PHE A 529 -1.49 24.43 30.51
C PHE A 529 -2.41 24.42 29.29
N ALA A 530 -3.68 24.72 29.53
CA ALA A 530 -4.66 24.71 28.45
C ALA A 530 -4.79 26.05 27.75
N LEU A 531 -3.65 26.70 27.49
CA LEU A 531 -3.66 27.95 26.72
C LEU A 531 -3.79 27.64 25.23
N ALA A 532 -4.12 28.67 24.45
CA ALA A 532 -4.18 28.55 22.99
C ALA A 532 -3.70 29.87 22.36
N PRO A 533 -3.18 29.80 21.12
CA PRO A 533 -2.62 31.00 20.48
C PRO A 533 -3.55 32.22 20.48
N ASN A 534 -4.83 31.99 20.23
CA ASN A 534 -5.83 33.06 20.22
C ASN A 534 -5.89 33.82 21.54
N ASN A 535 -5.40 33.22 22.63
CA ASN A 535 -5.40 33.89 23.93
C ASN A 535 -4.50 35.13 23.93
N LEU A 536 -3.52 35.18 23.03
CA LEU A 536 -2.69 36.37 22.99
C LEU A 536 -3.46 37.54 22.42
N LYS A 537 -4.62 37.27 21.82
CA LYS A 537 -5.49 38.33 21.30
C LYS A 537 -6.78 38.56 22.11
N ASP A 538 -7.38 37.49 22.65
CA ASP A 538 -8.69 37.63 23.30
C ASP A 538 -8.66 37.49 24.82
N VAL A 539 -7.47 37.52 25.39
CA VAL A 539 -7.30 37.49 26.84
C VAL A 539 -6.58 38.75 27.28
N PRO A 540 -7.10 39.42 28.33
CA PRO A 540 -6.49 40.62 28.91
C PRO A 540 -4.99 40.42 29.13
N ALA A 541 -4.20 41.43 28.78
CA ALA A 541 -2.75 41.31 28.72
C ALA A 541 -2.13 40.90 30.04
N VAL A 542 -2.73 41.33 31.15
CA VAL A 542 -2.17 41.03 32.46
C VAL A 542 -2.17 39.52 32.76
N CYS A 543 -3.16 38.81 32.25
CA CYS A 543 -3.24 37.37 32.42
C CYS A 543 -2.11 36.66 31.67
N MET A 544 -1.96 36.99 30.39
CA MET A 544 -0.94 36.35 29.57
C MET A 544 0.45 36.72 30.04
N ASP A 545 0.58 37.94 30.55
CA ASP A 545 1.83 38.42 31.14
C ASP A 545 2.18 37.59 32.35
N PHE A 546 1.19 37.34 33.22
CA PHE A 546 1.43 36.47 34.35
C PHE A 546 1.88 35.09 33.89
N MET A 547 1.14 34.51 32.94
CA MET A 547 1.41 33.15 32.48
C MET A 547 2.81 33.05 31.88
N LYS A 548 3.33 34.17 31.38
CA LYS A 548 4.71 34.20 30.91
C LYS A 548 5.74 34.01 32.04
N ARG A 549 5.37 34.35 33.28
CA ARG A 549 6.32 34.29 34.40
C ARG A 549 6.02 33.17 35.39
N VAL A 550 5.00 32.37 35.11
CA VAL A 550 4.58 31.32 36.05
C VAL A 550 5.66 30.26 36.31
N PRO A 551 5.91 29.95 37.60
CA PRO A 551 6.81 28.86 37.96
C PRO A 551 6.06 27.53 38.02
N THR A 552 6.79 26.42 37.95
CA THR A 552 6.15 25.10 38.07
C THR A 552 6.83 24.28 39.18
N THR A 553 7.89 24.83 39.77
CA THR A 553 8.63 24.13 40.83
C THR A 553 8.71 25.02 42.07
N TRP A 554 8.87 24.40 43.24
CA TRP A 554 8.76 25.16 44.47
C TRP A 554 9.80 24.79 45.52
N ASP A 555 10.15 25.75 46.36
CA ASP A 555 11.06 25.52 47.47
C ASP A 555 10.32 25.26 48.77
N GLU A 556 9.08 25.72 48.86
CA GLU A 556 8.31 25.66 50.10
C GLU A 556 6.82 25.93 49.86
N THR A 557 5.98 25.28 50.66
CA THR A 557 4.53 25.47 50.55
C THR A 557 3.93 25.67 51.94
N ARG A 558 3.15 26.71 52.11
CA ARG A 558 2.53 26.97 53.39
C ARG A 558 1.01 27.10 53.25
N PHE A 559 0.29 26.31 54.04
CA PHE A 559 -1.17 26.39 54.09
C PHE A 559 -1.57 27.60 54.91
N VAL A 560 -2.39 28.45 54.30
CA VAL A 560 -2.82 29.69 54.94
C VAL A 560 -4.22 29.56 55.51
N ASP A 561 -5.17 29.12 54.67
CA ASP A 561 -6.54 28.93 55.13
C ASP A 561 -7.31 28.08 54.16
N GLY A 562 -8.49 27.61 54.55
CA GLY A 562 -9.33 26.86 53.64
C GLY A 562 -10.19 25.77 54.25
N TYR A 563 -11.06 25.21 53.42
CA TYR A 563 -11.87 24.06 53.76
C TYR A 563 -12.16 23.32 52.45
N PRO A 564 -11.95 22.00 52.45
CA PRO A 564 -12.01 21.13 51.26
C PRO A 564 -13.35 21.23 50.55
N GLY A 565 -13.32 21.63 49.29
CA GLY A 565 -14.50 21.73 48.46
C GLY A 565 -15.20 23.07 48.54
N LYS A 566 -14.77 23.91 49.49
CA LYS A 566 -15.42 25.19 49.72
C LYS A 566 -14.50 26.34 49.32
N TYR A 567 -13.30 26.36 49.88
CA TYR A 567 -12.35 27.41 49.49
C TYR A 567 -10.94 27.01 49.85
N VAL A 568 -9.95 27.59 49.20
CA VAL A 568 -8.57 27.24 49.52
C VAL A 568 -7.62 28.43 49.34
N VAL A 569 -6.74 28.58 50.32
CA VAL A 569 -5.75 29.65 50.37
C VAL A 569 -4.39 29.11 50.75
N LEU A 570 -3.45 29.11 49.79
CA LEU A 570 -2.10 28.64 50.09
C LEU A 570 -1.00 29.50 49.47
N ALA A 571 0.15 29.53 50.12
CA ALA A 571 1.31 30.25 49.61
C ALA A 571 2.46 29.29 49.28
N ARG A 572 3.06 29.52 48.13
CA ARG A 572 4.20 28.74 47.64
C ARG A 572 5.37 29.66 47.31
N ARG A 573 6.57 29.23 47.69
CA ARG A 573 7.77 30.03 47.47
C ARG A 573 8.66 29.44 46.39
N GLN A 574 9.17 30.30 45.51
CA GLN A 574 10.26 29.91 44.62
C GLN A 574 11.40 30.89 44.76
N GLY A 575 12.55 30.39 45.19
CA GLY A 575 13.67 31.26 45.50
C GLY A 575 13.28 32.18 46.63
N ASP A 576 13.28 33.47 46.35
CA ASP A 576 12.92 34.46 47.35
C ASP A 576 11.53 35.04 47.09
N THR A 577 10.87 34.54 46.05
CA THR A 577 9.56 35.06 45.65
C THR A 577 8.39 34.26 46.21
N TRP A 578 7.49 34.95 46.90
CA TRP A 578 6.29 34.30 47.44
C TRP A 578 5.05 34.56 46.58
N TYR A 579 4.31 33.48 46.36
CA TYR A 579 3.06 33.49 45.62
C TYR A 579 1.91 33.00 46.50
N LEU A 580 0.97 33.88 46.82
CA LEU A 580 -0.23 33.44 47.53
C LEU A 580 -1.39 33.33 46.55
N ALA A 581 -2.10 32.21 46.61
CA ALA A 581 -3.22 31.98 45.72
C ALA A 581 -4.43 31.52 46.53
N ALA A 582 -5.59 32.06 46.19
CA ALA A 582 -6.82 31.67 46.86
C ALA A 582 -7.97 31.59 45.89
N VAL A 583 -8.85 30.60 46.06
CA VAL A 583 -10.10 30.57 45.30
C VAL A 583 -11.30 30.18 46.17
N ASN A 584 -12.48 30.57 45.69
CA ASN A 584 -13.73 30.36 46.41
C ASN A 584 -14.77 29.56 45.62
N ALA A 585 -15.16 28.41 46.15
CA ALA A 585 -16.18 27.58 45.50
C ALA A 585 -17.54 27.73 46.16
N GLY A 586 -17.64 28.61 47.15
CA GLY A 586 -18.92 28.86 47.78
C GLY A 586 -19.81 29.66 46.85
N LYS A 587 -21.07 29.84 47.22
CA LYS A 587 -21.95 30.70 46.42
C LYS A 587 -22.16 32.06 47.08
N GLU A 588 -21.69 32.22 48.31
CA GLU A 588 -21.67 33.55 48.91
C GLU A 588 -20.24 34.06 48.88
N PRO A 589 -20.08 35.39 48.83
CA PRO A 589 -18.76 36.01 48.85
C PRO A 589 -17.97 35.59 50.08
N LEU A 590 -16.66 35.52 49.94
CA LEU A 590 -15.82 34.98 50.98
C LEU A 590 -14.92 36.06 51.56
N LYS A 591 -15.04 36.27 52.87
CA LYS A 591 -14.28 37.33 53.52
C LYS A 591 -13.13 36.76 54.34
N LEU A 592 -11.91 37.16 53.99
CA LEU A 592 -10.71 36.67 54.64
C LEU A 592 -9.97 37.76 55.39
N LYS A 593 -9.63 37.46 56.64
CA LYS A 593 -8.63 38.23 57.36
C LYS A 593 -7.44 37.31 57.53
N LEU A 594 -6.36 37.59 56.82
CA LEU A 594 -5.21 36.69 56.78
C LEU A 594 -4.03 37.32 57.49
N ASP A 595 -3.24 36.46 58.11
CA ASP A 595 -1.96 36.87 58.67
C ASP A 595 -0.87 36.31 57.75
N LEU A 596 -0.26 37.20 56.98
CA LEU A 596 0.71 36.79 55.98
C LEU A 596 2.13 37.25 56.30
N GLU A 597 2.82 36.49 57.14
CA GLU A 597 4.22 36.77 57.49
C GLU A 597 5.03 37.01 56.23
N MET A 598 4.77 36.18 55.21
CA MET A 598 5.36 36.29 53.88
C MET A 598 5.59 37.72 53.41
N PHE A 599 4.53 38.52 53.49
CA PHE A 599 4.51 39.83 52.87
C PHE A 599 4.81 40.97 53.84
N ALA A 600 5.18 40.60 55.07
CA ALA A 600 5.79 41.51 56.06
C ALA A 600 5.26 42.94 56.00
N GLY A 601 6.14 43.88 55.66
CA GLY A 601 5.77 45.27 55.47
C GLY A 601 6.10 45.65 54.05
N LYS A 602 5.47 44.96 53.10
CA LYS A 602 5.87 45.05 51.69
C LYS A 602 4.74 45.47 50.76
N THR A 603 5.11 45.81 49.53
CA THR A 603 4.15 46.10 48.49
C THR A 603 4.06 44.91 47.56
N VAL A 604 2.89 44.27 47.53
CA VAL A 604 2.73 43.08 46.72
C VAL A 604 1.93 43.36 45.46
N ALA A 605 2.17 42.57 44.42
CA ALA A 605 1.37 42.64 43.20
C ALA A 605 0.08 41.87 43.42
N LEU A 606 -1.05 42.52 43.17
CA LEU A 606 -2.34 41.91 43.46
C LEU A 606 -3.19 41.67 42.22
N TYR A 607 -3.53 40.41 41.99
CA TYR A 607 -4.44 40.00 40.94
C TYR A 607 -5.79 39.72 41.58
N LYS A 608 -6.82 40.37 41.07
CA LYS A 608 -8.13 40.33 41.71
C LYS A 608 -9.23 40.36 40.65
N ASP A 609 -10.42 39.88 40.99
CA ASP A 609 -11.57 40.04 40.10
C ASP A 609 -12.11 41.44 40.33
N ASP A 610 -12.38 42.19 39.26
CA ASP A 610 -13.02 43.48 39.48
C ASP A 610 -14.48 43.17 39.77
N LYS A 611 -15.21 44.16 40.27
CA LYS A 611 -16.60 43.96 40.66
C LYS A 611 -17.47 43.33 39.55
N LYS A 612 -17.03 43.47 38.30
CA LYS A 612 -17.72 42.90 37.16
C LYS A 612 -17.20 41.50 36.84
N GLY A 613 -16.11 41.11 37.51
CA GLY A 613 -15.54 39.79 37.33
C GLY A 613 -14.34 39.73 36.40
N GLU A 614 -13.93 40.89 35.86
CA GLU A 614 -12.79 40.94 34.96
C GLU A 614 -11.49 41.01 35.74
N PRO A 615 -10.38 40.53 35.14
CA PRO A 615 -9.11 40.51 35.86
C PRO A 615 -8.52 41.89 36.04
N GLU A 616 -7.98 42.17 37.21
CA GLU A 616 -7.32 43.46 37.45
C GLU A 616 -6.05 43.28 38.26
N LEU A 617 -4.99 43.94 37.79
CA LEU A 617 -3.71 43.96 38.49
C LEU A 617 -3.45 45.31 39.15
N THR A 618 -3.35 45.32 40.47
CA THR A 618 -3.04 46.52 41.21
C THR A 618 -1.90 46.25 42.17
N SER A 619 -1.65 47.18 43.09
CA SER A 619 -0.66 46.97 44.13
C SER A 619 -1.33 47.00 45.49
N LEU A 620 -0.73 46.33 46.47
CA LEU A 620 -1.29 46.33 47.81
C LEU A 620 -0.21 46.38 48.88
N LYS A 621 -0.26 47.42 49.73
CA LYS A 621 0.66 47.56 50.85
C LYS A 621 0.21 46.73 52.05
N VAL A 622 1.06 45.79 52.44
CA VAL A 622 0.77 44.96 53.61
C VAL A 622 1.61 45.50 54.77
N LYS A 623 0.94 45.89 55.84
CA LYS A 623 1.58 46.53 56.99
C LYS A 623 2.36 45.50 57.83
N GLU A 624 3.26 45.99 58.71
CA GLU A 624 4.14 45.17 59.52
C GLU A 624 3.48 44.08 60.34
N ASN A 625 2.19 44.25 60.60
CA ASN A 625 1.41 43.24 61.28
C ASN A 625 1.10 42.01 60.40
N GLY A 626 1.16 42.19 59.09
CA GLY A 626 0.88 41.07 58.20
C GLY A 626 -0.62 40.95 57.94
N LYS A 627 -1.35 41.96 58.39
CA LYS A 627 -2.80 41.99 58.30
C LYS A 627 -3.32 42.25 56.89
N VAL A 628 -3.71 41.19 56.17
CA VAL A 628 -4.36 41.38 54.88
C VAL A 628 -5.85 41.10 55.01
N GLN A 629 -6.68 41.87 54.32
CA GLN A 629 -8.10 41.56 54.26
C GLN A 629 -8.56 41.54 52.81
N LEU A 630 -9.35 40.54 52.45
CA LEU A 630 -9.73 40.36 51.06
C LEU A 630 -11.10 39.74 50.95
N GLU A 631 -11.85 40.11 49.91
CA GLU A 631 -13.12 39.47 49.61
C GLU A 631 -13.06 38.81 48.24
N ILE A 632 -13.49 37.55 48.19
CA ILE A 632 -13.45 36.76 46.96
C ILE A 632 -14.85 36.37 46.52
N ARG A 633 -15.26 36.84 45.35
CA ARG A 633 -16.54 36.49 44.76
C ARG A 633 -16.61 34.98 44.49
N PRO A 634 -17.84 34.43 44.46
CA PRO A 634 -18.04 33.03 44.07
C PRO A 634 -17.44 32.72 42.70
N GLN A 635 -16.85 31.54 42.56
CA GLN A 635 -16.18 31.12 41.33
C GLN A 635 -15.00 32.02 41.00
N GLY A 636 -14.52 32.75 42.00
CA GLY A 636 -13.44 33.69 41.80
C GLY A 636 -12.18 33.36 42.59
N GLY A 637 -11.16 34.21 42.43
CA GLY A 637 -9.88 33.99 43.05
C GLY A 637 -9.07 35.26 43.25
N ILE A 638 -7.95 35.11 43.94
CA ILE A 638 -7.05 36.23 44.26
C ILE A 638 -5.62 35.70 44.23
N LEU A 639 -4.69 36.52 43.75
CA LEU A 639 -3.30 36.09 43.71
C LEU A 639 -2.37 37.25 44.14
N CYS A 640 -1.52 37.02 45.14
CA CYS A 640 -0.54 38.03 45.59
C CYS A 640 0.90 37.59 45.34
N ILE A 641 1.72 38.44 44.74
CA ILE A 641 3.11 38.07 44.45
C ILE A 641 4.11 39.09 44.99
N LYS A 642 5.13 38.60 45.68
CA LYS A 642 6.31 39.41 46.02
C LYS A 642 7.52 38.58 46.41
N GLN B 15 -12.17 -33.13 0.88
CA GLN B 15 -11.42 -32.08 1.57
C GLN B 15 -11.63 -30.72 0.90
N ASP B 16 -11.74 -29.69 1.73
CA ASP B 16 -11.92 -28.34 1.20
C ASP B 16 -10.68 -27.84 0.48
N VAL B 17 -9.48 -28.18 0.95
CA VAL B 17 -8.31 -27.69 0.23
C VAL B 17 -7.06 -28.54 0.51
N VAL B 18 -6.13 -28.55 -0.44
CA VAL B 18 -4.90 -29.33 -0.31
C VAL B 18 -3.66 -28.49 -0.59
N VAL B 19 -2.64 -28.63 0.24
CA VAL B 19 -1.35 -28.01 -0.03
C VAL B 19 -0.24 -29.06 0.07
N LYS B 20 0.71 -29.04 -0.87
CA LYS B 20 1.79 -30.02 -0.89
C LYS B 20 3.16 -29.37 -0.74
N GLY B 21 4.12 -30.13 -0.23
CA GLY B 21 5.51 -29.71 -0.23
C GLY B 21 6.00 -29.66 -1.68
N PRO B 22 7.17 -29.05 -1.90
CA PRO B 22 7.72 -28.86 -3.25
C PRO B 22 7.88 -30.16 -4.04
N ASP B 23 8.31 -31.23 -3.40
CA ASP B 23 8.47 -32.51 -4.09
C ASP B 23 7.19 -33.35 -3.98
N GLU B 24 6.17 -32.76 -3.38
CA GLU B 24 4.80 -33.30 -3.36
C GLU B 24 4.64 -34.62 -2.58
N LYS B 25 5.68 -35.03 -1.86
CA LYS B 25 5.57 -36.21 -1.03
C LYS B 25 4.73 -35.92 0.21
N LEU B 26 4.95 -34.74 0.79
CA LEU B 26 4.21 -34.32 1.97
C LEU B 26 2.94 -33.64 1.51
N GLN B 27 1.80 -34.12 1.97
CA GLN B 27 0.53 -33.53 1.58
C GLN B 27 -0.33 -33.22 2.80
N LEU B 28 -0.90 -32.02 2.83
CA LEU B 28 -1.76 -31.63 3.93
C LEU B 28 -3.13 -31.22 3.40
N ALA B 29 -4.18 -31.78 3.99
CA ALA B 29 -5.53 -31.46 3.55
C ALA B 29 -6.30 -30.78 4.67
N VAL B 30 -7.12 -29.81 4.31
CA VAL B 30 -7.92 -29.05 5.26
C VAL B 30 -9.39 -29.30 4.99
N PHE B 31 -10.09 -29.60 6.10
CA PHE B 31 -11.50 -29.97 6.16
C PHE B 31 -12.27 -29.01 7.08
N VAL B 32 -13.09 -28.13 6.48
CA VAL B 32 -13.87 -27.17 7.27
C VAL B 32 -15.37 -27.31 6.99
N GLN B 33 -15.74 -27.23 5.72
CA GLN B 33 -17.13 -27.41 5.31
C GLN B 33 -17.59 -28.80 5.75
N ASN B 34 -18.85 -28.88 6.23
CA ASN B 34 -19.44 -30.14 6.65
C ASN B 34 -18.69 -30.89 7.74
N GLU B 35 -17.79 -30.18 8.39
CA GLU B 35 -17.10 -30.70 9.56
C GLU B 35 -17.55 -29.90 10.78
N THR B 36 -18.02 -30.59 11.82
CA THR B 36 -18.44 -29.93 13.06
C THR B 36 -17.24 -29.24 13.67
N LYS B 37 -16.10 -29.89 13.56
CA LYS B 37 -14.85 -29.43 14.14
C LYS B 37 -13.82 -29.30 13.03
N PRO B 38 -13.34 -28.06 12.79
CA PRO B 38 -12.39 -27.84 11.70
C PRO B 38 -11.14 -28.68 11.92
N CYS B 39 -10.62 -29.28 10.85
CA CYS B 39 -9.47 -30.16 11.04
C CYS B 39 -8.55 -30.27 9.81
N TYR B 40 -7.38 -30.88 10.01
CA TYR B 40 -6.42 -31.09 8.94
C TYR B 40 -5.91 -32.52 8.98
N SER B 41 -5.33 -32.99 7.89
CA SER B 41 -4.71 -34.31 7.88
C SER B 41 -3.40 -34.28 7.09
N VAL B 42 -2.49 -35.18 7.44
CA VAL B 42 -1.17 -35.20 6.82
C VAL B 42 -0.83 -36.57 6.27
N SER B 43 -0.40 -36.61 5.02
CA SER B 43 0.05 -37.85 4.42
C SER B 43 1.46 -37.69 3.87
N TYR B 44 2.19 -38.79 3.81
CA TYR B 44 3.51 -38.78 3.21
C TYR B 44 3.71 -40.01 2.33
N ASN B 45 4.11 -39.77 1.08
CA ASN B 45 4.16 -40.82 0.06
C ASN B 45 2.90 -41.68 0.02
N GLY B 46 1.74 -41.07 0.24
CA GLY B 46 0.47 -41.76 0.16
C GLY B 46 0.08 -42.49 1.44
N LYS B 47 0.97 -42.48 2.43
CA LYS B 47 0.67 -43.07 3.72
C LYS B 47 0.20 -42.01 4.71
N THR B 48 -0.87 -42.31 5.43
CA THR B 48 -1.37 -41.40 6.46
C THR B 48 -0.38 -41.31 7.61
N MET B 49 0.02 -40.08 7.94
CA MET B 49 0.95 -39.83 9.02
C MET B 49 0.23 -39.13 10.16
N LEU B 50 -0.66 -38.22 9.80
CA LEU B 50 -1.60 -37.65 10.75
C LEU B 50 -3.00 -37.83 10.21
N GLU B 51 -3.87 -38.38 11.05
CA GLU B 51 -5.28 -38.50 10.72
C GLU B 51 -5.92 -37.14 10.91
N LYS B 52 -7.22 -37.07 10.71
CA LYS B 52 -7.94 -35.81 10.81
C LYS B 52 -7.73 -35.26 12.23
N SER B 53 -7.04 -34.13 12.32
CA SER B 53 -6.61 -33.54 13.58
C SER B 53 -7.20 -32.16 13.78
N PRO B 54 -7.70 -31.87 15.00
CA PRO B 54 -8.53 -30.67 15.26
C PRO B 54 -7.77 -29.34 15.15
N LEU B 55 -8.50 -28.32 14.73
CA LEU B 55 -8.00 -26.95 14.66
C LEU B 55 -8.89 -26.05 15.50
N GLY B 56 -8.41 -24.85 15.80
CA GLY B 56 -9.27 -23.84 16.38
C GLY B 56 -8.90 -23.37 17.78
N MET B 57 -9.71 -22.48 18.34
CA MET B 57 -9.39 -21.90 19.63
C MET B 57 -10.60 -21.20 20.25
N ASN B 58 -10.57 -21.03 21.56
CA ASN B 58 -11.57 -20.24 22.25
C ASN B 58 -10.94 -19.01 22.89
N THR B 59 -11.55 -17.85 22.64
CA THR B 59 -10.98 -16.54 22.97
C THR B 59 -12.02 -15.64 23.63
N ASN B 60 -11.55 -14.66 24.39
CA ASN B 60 -12.43 -13.75 25.09
C ASN B 60 -13.07 -12.70 24.16
N ILE B 61 -12.86 -12.84 22.86
CA ILE B 61 -13.62 -12.07 21.88
C ILE B 61 -14.50 -12.95 20.98
N GLY B 62 -14.42 -14.26 21.16
CA GLY B 62 -15.20 -15.17 20.32
C GLY B 62 -14.74 -16.61 20.34
N ASP B 63 -15.61 -17.51 19.88
CA ASP B 63 -15.29 -18.93 19.81
C ASP B 63 -15.05 -19.42 18.37
N PHE B 64 -13.93 -20.10 18.18
CA PHE B 64 -13.50 -20.63 16.88
C PHE B 64 -13.24 -22.12 17.01
N THR B 65 -14.24 -22.84 17.53
CA THR B 65 -14.09 -24.25 17.85
C THR B 65 -14.95 -25.17 16.97
N LYS B 66 -16.14 -24.69 16.63
CA LYS B 66 -17.11 -25.51 15.92
C LYS B 66 -17.78 -24.74 14.78
N ASN B 67 -18.13 -25.46 13.71
CA ASN B 67 -18.96 -24.91 12.63
C ASN B 67 -18.34 -23.68 11.97
N LEU B 68 -17.09 -23.82 11.55
CA LEU B 68 -16.39 -22.72 10.93
C LEU B 68 -16.70 -22.72 9.44
N LYS B 69 -16.57 -21.57 8.81
CA LYS B 69 -16.72 -21.44 7.36
C LYS B 69 -15.41 -20.99 6.72
N LEU B 70 -15.08 -21.55 5.56
CA LEU B 70 -13.92 -21.10 4.80
C LEU B 70 -14.31 -20.06 3.75
N THR B 71 -14.01 -18.79 4.02
CA THR B 71 -14.39 -17.70 3.15
C THR B 71 -13.51 -17.65 1.89
N GLY B 72 -12.27 -18.08 2.02
CA GLY B 72 -11.35 -18.09 0.91
C GLY B 72 -10.00 -18.63 1.32
N HIS B 73 -9.16 -18.92 0.34
CA HIS B 73 -7.82 -19.42 0.63
C HIS B 73 -6.87 -19.01 -0.48
N SER B 74 -5.58 -19.04 -0.18
CA SER B 74 -4.58 -18.82 -1.22
C SER B 74 -3.40 -19.77 -0.99
N VAL B 75 -2.72 -20.13 -2.07
CA VAL B 75 -1.52 -20.93 -1.99
C VAL B 75 -0.46 -20.21 -2.81
N ASP B 76 0.74 -20.04 -2.25
CA ASP B 76 1.80 -19.41 -3.03
C ASP B 76 3.18 -19.90 -2.58
N LYS B 77 4.21 -19.61 -3.35
CA LYS B 77 5.53 -20.14 -3.06
C LYS B 77 6.48 -19.22 -2.32
N ILE B 78 7.11 -19.80 -1.32
CA ILE B 78 8.19 -19.16 -0.59
C ILE B 78 9.51 -19.81 -1.03
N ASP B 79 10.45 -18.96 -1.41
CA ASP B 79 11.75 -19.39 -1.87
C ASP B 79 12.76 -18.35 -1.45
N THR B 80 13.46 -18.62 -0.36
CA THR B 80 14.37 -17.62 0.22
C THR B 80 15.66 -18.26 0.71
N VAL B 81 16.67 -17.44 0.97
CA VAL B 81 17.91 -17.95 1.55
C VAL B 81 18.24 -17.21 2.83
N TYR B 82 18.62 -17.93 3.89
CA TYR B 82 19.07 -17.24 5.09
C TYR B 82 20.27 -17.93 5.73
N GLN B 83 21.07 -17.11 6.43
CA GLN B 83 22.21 -17.58 7.20
C GLN B 83 21.89 -17.54 8.69
N GLN B 84 22.30 -18.58 9.40
CA GLN B 84 22.02 -18.68 10.83
C GLN B 84 23.18 -19.36 11.56
N THR B 85 23.70 -18.70 12.58
CA THR B 85 24.73 -19.31 13.45
C THR B 85 24.08 -20.10 14.58
N ARG B 86 24.91 -20.86 15.29
CA ARG B 86 24.52 -21.56 16.51
C ARG B 86 23.50 -22.69 16.29
N ILE B 87 23.36 -23.16 15.05
CA ILE B 87 22.50 -24.30 14.77
C ILE B 87 23.23 -25.35 13.93
N LYS B 88 22.51 -26.40 13.52
CA LYS B 88 23.09 -27.57 12.86
C LYS B 88 23.61 -27.30 11.43
N VAL B 89 23.21 -26.19 10.84
CA VAL B 89 23.62 -25.84 9.48
C VAL B 89 23.79 -24.32 9.39
N SER B 90 24.67 -23.83 8.53
CA SER B 90 24.97 -22.40 8.50
C SER B 90 24.22 -21.65 7.39
N ASN B 91 23.75 -22.40 6.40
CA ASN B 91 23.05 -21.80 5.25
C ASN B 91 21.83 -22.61 4.86
N VAL B 92 20.68 -21.95 4.82
CA VAL B 92 19.45 -22.64 4.47
C VAL B 92 18.79 -22.02 3.24
N HIS B 93 18.46 -22.89 2.29
CA HIS B 93 17.62 -22.55 1.15
C HIS B 93 16.20 -23.00 1.46
N TYR B 94 15.38 -22.08 1.95
CA TYR B 94 14.05 -22.41 2.40
C TYR B 94 13.05 -22.36 1.25
N ARG B 95 12.39 -23.50 1.03
CA ARG B 95 11.47 -23.67 -0.07
C ARG B 95 10.18 -24.32 0.43
N ALA B 96 9.07 -23.60 0.32
CA ALA B 96 7.82 -24.14 0.83
C ALA B 96 6.61 -23.60 0.09
N ASN B 97 5.50 -24.29 0.24
CA ASN B 97 4.23 -23.78 -0.24
C ASN B 97 3.40 -23.30 0.94
N GLU B 98 2.88 -22.09 0.83
CA GLU B 98 2.15 -21.46 1.90
C GLU B 98 0.67 -21.34 1.58
N LEU B 99 -0.13 -21.96 2.44
CA LEU B 99 -1.58 -21.93 2.38
C LEU B 99 -2.14 -21.03 3.45
N THR B 100 -2.86 -19.99 3.01
CA THR B 100 -3.56 -19.09 3.89
C THR B 100 -5.05 -19.37 3.81
N CYS B 101 -5.62 -19.79 4.94
CA CYS B 101 -7.05 -20.07 5.05
C CYS B 101 -7.75 -18.96 5.80
N HIS B 102 -8.85 -18.46 5.22
CA HIS B 102 -9.66 -17.45 5.87
C HIS B 102 -10.96 -18.07 6.38
N LEU B 103 -11.07 -18.13 7.69
CA LEU B 103 -12.18 -18.78 8.36
C LEU B 103 -13.08 -17.77 9.05
N GLU B 104 -14.33 -18.16 9.22
CA GLU B 104 -15.33 -17.37 9.91
C GLU B 104 -16.16 -18.29 10.78
N ASN B 105 -16.51 -17.82 11.97
CA ASN B 105 -17.46 -18.55 12.79
C ASN B 105 -18.86 -18.07 12.40
N GLU B 106 -19.88 -18.67 13.00
CA GLU B 106 -21.26 -18.39 12.61
C GLU B 106 -21.66 -16.93 12.91
N GLN B 107 -20.96 -16.30 13.84
CA GLN B 107 -21.24 -14.90 14.19
C GLN B 107 -20.49 -13.93 13.28
N GLY B 108 -19.73 -14.45 12.31
CA GLY B 108 -19.05 -13.62 11.35
C GLY B 108 -17.66 -13.14 11.75
N GLN B 109 -17.20 -13.59 12.91
CA GLN B 109 -15.86 -13.22 13.36
C GLN B 109 -14.79 -13.99 12.59
N LYS B 110 -13.65 -13.34 12.34
CA LYS B 110 -12.67 -13.87 11.40
C LYS B 110 -11.45 -14.46 12.09
N LEU B 111 -10.92 -15.52 11.50
CA LEU B 111 -9.72 -16.19 11.97
C LEU B 111 -8.93 -16.74 10.80
N GLY B 112 -7.63 -16.46 10.75
CA GLY B 112 -6.80 -17.03 9.69
C GLY B 112 -6.00 -18.22 10.18
N VAL B 113 -5.73 -19.16 9.28
CA VAL B 113 -4.76 -20.21 9.58
C VAL B 113 -3.78 -20.36 8.43
N ILE B 114 -2.49 -20.27 8.76
CA ILE B 114 -1.43 -20.33 7.76
C ILE B 114 -0.57 -21.56 7.94
N PHE B 115 -0.45 -22.34 6.86
CA PHE B 115 0.43 -23.50 6.78
C PHE B 115 1.59 -23.26 5.82
N ARG B 116 2.82 -23.46 6.28
CA ARG B 116 3.98 -23.45 5.41
C ARG B 116 4.52 -24.86 5.33
N VAL B 117 4.46 -25.44 4.14
CA VAL B 117 4.82 -26.84 3.94
C VAL B 117 6.07 -26.96 3.09
N SER B 118 7.17 -27.36 3.71
CA SER B 118 8.39 -27.70 2.98
C SER B 118 8.38 -29.19 2.67
N ASP B 119 9.49 -29.72 2.15
CA ASP B 119 9.55 -31.11 1.73
C ASP B 119 9.21 -32.06 2.87
N ASN B 120 9.67 -31.73 4.07
CA ASN B 120 9.49 -32.61 5.23
C ASN B 120 8.98 -31.92 6.51
N ASP B 121 8.50 -30.69 6.40
CA ASP B 121 8.00 -30.00 7.58
C ASP B 121 6.74 -29.20 7.28
N VAL B 122 5.82 -29.20 8.23
CA VAL B 122 4.65 -28.32 8.20
C VAL B 122 4.73 -27.37 9.39
N ALA B 123 4.62 -26.08 9.13
CA ALA B 123 4.55 -25.10 10.22
C ALA B 123 3.25 -24.33 10.11
N PHE B 124 2.45 -24.29 11.17
CA PHE B 124 1.17 -23.59 11.06
C PHE B 124 0.81 -22.75 12.27
N ARG B 125 0.12 -21.66 12.01
CA ARG B 125 -0.28 -20.75 13.08
C ARG B 125 -1.59 -20.05 12.77
N TYR B 126 -2.23 -19.51 13.79
CA TYR B 126 -3.46 -18.76 13.61
C TYR B 126 -3.17 -17.26 13.60
N THR B 127 -3.97 -16.51 12.85
CA THR B 127 -3.95 -15.06 12.91
C THR B 127 -5.31 -14.52 13.30
N LEU B 128 -5.31 -13.41 14.03
CA LEU B 128 -6.53 -12.72 14.41
C LEU B 128 -6.40 -11.25 14.05
N PRO B 129 -7.32 -10.73 13.22
CA PRO B 129 -7.28 -9.31 12.82
C PRO B 129 -7.94 -8.42 13.85
N HIS B 130 -7.73 -7.11 13.74
CA HIS B 130 -8.52 -6.14 14.50
C HIS B 130 -9.96 -6.20 14.02
N GLN B 131 -10.90 -6.47 14.92
CA GLN B 131 -12.30 -6.64 14.51
C GLN B 131 -13.26 -6.45 15.67
N GLY B 132 -14.49 -6.07 15.34
CA GLY B 132 -15.51 -5.84 16.36
C GLY B 132 -15.17 -4.72 17.32
N GLY B 133 -14.23 -3.87 16.91
CA GLY B 133 -13.74 -2.79 17.74
C GLY B 133 -12.75 -3.25 18.81
N LYS B 134 -12.22 -4.46 18.64
CA LYS B 134 -11.31 -5.04 19.63
C LYS B 134 -9.86 -4.83 19.20
N ALA B 135 -9.03 -4.39 20.14
CA ALA B 135 -7.62 -4.10 19.86
C ALA B 135 -6.68 -5.08 20.57
N SER B 136 -7.26 -6.00 21.34
CA SER B 136 -6.47 -7.02 22.02
C SER B 136 -7.30 -8.26 22.27
N VAL B 137 -6.62 -9.36 22.55
CA VAL B 137 -7.30 -10.63 22.71
C VAL B 137 -6.60 -11.48 23.76
N THR B 138 -7.41 -12.29 24.44
CA THR B 138 -6.92 -13.35 25.29
C THR B 138 -7.42 -14.68 24.71
N VAL B 139 -6.48 -15.57 24.39
CA VAL B 139 -6.83 -16.90 23.91
C VAL B 139 -7.06 -17.81 25.11
N LYS B 140 -8.31 -18.14 25.41
CA LYS B 140 -8.61 -18.93 26.61
C LYS B 140 -8.07 -20.34 26.47
N GLU B 141 -8.10 -20.86 25.25
CA GLU B 141 -7.67 -22.24 25.02
C GLU B 141 -7.47 -22.53 23.54
N GLU B 142 -6.56 -23.43 23.21
CA GLU B 142 -6.45 -23.93 21.83
C GLU B 142 -7.06 -25.33 21.68
N GLN B 143 -7.80 -25.52 20.59
CA GLN B 143 -8.34 -26.82 20.22
C GLN B 143 -7.32 -27.63 19.41
N THR B 144 -6.29 -26.93 18.93
CA THR B 144 -5.23 -27.49 18.08
C THR B 144 -4.79 -28.89 18.51
N GLY B 145 -4.81 -29.83 17.58
CA GLY B 145 -4.51 -31.20 17.93
C GLY B 145 -3.69 -31.96 16.91
N PHE B 146 -3.24 -33.14 17.32
CA PHE B 146 -2.46 -34.03 16.48
C PHE B 146 -3.00 -35.44 16.70
N ARG B 147 -3.63 -36.00 15.69
CA ARG B 147 -4.21 -37.34 15.80
C ARG B 147 -3.41 -38.33 14.97
N PHE B 148 -3.06 -39.45 15.59
CA PHE B 148 -2.14 -40.40 14.97
C PHE B 148 -2.81 -41.71 14.62
N PRO B 149 -2.27 -42.39 13.60
CA PRO B 149 -2.71 -43.75 13.29
C PRO B 149 -2.55 -44.72 14.45
N GLU B 150 -3.43 -45.70 14.46
CA GLU B 150 -3.52 -46.75 15.47
C GLU B 150 -2.20 -47.38 15.90
N GLN B 151 -1.32 -47.68 14.95
CA GLN B 151 -0.10 -48.46 15.24
C GLN B 151 1.04 -47.59 15.74
N THR B 152 0.75 -46.31 15.97
CA THR B 152 1.78 -45.34 16.31
C THR B 152 2.31 -45.57 17.73
N THR B 153 3.63 -45.64 17.85
CA THR B 153 4.28 -45.67 19.15
C THR B 153 4.97 -44.34 19.41
N THR B 154 5.35 -44.09 20.66
CA THR B 154 5.81 -42.76 21.04
C THR B 154 7.14 -42.75 21.79
N PHE B 155 7.83 -41.63 21.68
CA PHE B 155 9.07 -41.38 22.40
C PHE B 155 8.89 -40.07 23.14
N LEU B 156 8.31 -40.11 24.34
CA LEU B 156 7.94 -38.89 25.05
C LEU B 156 8.58 -38.81 26.42
N CYS B 157 8.82 -37.58 26.87
CA CYS B 157 9.18 -37.30 28.25
C CYS B 157 8.05 -36.46 28.85
N PRO B 158 7.64 -36.78 30.08
CA PRO B 158 6.44 -36.17 30.68
C PRO B 158 6.66 -34.76 31.22
N GLN B 159 5.60 -33.97 31.26
CA GLN B 159 5.63 -32.71 32.00
C GLN B 159 5.41 -33.01 33.48
N SER B 160 6.23 -32.41 34.33
CA SER B 160 6.13 -32.70 35.77
C SER B 160 5.01 -31.91 36.42
N ASP B 161 4.76 -32.22 37.70
CA ASP B 161 3.93 -31.35 38.53
C ASP B 161 4.63 -30.00 38.67
N ALA B 162 3.88 -28.99 39.06
CA ALA B 162 4.48 -27.69 39.33
C ALA B 162 4.94 -27.61 40.78
N MET B 163 6.04 -26.89 40.99
CA MET B 163 6.55 -26.56 42.31
C MET B 163 7.04 -27.77 43.12
N ILE B 164 7.54 -28.79 42.44
CA ILE B 164 8.24 -29.87 43.12
C ILE B 164 9.72 -29.84 42.78
N GLY B 165 10.45 -30.88 43.19
CA GLY B 165 11.87 -30.98 42.91
C GLY B 165 12.70 -30.06 43.78
N TRP B 166 13.97 -29.89 43.40
CA TRP B 166 14.92 -29.11 44.18
C TRP B 166 14.44 -27.66 44.36
N LYS B 167 14.18 -27.30 45.63
CA LYS B 167 13.68 -25.97 45.99
C LYS B 167 12.45 -25.56 45.19
N ARG B 168 11.61 -26.55 44.88
CA ARG B 168 10.37 -26.36 44.14
C ARG B 168 10.57 -25.67 42.79
N THR B 169 11.69 -25.94 42.12
CA THR B 169 12.00 -25.26 40.86
C THR B 169 11.42 -25.94 39.63
N LYS B 170 10.77 -27.09 39.80
CA LYS B 170 10.15 -27.75 38.68
C LYS B 170 8.81 -27.08 38.37
N PRO B 171 8.35 -27.15 37.10
CA PRO B 171 8.95 -27.84 35.96
C PRO B 171 10.21 -27.19 35.43
N SER B 172 11.12 -28.01 34.89
CA SER B 172 12.37 -27.54 34.35
C SER B 172 12.83 -28.37 33.15
N TYR B 173 11.88 -29.08 32.52
CA TYR B 173 12.15 -29.90 31.34
C TYR B 173 13.27 -30.90 31.59
N GLU B 174 13.24 -31.53 32.75
CA GLU B 174 14.28 -32.47 33.15
C GLU B 174 13.65 -33.81 33.52
N GLU B 175 13.01 -34.46 32.55
CA GLU B 175 12.30 -35.71 32.78
C GLU B 175 12.79 -36.79 31.83
N GLU B 176 12.41 -38.04 32.10
CA GLU B 176 12.95 -39.17 31.34
C GLU B 176 12.02 -39.64 30.22
N TYR B 177 12.61 -40.31 29.24
CA TYR B 177 11.83 -40.83 28.11
C TYR B 177 11.48 -42.31 28.27
N LYS B 178 10.43 -42.75 27.60
CA LYS B 178 10.19 -44.17 27.38
C LYS B 178 10.08 -44.42 25.88
N ALA B 179 10.88 -45.35 25.38
CA ALA B 179 10.99 -45.58 23.94
C ALA B 179 9.97 -46.58 23.42
N ASP B 180 9.40 -46.26 22.26
CA ASP B 180 8.37 -47.07 21.61
C ASP B 180 7.22 -47.43 22.55
N ALA B 181 6.80 -46.45 23.34
CA ALA B 181 5.66 -46.65 24.22
C ALA B 181 4.35 -46.64 23.43
N PRO B 182 3.36 -47.43 23.88
CA PRO B 182 2.02 -47.37 23.29
C PRO B 182 1.39 -45.99 23.52
N MET B 183 0.55 -45.54 22.59
CA MET B 183 -0.13 -44.27 22.77
C MET B 183 -1.01 -44.24 24.01
N SER B 184 -1.59 -45.39 24.34
CA SER B 184 -2.54 -45.48 25.44
C SER B 184 -1.88 -45.25 26.79
N ASP B 185 -0.55 -45.32 26.84
CA ASP B 185 0.17 -45.07 28.09
C ASP B 185 -0.15 -43.67 28.61
N ARG B 186 -0.21 -43.56 29.94
CA ARG B 186 -0.47 -42.30 30.60
C ARG B 186 0.83 -41.63 31.01
N SER B 187 0.85 -40.31 30.93
CA SER B 187 2.04 -39.55 31.31
C SER B 187 2.29 -39.77 32.79
N GLN B 188 3.56 -39.68 33.18
CA GLN B 188 4.00 -39.99 34.53
C GLN B 188 3.33 -39.15 35.61
N TYR B 189 3.10 -37.87 35.34
CA TYR B 189 2.52 -36.98 36.34
C TYR B 189 1.08 -36.59 36.00
N GLY B 190 0.59 -37.03 34.84
CA GLY B 190 -0.76 -36.69 34.41
C GLY B 190 -0.88 -35.26 33.92
N HIS B 191 0.21 -34.69 33.42
CA HIS B 191 0.18 -33.34 32.88
C HIS B 191 0.66 -33.36 31.44
N GLY B 192 0.52 -34.50 30.79
CA GLY B 192 0.97 -34.65 29.41
C GLY B 192 2.48 -34.57 29.24
N TYR B 193 2.90 -34.06 28.10
CA TYR B 193 4.30 -34.15 27.68
C TYR B 193 4.85 -32.83 27.13
N THR B 194 6.13 -32.58 27.37
CA THR B 194 6.77 -31.36 26.88
C THR B 194 7.38 -31.53 25.48
N PHE B 195 7.38 -30.45 24.71
CA PHE B 195 7.96 -30.44 23.38
C PHE B 195 9.48 -30.63 23.46
N PRO B 196 10.10 -31.22 22.42
CA PRO B 196 9.43 -31.81 21.26
C PRO B 196 9.00 -33.27 21.52
N CYS B 197 8.16 -33.79 20.63
CA CYS B 197 7.56 -35.10 20.80
C CYS B 197 7.72 -35.98 19.57
N LEU B 198 8.34 -37.14 19.73
CA LEU B 198 8.63 -37.99 18.58
C LEU B 198 7.63 -39.14 18.51
N PHE B 199 7.11 -39.39 17.31
CA PHE B 199 6.14 -40.45 17.08
C PHE B 199 6.60 -41.34 15.92
N ARG B 200 6.55 -42.65 16.13
CA ARG B 200 6.83 -43.62 15.07
C ARG B 200 5.53 -44.19 14.54
N ILE B 201 5.28 -43.98 13.25
CA ILE B 201 4.03 -44.39 12.64
C ILE B 201 4.10 -45.80 12.07
N GLY B 202 4.28 -46.79 12.93
CA GLY B 202 4.40 -48.17 12.51
C GLY B 202 5.56 -48.40 11.58
N ASN B 203 5.26 -48.75 10.34
CA ASN B 203 6.31 -48.96 9.35
C ASN B 203 6.38 -47.82 8.34
N ASP B 204 5.50 -46.84 8.49
CA ASP B 204 5.40 -45.76 7.51
C ASP B 204 6.21 -44.52 7.86
N GLY B 205 7.16 -44.64 8.77
CA GLY B 205 8.04 -43.53 9.08
C GLY B 205 7.81 -42.80 10.39
N TRP B 206 8.10 -41.49 10.37
CA TRP B 206 8.22 -40.70 11.60
C TRP B 206 7.58 -39.30 11.54
N VAL B 207 7.10 -38.87 12.70
CA VAL B 207 6.55 -37.52 12.90
C VAL B 207 7.09 -36.89 14.18
N LEU B 208 7.63 -35.68 14.09
CA LEU B 208 8.05 -34.94 15.28
C LEU B 208 7.22 -33.67 15.46
N VAL B 209 6.51 -33.60 16.59
CA VAL B 209 5.65 -32.47 16.91
C VAL B 209 6.38 -31.49 17.84
N SER B 210 6.42 -30.21 17.46
CA SER B 210 7.01 -29.18 18.30
C SER B 210 6.34 -27.84 18.10
N GLU B 211 6.96 -26.78 18.59
CA GLU B 211 6.50 -25.42 18.37
C GLU B 211 7.69 -24.47 18.36
N THR B 212 7.54 -23.37 17.62
CA THR B 212 8.59 -22.37 17.56
C THR B 212 7.99 -20.96 17.48
N GLY B 213 8.82 -19.95 17.67
CA GLY B 213 8.36 -18.58 17.61
C GLY B 213 7.60 -18.16 18.85
N VAL B 214 7.92 -18.79 19.97
CA VAL B 214 7.34 -18.35 21.25
C VAL B 214 8.21 -17.28 21.89
N ASP B 215 7.62 -16.10 22.08
CA ASP B 215 8.30 -15.00 22.75
C ASP B 215 7.36 -14.36 23.77
N SER B 216 7.54 -13.07 24.03
CA SER B 216 6.73 -12.37 25.04
C SER B 216 5.23 -12.29 24.73
N ARG B 217 4.86 -12.50 23.47
CA ARG B 217 3.47 -12.31 23.06
C ARG B 217 2.58 -13.54 23.26
N TYR B 218 3.14 -14.59 23.87
CA TYR B 218 2.37 -15.82 24.11
C TYR B 218 2.96 -16.59 25.29
N CYS B 219 2.37 -17.73 25.59
CA CYS B 219 2.89 -18.63 26.60
C CYS B 219 3.58 -19.80 25.92
N GLY B 220 4.36 -20.54 26.69
CA GLY B 220 4.88 -21.81 26.23
C GLY B 220 3.82 -22.89 26.34
N SER B 221 3.77 -23.78 25.36
CA SER B 221 2.76 -24.83 25.34
C SER B 221 3.38 -26.22 25.44
N ARG B 222 2.52 -27.23 25.52
CA ARG B 222 2.97 -28.62 25.57
C ARG B 222 1.87 -29.50 24.99
N LEU B 223 2.09 -30.81 24.95
CA LEU B 223 1.04 -31.74 24.54
C LEU B 223 0.37 -32.33 25.77
N SER B 224 -0.95 -32.46 25.70
CA SER B 224 -1.72 -33.10 26.75
C SER B 224 -1.51 -34.60 26.77
N ASP B 225 -2.13 -35.26 27.73
CA ASP B 225 -2.27 -36.71 27.68
C ASP B 225 -3.13 -37.10 26.50
N VAL B 226 -2.99 -38.35 26.06
CA VAL B 226 -3.79 -38.83 24.94
C VAL B 226 -5.27 -38.88 25.34
N SER B 227 -6.13 -38.59 24.37
CA SER B 227 -7.57 -38.75 24.54
C SER B 227 -8.11 -39.32 23.25
N GLU B 228 -9.31 -39.91 23.32
CA GLU B 228 -9.97 -40.51 22.16
C GLU B 228 -9.12 -41.59 21.48
N GLY B 229 -8.18 -42.13 22.24
CA GLY B 229 -7.34 -43.23 21.77
C GLY B 229 -6.13 -42.84 20.95
N ASN B 230 -6.15 -41.67 20.32
CA ASN B 230 -5.07 -41.31 19.40
C ASN B 230 -4.82 -39.81 19.24
N LEU B 231 -5.40 -39.00 20.13
CA LEU B 231 -5.37 -37.54 19.98
C LEU B 231 -4.57 -36.81 21.03
N TYR B 232 -3.66 -35.95 20.58
CA TYR B 232 -2.90 -35.08 21.47
C TYR B 232 -3.29 -33.62 21.29
N THR B 233 -3.64 -32.95 22.38
CA THR B 233 -4.09 -31.56 22.29
C THR B 233 -3.05 -30.60 22.87
N VAL B 234 -2.88 -29.47 22.20
CA VAL B 234 -2.03 -28.38 22.68
C VAL B 234 -2.56 -27.81 23.98
N ALA B 235 -1.75 -27.90 25.03
CA ALA B 235 -2.14 -27.43 26.36
C ALA B 235 -1.33 -26.21 26.78
N PHE B 236 -1.98 -25.29 27.49
CA PHE B 236 -1.31 -24.11 28.02
C PHE B 236 -0.71 -24.49 29.37
N PRO B 237 0.18 -23.64 29.93
CA PRO B 237 0.84 -23.99 31.21
C PRO B 237 -0.13 -24.23 32.36
N MET B 238 0.32 -24.96 33.37
CA MET B 238 -0.51 -25.21 34.53
C MET B 238 -0.57 -23.95 35.39
N ALA B 239 -1.73 -23.70 36.00
CA ALA B 239 -1.93 -22.51 36.81
C ALA B 239 -0.95 -22.48 37.98
N GLU B 240 -0.54 -23.65 38.45
CA GLU B 240 0.36 -23.75 39.60
C GLU B 240 1.80 -23.35 39.28
N GLU B 241 2.12 -23.15 38.01
CA GLU B 241 3.47 -22.77 37.64
C GLU B 241 3.77 -21.35 38.11
N ASN B 242 5.05 -21.01 38.18
CA ASN B 242 5.52 -19.71 38.67
C ASN B 242 5.05 -19.45 40.11
N ASN B 243 4.91 -20.52 40.89
CA ASN B 243 4.38 -20.47 42.26
C ASN B 243 2.98 -19.90 42.31
N GLY B 244 2.27 -20.00 41.19
CA GLY B 244 0.91 -19.50 41.08
C GLY B 244 0.76 -18.04 40.68
N ASN B 245 1.88 -17.37 40.36
CA ASN B 245 1.81 -15.98 39.92
C ASN B 245 1.67 -15.86 38.40
N GLY B 246 0.80 -14.96 37.95
CA GLY B 246 0.52 -14.79 36.53
C GLY B 246 -0.59 -15.70 36.00
N THR B 247 -1.33 -15.22 35.03
CA THR B 247 -2.45 -15.98 34.48
C THR B 247 -1.98 -16.95 33.39
N VAL B 248 -2.80 -17.95 33.13
CA VAL B 248 -2.49 -19.02 32.18
C VAL B 248 -2.68 -18.62 30.71
N ALA B 249 -3.81 -18.00 30.42
CA ALA B 249 -4.18 -17.68 29.05
C ALA B 249 -3.35 -16.52 28.49
N PRO B 250 -2.70 -16.73 27.34
CA PRO B 250 -1.86 -15.72 26.69
C PRO B 250 -2.65 -14.56 26.14
N ALA B 251 -2.07 -13.37 26.14
CA ALA B 251 -2.76 -12.17 25.69
C ALA B 251 -1.90 -11.34 24.75
N PHE B 252 -2.49 -10.77 23.70
CA PHE B 252 -1.70 -9.94 22.80
C PHE B 252 -2.55 -8.94 22.03
N ALA B 253 -1.88 -8.02 21.35
CA ALA B 253 -2.55 -6.97 20.58
C ALA B 253 -3.12 -7.50 19.28
N LEU B 254 -4.22 -6.90 18.83
CA LEU B 254 -4.79 -7.18 17.52
C LEU B 254 -4.39 -6.06 16.55
N PRO B 255 -4.03 -6.41 15.31
CA PRO B 255 -3.96 -7.79 14.80
C PRO B 255 -2.76 -8.56 15.35
N GLY B 256 -2.96 -9.85 15.61
CA GLY B 256 -1.91 -10.69 16.14
C GLY B 256 -1.99 -12.11 15.61
N ALA B 257 -1.15 -12.97 16.16
CA ALA B 257 -1.06 -14.34 15.71
C ALA B 257 -0.56 -15.23 16.85
N THR B 258 -0.76 -16.53 16.71
CA THR B 258 -0.14 -17.48 17.60
C THR B 258 1.24 -17.85 17.07
N PRO B 259 2.11 -18.41 17.93
CA PRO B 259 3.38 -19.00 17.47
C PRO B 259 3.14 -20.20 16.54
N TRP B 260 4.21 -20.70 15.93
CA TRP B 260 4.09 -21.79 14.97
C TRP B 260 4.10 -23.18 15.58
N ARG B 261 3.13 -24.00 15.17
CA ARG B 261 3.10 -25.43 15.44
C ARG B 261 3.86 -26.17 14.36
N THR B 262 4.77 -27.07 14.74
CA THR B 262 5.59 -27.72 13.73
C THR B 262 5.41 -29.24 13.75
N ILE B 263 5.30 -29.80 12.55
CA ILE B 263 5.17 -31.23 12.32
C ILE B 263 6.22 -31.67 11.30
N THR B 264 7.24 -32.38 11.77
CA THR B 264 8.30 -32.87 10.89
C THR B 264 8.02 -34.30 10.46
N VAL B 265 7.85 -34.51 9.16
CA VAL B 265 7.34 -35.77 8.67
C VAL B 265 8.29 -36.40 7.69
N GLY B 266 8.45 -37.72 7.78
CA GLY B 266 9.21 -38.43 6.76
C GLY B 266 8.99 -39.93 6.81
N ASP B 267 9.49 -40.64 5.80
CA ASP B 267 9.49 -42.10 5.86
C ASP B 267 10.80 -42.62 6.46
N HIS B 268 11.72 -41.69 6.73
CA HIS B 268 12.99 -42.03 7.38
C HIS B 268 13.35 -41.03 8.49
N LEU B 269 14.38 -41.37 9.27
CA LEU B 269 14.81 -40.54 10.40
C LEU B 269 15.62 -39.31 9.97
N LYS B 270 16.11 -39.34 8.74
CA LYS B 270 16.95 -38.26 8.21
C LYS B 270 16.30 -36.86 8.28
N PRO B 271 15.04 -36.70 7.79
CA PRO B 271 14.46 -35.36 7.91
C PRO B 271 14.18 -34.95 9.36
N ILE B 272 13.91 -35.92 10.23
CA ILE B 272 13.75 -35.64 11.65
C ILE B 272 15.03 -35.03 12.22
N VAL B 273 16.16 -35.64 11.88
CA VAL B 273 17.46 -35.18 12.40
C VAL B 273 17.93 -33.87 11.75
N GLU B 274 17.58 -33.67 10.49
CA GLU B 274 18.09 -32.54 9.70
C GLU B 274 17.16 -31.31 9.58
N THR B 275 16.02 -31.32 10.27
CA THR B 275 15.02 -30.26 10.16
C THR B 275 15.52 -28.86 10.55
N THR B 276 15.04 -27.84 9.84
CA THR B 276 15.36 -26.47 10.20
C THR B 276 14.09 -25.66 10.47
N VAL B 277 12.96 -26.35 10.60
CA VAL B 277 11.68 -25.68 10.78
C VAL B 277 11.58 -24.76 12.02
N PRO B 278 12.36 -25.00 13.10
CA PRO B 278 12.30 -23.98 14.16
C PRO B 278 12.81 -22.60 13.75
N TRP B 279 13.70 -22.58 12.75
CA TRP B 279 14.32 -21.33 12.36
C TRP B 279 13.77 -20.83 11.02
N ASP B 280 13.11 -21.73 10.30
CA ASP B 280 12.57 -21.43 8.97
C ASP B 280 11.49 -20.36 9.01
N VAL B 281 10.73 -20.32 10.10
CA VAL B 281 9.55 -19.46 10.13
C VAL B 281 9.61 -18.35 11.19
N VAL B 282 10.80 -18.10 11.72
CA VAL B 282 10.99 -16.97 12.64
C VAL B 282 12.04 -16.01 12.08
N SER B 283 12.07 -14.80 12.63
CA SER B 283 13.05 -13.79 12.25
C SER B 283 13.69 -13.19 13.50
N PRO B 284 14.88 -12.61 13.35
CA PRO B 284 15.51 -11.88 14.46
C PRO B 284 14.60 -10.78 15.01
N LEU B 285 14.53 -10.62 16.33
CA LEU B 285 13.67 -9.60 16.94
C LEU B 285 14.42 -8.29 17.20
N TYR B 286 15.75 -8.36 17.05
CA TYR B 286 16.59 -7.17 17.05
C TYR B 286 17.94 -7.46 16.40
N GLU B 287 18.65 -6.40 16.04
CA GLU B 287 20.01 -6.51 15.53
C GLU B 287 21.01 -6.23 16.65
N THR B 288 22.15 -6.90 16.61
CA THR B 288 23.21 -6.66 17.59
C THR B 288 24.40 -5.93 16.98
N LYS B 289 25.03 -5.08 17.79
CA LYS B 289 26.25 -4.39 17.36
C LYS B 289 27.47 -5.21 17.73
N HIS B 290 27.23 -6.32 18.43
CA HIS B 290 28.33 -7.14 18.92
C HIS B 290 28.58 -8.38 18.06
N ASP B 291 29.86 -8.76 17.97
CA ASP B 291 30.29 -9.94 17.23
C ASP B 291 30.54 -11.06 18.23
N TYR B 292 29.50 -11.86 18.50
CA TYR B 292 29.60 -12.81 19.61
C TYR B 292 30.48 -14.01 19.27
N ARG B 293 31.44 -14.27 20.15
CA ARG B 293 32.42 -15.32 19.94
C ARG B 293 32.05 -16.57 20.72
N PHE B 294 31.83 -17.66 19.99
CA PHE B 294 31.42 -18.91 20.60
C PHE B 294 32.64 -19.76 20.85
N GLY B 295 32.45 -20.89 21.53
CA GLY B 295 33.57 -21.78 21.78
C GLY B 295 33.44 -22.70 22.96
N ARG B 296 34.52 -22.81 23.71
CA ARG B 296 34.65 -23.87 24.70
C ARG B 296 34.99 -23.32 26.07
N GLY B 297 34.40 -23.91 27.09
CA GLY B 297 34.65 -23.49 28.45
C GLY B 297 35.05 -24.63 29.37
N THR B 298 35.84 -24.29 30.38
CA THR B 298 36.08 -25.22 31.48
C THR B 298 35.09 -24.87 32.58
N TRP B 299 34.80 -25.84 33.44
CA TRP B 299 33.66 -25.73 34.33
C TRP B 299 33.90 -26.56 35.58
N SER B 300 34.29 -25.92 36.67
CA SER B 300 34.69 -26.62 37.89
C SER B 300 33.55 -27.36 38.59
N TRP B 301 32.36 -26.76 38.62
CA TRP B 301 31.27 -27.26 39.45
C TRP B 301 30.78 -28.64 39.05
N ILE B 302 30.83 -28.97 37.77
CA ILE B 302 30.25 -30.22 37.30
C ILE B 302 30.87 -31.43 38.02
N LEU B 303 32.20 -31.46 38.15
CA LEU B 303 32.89 -32.56 38.82
C LEU B 303 33.39 -32.24 40.24
N TRP B 304 33.65 -30.98 40.53
CA TRP B 304 34.20 -30.58 41.82
C TRP B 304 33.14 -29.94 42.73
N GLN B 305 31.96 -29.68 42.15
CA GLN B 305 30.78 -29.20 42.86
C GLN B 305 31.00 -27.91 43.65
N ASP B 306 30.15 -27.69 44.64
CA ASP B 306 30.13 -26.41 45.36
C ASP B 306 31.45 -26.13 46.07
N GLY B 307 32.17 -27.18 46.43
CA GLY B 307 33.46 -27.03 47.08
C GLY B 307 34.50 -26.34 46.20
N SER B 308 34.24 -26.26 44.91
CA SER B 308 35.18 -25.62 43.99
C SER B 308 34.92 -24.12 43.85
N ILE B 309 33.81 -23.65 44.41
CA ILE B 309 33.44 -22.26 44.25
C ILE B 309 34.18 -21.40 45.27
N ASN B 310 35.45 -21.16 44.95
CA ASN B 310 36.33 -20.31 45.73
C ASN B 310 37.39 -19.75 44.79
N TYR B 311 38.09 -18.70 45.23
CA TYR B 311 39.01 -17.98 44.37
C TYR B 311 40.08 -18.88 43.73
N ASP B 312 40.73 -19.70 44.54
CA ASP B 312 41.89 -20.46 44.08
C ASP B 312 41.53 -21.59 43.12
N ASP B 313 40.42 -22.28 43.36
CA ASP B 313 39.99 -23.33 42.44
C ASP B 313 39.59 -22.73 41.09
N GLN B 314 39.02 -21.53 41.12
CA GLN B 314 38.69 -20.84 39.87
C GLN B 314 39.98 -20.39 39.18
N VAL B 315 41.01 -20.07 39.95
CA VAL B 315 42.32 -19.78 39.36
C VAL B 315 42.81 -21.02 38.64
N ARG B 316 42.70 -22.16 39.31
CA ARG B 316 43.04 -23.44 38.72
C ARG B 316 42.29 -23.75 37.43
N TYR B 317 40.98 -23.51 37.41
CA TYR B 317 40.19 -23.81 36.21
C TYR B 317 40.42 -22.80 35.08
N ILE B 318 40.77 -21.57 35.45
CA ILE B 318 41.20 -20.59 34.45
C ILE B 318 42.51 -21.06 33.80
N ASP B 319 43.43 -21.53 34.64
CA ASP B 319 44.67 -22.11 34.16
C ASP B 319 44.44 -23.32 33.26
N PHE B 320 43.49 -24.18 33.64
CA PHE B 320 43.15 -25.35 32.85
C PHE B 320 42.56 -24.95 31.49
N ALA B 321 41.70 -23.94 31.50
CA ALA B 321 41.14 -23.39 30.27
C ALA B 321 42.25 -22.89 29.36
N SER B 322 43.18 -22.16 29.96
CA SER B 322 44.33 -21.60 29.25
C SER B 322 45.18 -22.70 28.62
N ALA B 323 45.43 -23.75 29.39
CA ALA B 323 46.24 -24.88 28.91
C ALA B 323 45.52 -25.61 27.78
N MET B 324 44.19 -25.68 27.87
CA MET B 324 43.40 -26.35 26.84
C MET B 324 43.24 -25.47 25.60
N GLY B 325 43.58 -24.20 25.74
CA GLY B 325 43.37 -23.25 24.65
C GLY B 325 41.89 -22.93 24.54
N TYR B 326 41.16 -23.15 25.64
CA TYR B 326 39.73 -22.89 25.67
C TYR B 326 39.46 -21.40 25.88
N GLU B 327 38.40 -20.92 25.25
CA GLU B 327 38.02 -19.51 25.29
C GLU B 327 37.44 -19.08 26.63
N TYR B 328 36.73 -19.98 27.29
CA TYR B 328 35.95 -19.57 28.45
C TYR B 328 36.14 -20.41 29.70
N ALA B 329 35.80 -19.81 30.83
CA ALA B 329 35.63 -20.52 32.09
C ALA B 329 34.31 -20.09 32.72
N LEU B 330 33.49 -21.06 33.07
CA LEU B 330 32.21 -20.78 33.72
C LEU B 330 32.32 -20.86 35.25
N ILE B 331 32.03 -19.76 35.92
CA ILE B 331 32.00 -19.77 37.37
C ILE B 331 30.56 -19.91 37.82
N ASP B 332 30.28 -20.98 38.57
CA ASP B 332 28.90 -21.36 38.83
C ASP B 332 28.34 -20.74 40.09
N ASN B 333 27.24 -21.30 40.60
CA ASN B 333 26.51 -20.73 41.72
C ASN B 333 27.34 -20.50 43.00
N TRP B 334 26.84 -19.61 43.85
CA TRP B 334 27.42 -19.18 45.14
C TRP B 334 28.58 -18.19 45.03
N TRP B 335 29.02 -17.85 43.83
CA TRP B 335 30.25 -17.05 43.67
C TRP B 335 30.17 -15.65 44.30
N ASP B 336 28.97 -15.07 44.36
CA ASP B 336 28.84 -13.72 44.92
C ASP B 336 29.08 -13.69 46.43
N THR B 337 28.88 -14.81 47.11
CA THR B 337 29.07 -14.85 48.56
C THR B 337 30.37 -15.53 48.96
N ARG B 338 30.87 -16.43 48.11
CA ARG B 338 32.06 -17.19 48.46
C ARG B 338 33.31 -16.67 47.76
N ILE B 339 33.11 -15.81 46.77
CA ILE B 339 34.21 -15.10 46.15
C ILE B 339 33.95 -13.60 46.22
N GLY B 340 32.76 -13.18 45.81
CA GLY B 340 32.38 -11.77 45.91
C GLY B 340 32.63 -10.95 44.65
N HIS B 341 31.90 -9.85 44.52
CA HIS B 341 32.03 -8.98 43.35
C HIS B 341 33.40 -8.32 43.25
N GLN B 342 33.97 -7.96 44.40
CA GLN B 342 35.21 -7.18 44.41
C GLN B 342 36.40 -8.01 43.94
N ARG B 343 36.50 -9.25 44.41
CA ARG B 343 37.62 -10.10 44.01
C ARG B 343 37.43 -10.62 42.58
N MET B 344 36.18 -10.64 42.15
CA MET B 344 35.84 -11.05 40.80
C MET B 344 36.59 -10.24 39.77
N LYS B 345 36.85 -8.97 40.08
CA LYS B 345 37.54 -8.10 39.14
C LYS B 345 38.97 -8.59 38.93
N SER B 346 39.62 -9.03 40.00
CA SER B 346 40.99 -9.56 39.88
C SER B 346 40.97 -10.94 39.22
N LEU B 347 39.89 -11.70 39.42
CA LEU B 347 39.73 -12.98 38.72
C LEU B 347 39.59 -12.78 37.21
N VAL B 348 38.81 -11.78 36.82
CA VAL B 348 38.65 -11.42 35.41
C VAL B 348 40.00 -10.96 34.87
N GLU B 349 40.70 -10.13 35.65
CA GLU B 349 42.04 -9.66 35.26
C GLU B 349 42.98 -10.83 34.97
N TYR B 350 43.04 -11.76 35.92
CA TYR B 350 43.90 -12.91 35.78
C TYR B 350 43.53 -13.78 34.58
N ALA B 351 42.23 -14.03 34.41
CA ALA B 351 41.77 -14.81 33.26
C ALA B 351 42.18 -14.15 31.95
N ARG B 352 42.06 -12.82 31.90
CA ARG B 352 42.44 -12.08 30.70
C ARG B 352 43.93 -12.22 30.44
N ASP B 353 44.72 -12.21 31.51
CA ASP B 353 46.16 -12.36 31.35
C ASP B 353 46.50 -13.74 30.78
N LYS B 354 45.62 -14.71 30.99
CA LYS B 354 45.83 -16.05 30.50
C LYS B 354 45.12 -16.34 29.18
N GLY B 355 44.51 -15.30 28.59
CA GLY B 355 43.79 -15.46 27.33
C GLY B 355 42.47 -16.19 27.48
N VAL B 356 41.80 -15.95 28.61
CA VAL B 356 40.53 -16.61 28.92
C VAL B 356 39.49 -15.56 29.36
N GLU B 357 38.24 -15.74 28.95
CA GLU B 357 37.18 -14.87 29.44
C GLU B 357 36.12 -15.68 30.20
N LEU B 358 35.29 -15.00 30.98
CA LEU B 358 34.40 -15.70 31.92
C LEU B 358 32.91 -15.60 31.63
N PHE B 359 32.19 -16.67 31.97
CA PHE B 359 30.75 -16.67 32.09
C PHE B 359 30.43 -16.73 33.59
N LEU B 360 29.50 -15.91 34.05
CA LEU B 360 29.12 -15.96 35.46
C LEU B 360 27.69 -16.42 35.65
N TRP B 361 27.49 -17.28 36.65
CA TRP B 361 26.18 -17.84 36.98
C TRP B 361 25.31 -16.85 37.74
N TYR B 362 24.06 -16.70 37.31
CA TYR B 362 23.06 -15.95 38.05
C TYR B 362 21.79 -16.78 38.18
N SER B 363 21.08 -16.60 39.28
CA SER B 363 19.73 -17.12 39.34
C SER B 363 18.77 -16.12 38.71
N SER B 364 17.85 -16.62 37.88
CA SER B 364 16.76 -15.78 37.40
C SER B 364 15.82 -15.44 38.55
N SER B 365 15.86 -16.27 39.59
CA SER B 365 14.80 -16.30 40.58
C SER B 365 14.80 -15.12 41.53
N GLY B 366 13.63 -14.50 41.60
CA GLY B 366 13.34 -13.54 42.63
C GLY B 366 12.21 -14.05 43.51
N TYR B 367 11.05 -14.31 42.92
CA TYR B 367 9.83 -14.46 43.70
C TYR B 367 8.97 -15.72 43.48
N TRP B 368 9.51 -16.77 42.87
CA TRP B 368 8.67 -17.93 42.55
C TRP B 368 9.14 -19.28 43.08
N ASN B 369 10.29 -19.33 43.73
CA ASN B 369 10.82 -20.59 44.27
C ASN B 369 11.51 -20.43 45.61
N ASP B 370 12.25 -21.46 46.02
CA ASP B 370 13.00 -21.43 47.29
C ASP B 370 14.52 -21.47 47.08
N ILE B 371 14.98 -21.02 45.92
CA ILE B 371 16.42 -21.03 45.63
C ILE B 371 17.20 -20.02 46.48
N GLU B 372 18.26 -20.52 47.12
CA GLU B 372 19.16 -19.69 47.91
C GLU B 372 20.51 -19.48 47.22
N GLN B 373 21.01 -20.53 46.58
CA GLN B 373 22.29 -20.45 45.87
C GLN B 373 22.30 -19.27 44.91
N GLY B 374 23.32 -18.43 45.04
CA GLY B 374 23.33 -17.11 44.43
C GLY B 374 24.30 -16.92 43.28
N PRO B 375 24.35 -15.69 42.73
CA PRO B 375 23.56 -14.55 43.21
C PRO B 375 22.09 -14.57 42.80
N VAL B 376 21.23 -14.23 43.77
CA VAL B 376 19.80 -14.11 43.51
C VAL B 376 19.39 -12.64 43.41
N ASN B 377 18.27 -12.38 42.74
CA ASN B 377 17.66 -11.06 42.66
C ASN B 377 18.48 -10.03 41.89
N ARG B 378 19.30 -10.49 40.95
CA ARG B 378 20.05 -9.57 40.10
C ARG B 378 19.54 -9.59 38.67
N MET B 379 18.49 -10.38 38.42
CA MET B 379 18.04 -10.62 37.06
C MET B 379 16.53 -10.40 36.80
N ASP B 380 15.74 -10.29 37.86
CA ASP B 380 14.29 -10.19 37.69
C ASP B 380 13.79 -8.74 37.65
N ASN B 381 14.58 -7.82 38.20
CA ASN B 381 14.20 -6.41 38.22
C ASN B 381 15.05 -5.63 37.22
N ALA B 382 14.40 -5.00 36.24
CA ALA B 382 15.10 -4.38 35.11
C ALA B 382 16.15 -3.37 35.58
N ILE B 383 15.82 -2.55 36.56
CA ILE B 383 16.77 -1.58 37.13
C ILE B 383 18.04 -2.26 37.69
N ILE B 384 17.81 -3.20 38.59
CA ILE B 384 18.89 -3.94 39.22
C ILE B 384 19.65 -4.78 38.18
N ARG B 385 18.92 -5.32 37.21
CA ARG B 385 19.52 -6.14 36.16
C ARG B 385 20.46 -5.33 35.28
N LYS B 386 20.02 -4.15 34.86
CA LYS B 386 20.85 -3.30 34.02
C LYS B 386 22.06 -2.75 34.80
N ARG B 387 21.86 -2.45 36.08
CA ARG B 387 22.99 -2.08 36.95
C ARG B 387 24.06 -3.19 36.98
N GLU B 388 23.58 -4.40 37.21
CA GLU B 388 24.40 -5.59 37.25
C GLU B 388 25.16 -5.80 35.93
N MET B 389 24.45 -5.67 34.81
CA MET B 389 25.02 -5.92 33.49
C MET B 389 26.00 -4.83 33.06
N LYS B 390 25.78 -3.61 33.51
CA LYS B 390 26.74 -2.51 33.36
C LYS B 390 28.04 -2.84 34.11
N TRP B 391 27.91 -3.29 35.36
CA TRP B 391 29.08 -3.78 36.09
C TRP B 391 29.80 -4.89 35.32
N LEU B 392 29.02 -5.88 34.88
CA LEU B 392 29.51 -7.03 34.14
C LEU B 392 30.29 -6.62 32.89
N GLN B 393 29.72 -5.70 32.12
CA GLN B 393 30.33 -5.23 30.88
C GLN B 393 31.59 -4.42 31.15
N SER B 394 31.54 -3.62 32.22
CA SER B 394 32.70 -2.83 32.65
C SER B 394 33.88 -3.72 33.05
N LEU B 395 33.59 -4.89 33.62
CA LEU B 395 34.66 -5.84 33.94
C LEU B 395 35.18 -6.58 32.71
N GLY B 396 34.35 -6.66 31.68
CA GLY B 396 34.70 -7.40 30.48
C GLY B 396 34.24 -8.85 30.52
N VAL B 397 33.29 -9.16 31.40
CA VAL B 397 32.66 -10.48 31.41
C VAL B 397 31.88 -10.67 30.11
N LYS B 398 31.96 -11.86 29.51
CA LYS B 398 31.41 -12.05 28.18
C LYS B 398 30.09 -12.83 28.13
N GLY B 399 29.68 -13.44 29.24
CA GLY B 399 28.46 -14.20 29.24
C GLY B 399 27.86 -14.48 30.60
N ILE B 400 26.56 -14.79 30.63
CA ILE B 400 25.93 -15.19 31.86
C ILE B 400 25.16 -16.49 31.68
N LYS B 401 25.15 -17.30 32.73
CA LYS B 401 24.35 -18.51 32.80
C LYS B 401 23.24 -18.32 33.85
N VAL B 402 21.98 -18.27 33.38
CA VAL B 402 20.85 -17.91 34.25
C VAL B 402 19.89 -19.08 34.48
N ASP B 403 19.60 -19.37 35.74
CA ASP B 403 19.00 -20.64 36.15
C ASP B 403 17.66 -20.49 36.87
N PHE B 404 16.95 -21.62 36.99
CA PHE B 404 15.78 -21.76 37.86
C PHE B 404 14.60 -20.82 37.52
N PHE B 405 14.12 -20.91 36.28
CA PHE B 405 12.96 -20.13 35.83
C PHE B 405 11.63 -20.72 36.30
N GLY B 406 10.56 -19.94 36.17
CA GLY B 406 9.27 -20.27 36.73
C GLY B 406 8.27 -21.02 35.86
N GLY B 407 8.69 -21.48 34.69
CA GLY B 407 7.81 -22.26 33.85
C GLY B 407 7.51 -21.65 32.49
N ASP B 408 6.34 -21.99 31.96
CA ASP B 408 5.98 -21.68 30.57
C ASP B 408 4.99 -20.54 30.40
N LYS B 409 4.57 -19.93 31.50
CA LYS B 409 3.63 -18.82 31.44
C LYS B 409 4.20 -17.62 30.71
N GLN B 410 3.33 -16.82 30.12
CA GLN B 410 3.73 -15.66 29.33
C GLN B 410 4.58 -14.69 30.14
N GLU B 411 4.24 -14.54 31.43
CA GLU B 411 5.01 -13.73 32.37
C GLU B 411 6.50 -14.15 32.38
N THR B 412 6.70 -15.45 32.33
CA THR B 412 8.05 -16.00 32.31
C THR B 412 8.74 -15.79 30.96
N MET B 413 7.99 -15.96 29.88
CA MET B 413 8.51 -15.71 28.53
C MET B 413 9.02 -14.27 28.45
N ARG B 414 8.21 -13.36 29.00
CA ARG B 414 8.55 -11.95 29.11
C ARG B 414 9.88 -11.82 29.82
N LEU B 415 10.04 -12.54 30.93
CA LEU B 415 11.31 -12.42 31.66
C LEU B 415 12.52 -12.88 30.83
N TYR B 416 12.42 -14.06 30.22
CA TYR B 416 13.45 -14.58 29.32
C TYR B 416 13.88 -13.52 28.31
N GLU B 417 12.88 -12.98 27.62
CA GLU B 417 13.10 -12.03 26.54
C GLU B 417 13.77 -10.76 27.01
N ASP B 418 13.26 -10.17 28.09
CA ASP B 418 13.84 -8.95 28.64
C ASP B 418 15.29 -9.16 29.08
N ILE B 419 15.57 -10.33 29.67
CA ILE B 419 16.92 -10.65 30.08
C ILE B 419 17.85 -10.69 28.86
N LEU B 420 17.40 -11.38 27.81
CA LEU B 420 18.17 -11.43 26.57
C LEU B 420 18.41 -10.03 25.99
N SER B 421 17.40 -9.18 26.08
CA SER B 421 17.47 -7.87 25.46
C SER B 421 18.48 -6.97 26.16
N ASP B 422 18.36 -6.88 27.49
CA ASP B 422 19.32 -6.09 28.27
C ASP B 422 20.75 -6.67 28.15
N ALA B 423 20.84 -7.99 28.18
CA ALA B 423 22.13 -8.66 28.01
C ALA B 423 22.79 -8.22 26.71
N ASP B 424 22.06 -8.31 25.59
CA ASP B 424 22.60 -7.86 24.32
C ASP B 424 22.99 -6.38 24.38
N ASP B 425 22.19 -5.58 25.09
CA ASP B 425 22.54 -4.17 25.27
C ASP B 425 23.88 -4.02 25.99
N HIS B 426 24.28 -5.03 26.74
CA HIS B 426 25.58 -4.96 27.41
C HIS B 426 26.61 -5.96 26.86
N GLY B 427 26.43 -6.35 25.60
CA GLY B 427 27.39 -7.23 24.92
C GLY B 427 27.57 -8.59 25.58
N LEU B 428 26.50 -9.13 26.15
CA LEU B 428 26.58 -10.41 26.86
C LEU B 428 25.86 -11.56 26.17
N MET B 429 26.53 -12.70 26.04
CA MET B 429 25.87 -13.93 25.65
C MET B 429 25.11 -14.49 26.86
N VAL B 430 24.06 -15.25 26.60
CA VAL B 430 23.23 -15.80 27.67
C VAL B 430 23.00 -17.29 27.54
N ILE B 431 23.36 -18.04 28.59
CA ILE B 431 22.95 -19.44 28.71
C ILE B 431 21.78 -19.57 29.69
N PHE B 432 20.78 -20.35 29.32
CA PHE B 432 19.68 -20.65 30.22
C PHE B 432 19.79 -22.06 30.78
N HIS B 433 19.47 -22.18 32.07
CA HIS B 433 19.37 -23.46 32.74
C HIS B 433 18.08 -23.45 33.55
N GLY B 434 17.64 -24.63 33.98
CA GLY B 434 16.42 -24.75 34.77
C GLY B 434 15.28 -24.11 34.05
N CYS B 435 15.16 -24.46 32.78
CA CYS B 435 14.44 -23.63 31.83
C CYS B 435 13.56 -24.44 30.90
N THR B 436 12.80 -23.73 30.07
CA THR B 436 11.93 -24.35 29.09
C THR B 436 12.68 -24.60 27.78
N LEU B 437 12.05 -25.36 26.87
CA LEU B 437 12.62 -25.63 25.56
C LEU B 437 12.81 -24.33 24.78
N PRO B 438 13.94 -24.20 24.09
CA PRO B 438 14.09 -23.03 23.22
C PRO B 438 13.18 -23.17 22.00
N ARG B 439 12.52 -22.09 21.60
CA ARG B 439 11.57 -22.18 20.50
C ARG B 439 11.98 -21.31 19.32
N GLY B 440 13.04 -21.74 18.63
CA GLY B 440 13.60 -21.01 17.51
C GLY B 440 14.42 -19.82 17.97
N TRP B 441 14.88 -19.88 19.22
CA TRP B 441 15.51 -18.75 19.92
C TRP B 441 16.89 -18.35 19.40
N GLU B 442 17.59 -19.27 18.72
CA GLU B 442 18.88 -18.93 18.12
C GLU B 442 18.71 -17.84 17.07
N ARG B 443 17.64 -17.97 16.29
CA ARG B 443 17.36 -16.99 15.26
C ARG B 443 16.73 -15.73 15.81
N MET B 444 15.74 -15.90 16.69
CA MET B 444 15.02 -14.78 17.28
C MET B 444 15.90 -13.85 18.11
N TYR B 445 16.88 -14.41 18.81
CA TYR B 445 17.72 -13.62 19.69
C TYR B 445 19.21 -13.82 19.40
N PRO B 446 19.86 -12.79 18.84
CA PRO B 446 21.27 -12.81 18.41
C PRO B 446 22.27 -13.18 19.51
N ASN B 447 21.97 -12.92 20.78
CA ASN B 447 22.94 -13.21 21.84
C ASN B 447 22.57 -14.46 22.63
N TYR B 448 21.55 -15.18 22.18
CA TYR B 448 21.17 -16.45 22.81
C TYR B 448 22.14 -17.55 22.43
N VAL B 449 22.74 -18.20 23.42
CA VAL B 449 23.74 -19.23 23.09
C VAL B 449 23.49 -20.59 23.74
N GLY B 450 22.22 -20.93 23.96
CA GLY B 450 21.88 -22.28 24.38
C GLY B 450 21.09 -22.45 25.66
N SER B 451 20.50 -23.63 25.80
CA SER B 451 19.63 -23.93 26.93
C SER B 451 19.83 -25.35 27.42
N GLU B 452 19.48 -25.58 28.69
CA GLU B 452 19.55 -26.92 29.26
C GLU B 452 18.30 -27.68 28.81
N ALA B 453 17.20 -27.51 29.55
CA ALA B 453 15.91 -28.11 29.22
C ALA B 453 16.05 -29.59 28.85
N VAL B 454 16.83 -30.29 29.65
CA VAL B 454 17.09 -31.71 29.45
C VAL B 454 17.76 -32.25 30.70
N LEU B 455 17.71 -33.55 30.92
CA LEU B 455 18.49 -34.15 31.99
C LEU B 455 19.96 -34.12 31.58
N ALA B 456 20.68 -33.08 32.01
CA ALA B 456 22.06 -32.86 31.61
C ALA B 456 23.04 -33.73 32.41
N SER B 457 24.33 -33.64 32.09
CA SER B 457 25.35 -34.50 32.70
C SER B 457 25.43 -34.42 34.22
N GLU B 458 24.95 -33.32 34.80
CA GLU B 458 24.93 -33.15 36.25
C GLU B 458 24.24 -34.34 36.93
N ASN B 459 23.23 -34.89 36.28
CA ASN B 459 22.47 -35.98 36.85
C ASN B 459 23.33 -37.25 36.97
N MET B 460 24.24 -37.42 36.01
CA MET B 460 25.18 -38.54 36.04
C MET B 460 26.07 -38.43 37.25
N VAL B 461 26.40 -37.20 37.64
CA VAL B 461 27.18 -36.99 38.85
C VAL B 461 26.34 -37.35 40.08
N PHE B 462 25.05 -37.02 40.02
CA PHE B 462 24.17 -37.16 41.16
C PHE B 462 23.73 -38.60 41.43
N ASN B 463 23.53 -39.37 40.37
CA ASN B 463 22.86 -40.65 40.46
C ASN B 463 23.39 -41.68 39.45
N GLN B 464 23.75 -42.85 39.95
CA GLN B 464 24.31 -43.93 39.12
C GLN B 464 23.34 -44.33 38.01
N HIS B 465 22.05 -44.17 38.30
CA HIS B 465 20.99 -44.47 37.35
C HIS B 465 21.24 -43.78 36.03
N PHE B 466 21.56 -42.49 36.08
CA PHE B 466 21.78 -41.72 34.86
C PHE B 466 23.12 -42.01 34.17
N CYS B 467 24.07 -42.56 34.91
CA CYS B 467 25.28 -43.09 34.29
C CYS B 467 24.92 -44.32 33.48
N ASP B 468 24.05 -45.16 34.03
CA ASP B 468 23.62 -46.38 33.36
C ASP B 468 22.76 -46.11 32.14
N GLU B 469 22.05 -44.99 32.15
CA GLU B 469 21.10 -44.67 31.10
C GLU B 469 21.68 -43.69 30.07
N GLU B 470 22.93 -43.30 30.28
CA GLU B 470 23.58 -42.29 29.46
C GLU B 470 23.52 -42.56 27.96
N ALA B 471 23.91 -43.76 27.55
CA ALA B 471 23.97 -44.12 26.14
C ALA B 471 22.59 -44.05 25.49
N PHE B 472 21.59 -44.54 26.21
CA PHE B 472 20.20 -44.51 25.76
C PHE B 472 19.73 -43.09 25.40
N ASN B 473 19.87 -42.19 26.36
CA ASN B 473 19.47 -40.79 26.16
C ASN B 473 20.34 -40.09 25.13
N THR B 474 21.62 -40.43 25.11
CA THR B 474 22.53 -39.93 24.08
C THR B 474 22.00 -40.33 22.70
N CYS B 475 21.41 -41.51 22.62
CA CYS B 475 20.84 -42.00 21.36
C CYS B 475 19.40 -41.52 21.17
N LEU B 476 18.90 -40.75 22.12
CA LEU B 476 17.62 -40.07 21.93
C LEU B 476 17.79 -38.62 21.44
N HIS B 477 18.74 -37.90 22.05
CA HIS B 477 18.85 -36.45 21.86
C HIS B 477 18.96 -35.93 20.41
N PRO B 478 19.74 -36.60 19.54
CA PRO B 478 19.82 -36.08 18.17
C PRO B 478 18.51 -36.19 17.40
N PHE B 479 17.65 -37.11 17.82
CA PHE B 479 16.37 -37.29 17.17
C PHE B 479 15.26 -36.42 17.75
N ILE B 480 15.43 -35.97 18.99
CA ILE B 480 14.33 -35.32 19.71
C ILE B 480 14.70 -33.94 20.28
N ARG B 481 15.18 -33.89 21.53
CA ARG B 481 15.43 -32.62 22.25
C ARG B 481 16.38 -31.67 21.52
N ASN B 482 17.50 -32.20 21.06
CA ASN B 482 18.57 -31.38 20.51
C ASN B 482 18.37 -30.98 19.05
N THR B 483 17.51 -31.70 18.34
CA THR B 483 17.25 -31.41 16.92
C THR B 483 16.49 -30.09 16.68
N VAL B 484 15.69 -29.66 17.65
CA VAL B 484 14.93 -28.42 17.50
C VAL B 484 15.60 -27.21 18.15
N GLY B 485 16.77 -27.42 18.74
CA GLY B 485 17.46 -26.30 19.37
C GLY B 485 18.69 -26.67 20.14
N SER B 486 19.51 -25.65 20.44
CA SER B 486 20.75 -25.81 21.20
C SER B 486 20.48 -26.47 22.56
N MET B 487 21.35 -27.41 22.91
CA MET B 487 21.26 -28.14 24.16
C MET B 487 22.57 -28.07 24.96
N GLU B 488 22.54 -27.33 26.07
CA GLU B 488 23.72 -27.19 26.92
C GLU B 488 23.81 -28.38 27.86
N PHE B 489 24.47 -29.44 27.38
CA PHE B 489 24.42 -30.74 28.05
C PHE B 489 25.52 -30.88 29.10
N GLY B 490 26.66 -30.22 28.87
CA GLY B 490 27.79 -30.32 29.78
C GLY B 490 28.47 -31.68 29.68
N GLY B 491 28.50 -32.24 28.48
CA GLY B 491 29.00 -33.59 28.24
C GLY B 491 30.50 -33.78 28.18
N CYS B 492 30.90 -34.99 27.77
CA CYS B 492 32.29 -35.44 27.71
C CYS B 492 32.94 -35.55 29.09
N LEU B 493 32.57 -36.59 29.83
CA LEU B 493 33.23 -36.90 31.11
C LEU B 493 34.33 -37.93 30.91
N LEU B 494 35.57 -37.50 31.07
CA LEU B 494 36.69 -38.41 30.86
C LEU B 494 37.16 -38.96 32.20
N ASN B 495 36.71 -38.35 33.29
CA ASN B 495 36.80 -38.98 34.60
C ASN B 495 36.03 -40.29 34.51
N LYS B 496 36.51 -41.30 35.20
CA LYS B 496 35.85 -42.59 35.29
C LYS B 496 34.95 -42.64 36.51
N ARG B 497 35.35 -41.89 37.53
CA ARG B 497 34.60 -41.74 38.76
C ARG B 497 34.27 -40.27 38.91
N LEU B 498 32.99 -39.98 39.14
CA LEU B 498 32.48 -38.63 38.98
C LEU B 498 32.59 -37.82 40.27
N ASN B 499 33.81 -37.62 40.73
CA ASN B 499 34.08 -36.73 41.86
C ASN B 499 35.42 -36.03 41.63
N ARG B 500 35.83 -35.18 42.58
CA ARG B 500 37.02 -34.33 42.38
C ARG B 500 38.33 -35.11 42.25
N ASN B 501 38.52 -36.11 43.08
CA ASN B 501 39.77 -36.86 43.07
C ASN B 501 39.74 -38.04 42.10
N ASN B 502 38.65 -38.15 41.34
CA ASN B 502 38.51 -39.21 40.34
C ASN B 502 38.67 -40.59 40.96
N ASP B 503 38.09 -40.78 42.14
CA ASP B 503 38.25 -42.04 42.88
C ASP B 503 37.02 -42.40 43.71
N GLY B 504 35.90 -41.73 43.45
CA GLY B 504 34.67 -42.01 44.16
C GLY B 504 33.44 -41.49 43.43
N GLY B 505 32.29 -41.58 44.09
CA GLY B 505 31.03 -41.20 43.47
C GLY B 505 30.56 -42.24 42.47
N THR B 506 29.75 -41.80 41.51
CA THR B 506 29.17 -42.71 40.53
C THR B 506 30.23 -43.16 39.52
N THR B 507 29.91 -44.18 38.75
CA THR B 507 30.86 -44.78 37.81
C THR B 507 30.36 -44.68 36.36
N ARG B 508 31.13 -43.99 35.53
CA ARG B 508 30.82 -43.91 34.11
C ARG B 508 30.78 -45.31 33.48
N ARG B 509 29.76 -45.54 32.65
CA ARG B 509 29.58 -46.84 32.01
C ARG B 509 30.00 -46.85 30.55
N THR B 510 30.30 -45.67 30.01
CA THR B 510 30.65 -45.56 28.59
C THR B 510 32.15 -45.36 28.38
N THR B 511 32.61 -45.56 27.15
CA THR B 511 34.03 -45.49 26.84
C THR B 511 34.49 -44.04 26.61
N ASP B 512 35.80 -43.82 26.57
CA ASP B 512 36.34 -42.49 26.29
C ASP B 512 35.92 -42.00 24.90
N VAL B 513 35.96 -42.92 23.95
CA VAL B 513 35.63 -42.61 22.56
C VAL B 513 34.15 -42.28 22.43
N PHE B 514 33.32 -42.95 23.23
CA PHE B 514 31.91 -42.58 23.36
C PHE B 514 31.80 -41.09 23.68
N GLN B 515 32.51 -40.65 24.72
CA GLN B 515 32.46 -39.26 25.17
C GLN B 515 32.90 -38.30 24.06
N LEU B 516 34.01 -38.66 23.42
CA LEU B 516 34.56 -37.86 22.33
C LEU B 516 33.48 -37.71 21.26
N ALA B 517 32.83 -38.82 20.93
CA ALA B 517 31.73 -38.84 19.97
C ALA B 517 30.59 -37.92 20.40
N THR B 518 30.30 -37.87 21.69
CA THR B 518 29.22 -37.02 22.18
C THR B 518 29.56 -35.54 22.03
N THR B 519 30.84 -35.21 21.93
CA THR B 519 31.17 -33.81 21.66
C THR B 519 30.74 -33.40 20.24
N VAL B 520 30.57 -34.39 19.37
CA VAL B 520 30.08 -34.14 18.02
C VAL B 520 28.55 -34.36 17.90
N LEU B 521 28.04 -35.37 18.59
CA LEU B 521 26.63 -35.72 18.55
C LEU B 521 25.73 -34.62 19.12
N LEU B 522 26.14 -34.05 20.25
CA LEU B 522 25.29 -33.09 20.97
C LEU B 522 25.75 -31.65 20.71
N GLN B 523 24.86 -30.84 20.14
CA GLN B 523 25.23 -29.51 19.67
C GLN B 523 24.90 -28.37 20.64
N ASN B 524 25.88 -27.51 20.88
CA ASN B 524 25.69 -26.26 21.59
C ASN B 524 26.82 -25.31 21.27
N PRO B 525 26.50 -24.04 21.00
CA PRO B 525 27.49 -23.07 20.54
C PRO B 525 28.58 -22.82 21.57
N VAL B 526 28.17 -22.71 22.83
CA VAL B 526 29.12 -22.57 23.91
C VAL B 526 29.10 -23.86 24.71
N GLN B 527 30.15 -24.64 24.57
CA GLN B 527 30.25 -25.91 25.26
C GLN B 527 31.05 -25.80 26.55
N ASN B 528 30.40 -26.05 27.68
CA ASN B 528 31.12 -26.23 28.93
C ASN B 528 31.23 -27.72 29.22
N PHE B 529 32.25 -28.35 28.65
CA PHE B 529 32.46 -29.78 28.80
C PHE B 529 32.82 -30.12 30.25
N ALA B 530 32.59 -31.36 30.65
CA ALA B 530 32.86 -31.76 32.03
C ALA B 530 34.28 -32.28 32.20
N LEU B 531 35.25 -31.58 31.64
CA LEU B 531 36.66 -31.92 31.85
C LEU B 531 37.13 -31.42 33.22
N ALA B 532 38.29 -31.91 33.64
CA ALA B 532 38.93 -31.46 34.87
C ALA B 532 40.45 -31.45 34.66
N PRO B 533 41.18 -30.60 35.42
CA PRO B 533 42.64 -30.47 35.25
C PRO B 533 43.38 -31.81 35.35
N ASN B 534 42.97 -32.65 36.29
CA ASN B 534 43.59 -33.97 36.45
C ASN B 534 43.53 -34.83 35.19
N ASN B 535 42.62 -34.50 34.28
CA ASN B 535 42.50 -35.24 33.02
C ASN B 535 43.74 -35.07 32.15
N LEU B 536 44.48 -33.99 32.35
CA LEU B 536 45.71 -33.80 31.58
C LEU B 536 46.79 -34.77 32.08
N LYS B 537 46.53 -35.41 33.21
CA LYS B 537 47.45 -36.41 33.76
C LYS B 537 46.91 -37.83 33.63
N ASP B 538 45.60 -38.03 33.83
CA ASP B 538 45.05 -39.38 33.92
C ASP B 538 44.17 -39.78 32.73
N VAL B 539 44.19 -38.99 31.67
CA VAL B 539 43.46 -39.34 30.46
C VAL B 539 44.46 -39.45 29.30
N PRO B 540 44.37 -40.55 28.53
CA PRO B 540 45.24 -40.81 27.37
C PRO B 540 45.37 -39.59 26.44
N ALA B 541 46.59 -39.34 25.98
CA ALA B 541 46.92 -38.10 25.29
C ALA B 541 46.07 -37.82 24.06
N VAL B 542 45.67 -38.87 23.33
CA VAL B 542 44.91 -38.69 22.09
C VAL B 542 43.54 -38.07 22.34
N CYS B 543 42.96 -38.37 23.51
CA CYS B 543 41.67 -37.83 23.91
C CYS B 543 41.77 -36.33 24.18
N MET B 544 42.75 -35.93 24.98
CA MET B 544 42.93 -34.52 25.33
C MET B 544 43.39 -33.72 24.12
N ASP B 545 44.14 -34.38 23.24
CA ASP B 545 44.55 -33.78 21.98
C ASP B 545 43.33 -33.48 21.13
N PHE B 546 42.43 -34.45 21.00
CA PHE B 546 41.18 -34.19 20.29
C PHE B 546 40.37 -33.07 20.93
N MET B 547 40.21 -33.14 22.25
CA MET B 547 39.40 -32.16 22.97
C MET B 547 39.96 -30.74 22.82
N LYS B 548 41.26 -30.63 22.62
CA LYS B 548 41.86 -29.32 22.40
C LYS B 548 41.40 -28.67 21.08
N ARG B 549 41.04 -29.51 20.12
CA ARG B 549 40.64 -29.05 18.78
C ARG B 549 39.15 -29.19 18.46
N VAL B 550 38.37 -29.68 19.40
CA VAL B 550 36.96 -29.95 19.11
C VAL B 550 36.19 -28.66 18.73
N PRO B 551 35.38 -28.72 17.66
CA PRO B 551 34.54 -27.57 17.32
C PRO B 551 33.21 -27.58 18.06
N THR B 552 32.56 -26.42 18.12
CA THR B 552 31.26 -26.30 18.78
C THR B 552 30.22 -25.71 17.84
N THR B 553 30.66 -25.32 16.65
CA THR B 553 29.77 -24.73 15.65
C THR B 553 29.87 -25.50 14.34
N TRP B 554 28.81 -25.47 13.53
CA TRP B 554 28.75 -26.30 12.34
C TRP B 554 28.17 -25.59 11.12
N ASP B 555 28.63 -26.01 9.95
CA ASP B 555 28.11 -25.51 8.68
C ASP B 555 27.07 -26.44 8.08
N GLU B 556 27.09 -27.70 8.50
CA GLU B 556 26.24 -28.72 7.88
C GLU B 556 26.15 -29.99 8.73
N THR B 557 25.00 -30.64 8.70
CA THR B 557 24.74 -31.85 9.48
C THR B 557 24.09 -32.92 8.63
N ARG B 558 24.63 -34.14 8.68
CA ARG B 558 24.08 -35.24 7.90
C ARG B 558 23.75 -36.43 8.79
N PHE B 559 22.51 -36.89 8.71
CA PHE B 559 22.14 -38.12 9.38
C PHE B 559 22.60 -39.30 8.55
N VAL B 560 23.37 -40.19 9.15
CA VAL B 560 23.88 -41.34 8.42
C VAL B 560 23.07 -42.60 8.73
N ASP B 561 22.90 -42.90 10.01
CA ASP B 561 22.11 -44.07 10.40
C ASP B 561 21.71 -44.00 11.87
N GLY B 562 20.80 -44.86 12.30
CA GLY B 562 20.46 -44.90 13.71
C GLY B 562 19.03 -45.26 14.02
N TYR B 563 18.76 -45.44 15.31
CA TYR B 563 17.42 -45.64 15.84
C TYR B 563 17.40 -45.10 17.25
N PRO B 564 16.36 -44.30 17.59
CA PRO B 564 16.25 -43.60 18.87
C PRO B 564 16.30 -44.54 20.07
N GLY B 565 17.30 -44.33 20.93
CA GLY B 565 17.49 -45.14 22.12
C GLY B 565 18.37 -46.35 21.87
N LYS B 566 18.69 -46.62 20.61
CA LYS B 566 19.49 -47.80 20.29
C LYS B 566 20.88 -47.43 19.79
N TYR B 567 20.95 -46.62 18.73
CA TYR B 567 22.27 -46.21 18.23
C TYR B 567 22.17 -44.99 17.36
N VAL B 568 23.28 -44.27 17.20
CA VAL B 568 23.21 -43.10 16.34
C VAL B 568 24.53 -42.82 15.61
N VAL B 569 24.40 -42.50 14.33
CA VAL B 569 25.53 -42.19 13.45
C VAL B 569 25.25 -40.94 12.62
N LEU B 570 25.96 -39.85 12.90
CA LEU B 570 25.77 -38.61 12.14
C LEU B 570 27.10 -37.90 11.84
N ALA B 571 27.12 -37.16 10.73
CA ALA B 571 28.30 -36.37 10.37
C ALA B 571 28.02 -34.86 10.35
N ARG B 572 28.95 -34.10 10.92
CA ARG B 572 28.85 -32.64 10.96
C ARG B 572 30.10 -32.01 10.37
N ARG B 573 29.91 -30.97 9.56
CA ARG B 573 31.01 -30.32 8.87
C ARG B 573 31.32 -28.92 9.41
N GLN B 574 32.60 -28.62 9.59
CA GLN B 574 33.04 -27.26 9.84
C GLN B 574 34.10 -26.89 8.80
N GLY B 575 33.77 -25.89 7.98
CA GLY B 575 34.60 -25.55 6.83
C GLY B 575 34.60 -26.75 5.90
N ASP B 576 35.78 -27.31 5.65
CA ASP B 576 35.88 -28.51 4.84
C ASP B 576 36.20 -29.74 5.65
N THR B 577 36.21 -29.60 6.97
CA THR B 577 36.54 -30.74 7.81
C THR B 577 35.25 -31.45 8.23
N TRP B 578 35.22 -32.75 7.96
CA TRP B 578 34.08 -33.60 8.33
C TRP B 578 34.36 -34.43 9.58
N TYR B 579 33.35 -34.43 10.46
CA TYR B 579 33.36 -35.20 11.69
C TYR B 579 32.22 -36.22 11.70
N LEU B 580 32.55 -37.51 11.66
CA LEU B 580 31.57 -38.55 11.81
C LEU B 580 31.61 -39.09 13.23
N ALA B 581 30.44 -39.17 13.84
CA ALA B 581 30.35 -39.66 15.20
C ALA B 581 29.26 -40.72 15.28
N ALA B 582 29.58 -41.81 15.96
CA ALA B 582 28.61 -42.88 16.15
C ALA B 582 28.73 -43.46 17.54
N VAL B 583 27.59 -43.77 18.16
CA VAL B 583 27.64 -44.51 19.43
C VAL B 583 26.57 -45.59 19.45
N ASN B 584 26.79 -46.58 20.31
CA ASN B 584 25.91 -47.74 20.40
C ASN B 584 25.38 -47.91 21.82
N ALA B 585 24.07 -47.88 21.98
CA ALA B 585 23.44 -48.05 23.28
C ALA B 585 22.88 -49.47 23.44
N GLY B 586 23.11 -50.31 22.44
CA GLY B 586 22.64 -51.68 22.49
C GLY B 586 23.43 -52.51 23.47
N LYS B 587 23.02 -53.75 23.69
CA LYS B 587 23.78 -54.66 24.54
C LYS B 587 24.58 -55.66 23.71
N GLU B 588 24.33 -55.67 22.41
CA GLU B 588 25.11 -56.48 21.49
C GLU B 588 26.03 -55.59 20.68
N PRO B 589 27.18 -56.13 20.22
CA PRO B 589 28.03 -55.36 19.32
C PRO B 589 27.24 -55.00 18.09
N LEU B 590 27.50 -53.83 17.52
CA LEU B 590 26.67 -53.38 16.41
C LEU B 590 27.51 -53.23 15.15
N LYS B 591 27.14 -53.94 14.09
CA LYS B 591 27.93 -53.89 12.87
C LYS B 591 27.25 -53.06 11.79
N LEU B 592 27.96 -52.03 11.34
CA LEU B 592 27.41 -51.07 10.39
C LEU B 592 28.13 -51.14 9.05
N LYS B 593 27.34 -51.20 7.98
CA LYS B 593 27.83 -50.97 6.64
C LYS B 593 27.25 -49.64 6.15
N LEU B 594 28.14 -48.65 6.06
CA LEU B 594 27.81 -47.26 5.84
C LEU B 594 28.25 -46.74 4.49
N ASP B 595 27.48 -45.76 3.99
CA ASP B 595 27.83 -45.01 2.81
C ASP B 595 28.34 -43.63 3.23
N LEU B 596 29.64 -43.42 3.14
CA LEU B 596 30.22 -42.17 3.59
C LEU B 596 30.74 -41.35 2.42
N GLU B 597 29.82 -40.69 1.76
CA GLU B 597 30.08 -39.79 0.64
C GLU B 597 31.17 -38.77 0.96
N MET B 598 31.05 -38.17 2.14
CA MET B 598 32.05 -37.30 2.74
C MET B 598 33.49 -37.78 2.55
N PHE B 599 33.73 -39.05 2.87
CA PHE B 599 35.09 -39.57 2.94
C PHE B 599 35.54 -40.28 1.67
N ALA B 600 34.71 -40.24 0.63
CA ALA B 600 35.12 -40.43 -0.77
C ALA B 600 36.32 -41.35 -0.95
N GLY B 601 37.42 -40.77 -1.40
CA GLY B 601 38.67 -41.49 -1.54
C GLY B 601 39.81 -40.93 -0.71
N LYS B 602 39.61 -40.87 0.61
CA LYS B 602 40.59 -40.27 1.51
C LYS B 602 40.96 -41.21 2.65
N THR B 603 42.02 -40.87 3.37
CA THR B 603 42.40 -41.58 4.57
C THR B 603 41.99 -40.74 5.78
N VAL B 604 41.09 -41.26 6.59
CA VAL B 604 40.54 -40.50 7.71
C VAL B 604 41.16 -40.93 9.04
N ALA B 605 41.15 -40.01 10.00
CA ALA B 605 41.57 -40.35 11.35
C ALA B 605 40.45 -41.07 12.07
N LEU B 606 40.74 -42.24 12.62
CA LEU B 606 39.69 -43.04 13.25
C LEU B 606 39.95 -43.25 14.74
N TYR B 607 39.01 -42.80 15.56
CA TYR B 607 39.01 -43.03 17.00
C TYR B 607 38.08 -44.18 17.28
N LYS B 608 38.61 -45.17 17.99
CA LYS B 608 37.91 -46.42 18.22
C LYS B 608 38.20 -46.99 19.60
N ASP B 609 37.31 -47.83 20.08
CA ASP B 609 37.59 -48.59 21.29
C ASP B 609 38.37 -49.84 20.91
N ASP B 610 39.45 -50.12 21.62
CA ASP B 610 40.14 -51.39 21.41
C ASP B 610 39.35 -52.45 22.16
N LYS B 611 39.69 -53.71 21.94
CA LYS B 611 39.00 -54.86 22.54
C LYS B 611 38.87 -54.76 24.07
N LYS B 612 39.74 -53.98 24.69
CA LYS B 612 39.73 -53.81 26.14
C LYS B 612 38.85 -52.63 26.57
N GLY B 613 38.44 -51.81 25.60
CA GLY B 613 37.60 -50.66 25.90
C GLY B 613 38.36 -49.34 25.96
N GLU B 614 39.66 -49.39 25.70
CA GLU B 614 40.51 -48.19 25.76
C GLU B 614 40.48 -47.39 24.46
N PRO B 615 40.74 -46.07 24.55
CA PRO B 615 40.73 -45.21 23.36
C PRO B 615 41.91 -45.49 22.46
N GLU B 616 41.68 -45.53 21.15
CA GLU B 616 42.75 -45.75 20.18
C GLU B 616 42.58 -44.85 18.96
N LEU B 617 43.65 -44.17 18.58
CA LEU B 617 43.66 -43.36 17.36
C LEU B 617 44.46 -44.04 16.27
N THR B 618 43.78 -44.39 15.19
CA THR B 618 44.41 -45.03 14.04
C THR B 618 44.03 -44.29 12.77
N SER B 619 44.35 -44.88 11.62
CA SER B 619 43.92 -44.33 10.33
C SER B 619 43.05 -45.37 9.62
N LEU B 620 42.16 -44.89 8.75
CA LEU B 620 41.32 -45.78 7.97
C LEU B 620 41.15 -45.21 6.57
N LYS B 621 41.58 -45.97 5.56
CA LYS B 621 41.46 -45.57 4.16
C LYS B 621 40.10 -45.92 3.57
N VAL B 622 39.40 -44.89 3.08
CA VAL B 622 38.10 -45.11 2.47
C VAL B 622 38.20 -45.04 0.94
N LYS B 623 37.85 -46.14 0.27
CA LYS B 623 37.92 -46.21 -1.19
C LYS B 623 36.76 -45.38 -1.77
N GLU B 624 36.90 -44.96 -3.02
CA GLU B 624 35.96 -44.07 -3.71
C GLU B 624 34.50 -44.52 -3.77
N ASN B 625 34.23 -45.80 -3.53
CA ASN B 625 32.84 -46.25 -3.48
C ASN B 625 32.16 -45.72 -2.22
N GLY B 626 32.96 -45.39 -1.22
CA GLY B 626 32.44 -44.81 0.00
C GLY B 626 31.97 -45.88 0.98
N LYS B 627 32.21 -47.14 0.65
CA LYS B 627 31.78 -48.24 1.49
C LYS B 627 32.66 -48.41 2.76
N VAL B 628 32.18 -47.87 3.88
CA VAL B 628 32.91 -48.08 5.12
C VAL B 628 32.16 -49.07 5.99
N GLN B 629 32.86 -49.97 6.66
CA GLN B 629 32.19 -50.84 7.61
C GLN B 629 32.90 -50.78 8.95
N LEU B 630 32.13 -50.76 10.04
CA LEU B 630 32.72 -50.60 11.37
C LEU B 630 31.87 -51.35 12.39
N GLU B 631 32.49 -51.81 13.46
CA GLU B 631 31.74 -52.40 14.57
C GLU B 631 31.90 -51.57 15.82
N ILE B 632 30.78 -51.30 16.48
CA ILE B 632 30.76 -50.49 17.69
C ILE B 632 30.26 -51.34 18.87
N ARG B 633 31.14 -51.54 19.84
CA ARG B 633 30.80 -52.24 21.07
C ARG B 633 29.71 -51.52 21.86
N PRO B 634 28.93 -52.27 22.65
CA PRO B 634 27.95 -51.66 23.56
C PRO B 634 28.60 -50.65 24.49
N GLN B 635 27.90 -49.54 24.75
CA GLN B 635 28.41 -48.43 25.56
C GLN B 635 29.63 -47.80 24.92
N GLY B 636 29.82 -48.05 23.63
CA GLY B 636 30.98 -47.54 22.92
C GLY B 636 30.67 -46.59 21.79
N GLY B 637 31.73 -46.14 21.13
CA GLY B 637 31.60 -45.16 20.06
C GLY B 637 32.75 -45.17 19.06
N ILE B 638 32.58 -44.37 18.01
CA ILE B 638 33.57 -44.26 16.95
C ILE B 638 33.56 -42.84 16.40
N LEU B 639 34.74 -42.34 16.04
CA LEU B 639 34.88 -41.00 15.48
C LEU B 639 35.79 -40.97 14.26
N CYS B 640 35.29 -40.47 13.12
CA CYS B 640 36.12 -40.34 11.94
C CYS B 640 36.28 -38.86 11.59
N ILE B 641 37.52 -38.42 11.41
CA ILE B 641 37.77 -37.01 11.13
C ILE B 641 38.63 -36.84 9.89
N LYS B 642 38.17 -35.97 8.98
CA LYS B 642 39.05 -35.53 7.91
C LYS B 642 38.53 -34.26 7.26
N HIS C 11 16.92 20.64 -78.62
CA HIS C 11 16.04 21.03 -79.72
C HIS C 11 14.64 20.45 -79.53
N MET C 12 14.57 19.13 -79.41
CA MET C 12 13.31 18.40 -79.34
C MET C 12 12.69 18.50 -77.95
N GLU C 13 11.55 19.15 -77.84
CA GLU C 13 10.92 19.43 -76.56
C GLU C 13 9.72 18.51 -76.30
N LEU C 14 9.66 17.91 -75.12
CA LEU C 14 8.63 16.94 -74.82
C LEU C 14 7.63 17.40 -73.75
N GLN C 15 7.77 18.62 -73.25
CA GLN C 15 6.90 19.04 -72.16
C GLN C 15 5.47 19.27 -72.63
N ASP C 16 4.52 18.74 -71.84
CA ASP C 16 3.11 18.93 -72.13
C ASP C 16 2.65 20.34 -71.79
N VAL C 17 3.17 20.87 -70.69
CA VAL C 17 2.81 22.20 -70.20
C VAL C 17 3.88 22.69 -69.21
N VAL C 18 3.99 24.01 -69.08
CA VAL C 18 4.97 24.63 -68.21
C VAL C 18 4.30 25.66 -67.31
N VAL C 19 4.66 25.69 -66.03
CA VAL C 19 4.17 26.72 -65.12
C VAL C 19 5.37 27.42 -64.49
N LYS C 20 5.27 28.74 -64.36
CA LYS C 20 6.36 29.55 -63.84
C LYS C 20 5.96 30.29 -62.58
N GLY C 21 6.95 30.61 -61.75
CA GLY C 21 6.74 31.50 -60.62
C GLY C 21 6.45 32.91 -61.12
N PRO C 22 6.00 33.80 -60.21
CA PRO C 22 5.64 35.16 -60.58
C PRO C 22 6.76 35.96 -61.28
N ASP C 23 8.01 35.81 -60.85
CA ASP C 23 9.08 36.51 -61.55
C ASP C 23 9.71 35.65 -62.65
N GLU C 24 9.13 34.47 -62.87
CA GLU C 24 9.49 33.57 -63.98
C GLU C 24 10.89 32.99 -63.92
N LYS C 25 11.59 33.19 -62.80
CA LYS C 25 12.92 32.60 -62.64
C LYS C 25 12.80 31.10 -62.40
N LEU C 26 11.84 30.73 -61.56
CA LEU C 26 11.57 29.34 -61.25
C LEU C 26 10.56 28.80 -62.26
N GLN C 27 10.92 27.71 -62.94
CA GLN C 27 10.04 27.10 -63.93
C GLN C 27 9.92 25.60 -63.72
N LEU C 28 8.69 25.10 -63.85
CA LEU C 28 8.39 23.67 -63.74
C LEU C 28 7.74 23.17 -65.03
N ALA C 29 8.23 22.04 -65.54
CA ALA C 29 7.69 21.46 -66.76
C ALA C 29 7.07 20.11 -66.48
N VAL C 30 5.97 19.80 -67.17
CA VAL C 30 5.25 18.55 -66.95
C VAL C 30 5.29 17.62 -68.17
N PHE C 31 5.62 16.36 -67.92
CA PHE C 31 5.76 15.36 -68.97
C PHE C 31 4.88 14.16 -68.65
N VAL C 32 3.73 14.09 -69.32
CA VAL C 32 2.81 12.99 -69.09
C VAL C 32 2.48 12.22 -70.36
N GLN C 33 2.04 12.95 -71.38
CA GLN C 33 1.66 12.35 -72.66
C GLN C 33 2.81 11.57 -73.28
N ASN C 34 2.51 10.35 -73.69
CA ASN C 34 3.46 9.46 -74.35
C ASN C 34 4.70 9.14 -73.52
N GLU C 35 4.61 9.34 -72.21
CA GLU C 35 5.69 8.96 -71.30
C GLU C 35 5.25 7.73 -70.55
N THR C 36 6.12 6.73 -70.50
CA THR C 36 5.83 5.50 -69.77
C THR C 36 5.62 5.84 -68.30
N LYS C 37 6.43 6.75 -67.81
CA LYS C 37 6.34 7.17 -66.42
C LYS C 37 6.22 8.69 -66.35
N PRO C 38 5.07 9.18 -65.86
CA PRO C 38 4.84 10.62 -65.72
C PRO C 38 5.89 11.30 -64.85
N CYS C 39 6.31 12.49 -65.25
CA CYS C 39 7.35 13.20 -64.51
C CYS C 39 7.25 14.70 -64.65
N TYR C 40 8.06 15.40 -63.88
CA TYR C 40 8.16 16.85 -63.95
C TYR C 40 9.63 17.19 -63.91
N SER C 41 9.99 18.43 -64.28
CA SER C 41 11.38 18.86 -64.11
C SER C 41 11.38 20.29 -63.65
N VAL C 42 12.45 20.70 -62.96
CA VAL C 42 12.51 22.05 -62.42
C VAL C 42 13.79 22.76 -62.80
N SER C 43 13.65 23.99 -63.27
CA SER C 43 14.79 24.83 -63.58
C SER C 43 14.69 26.17 -62.86
N TYR C 44 15.85 26.78 -62.59
CA TYR C 44 15.92 28.11 -61.99
C TYR C 44 16.99 28.93 -62.70
N ASN C 45 16.61 30.12 -63.15
CA ASN C 45 17.45 30.94 -64.03
C ASN C 45 18.07 30.16 -65.19
N GLY C 46 17.32 29.23 -65.76
CA GLY C 46 17.77 28.50 -66.93
C GLY C 46 18.66 27.32 -66.60
N LYS C 47 19.01 27.16 -65.33
CA LYS C 47 19.81 26.02 -64.90
C LYS C 47 18.91 24.92 -64.35
N THR C 48 19.16 23.68 -64.77
CA THR C 48 18.42 22.54 -64.26
C THR C 48 18.68 22.34 -62.77
N MET C 49 17.61 22.28 -61.98
CA MET C 49 17.74 22.07 -60.55
C MET C 49 17.23 20.69 -60.19
N LEU C 50 16.13 20.29 -60.81
CA LEU C 50 15.67 18.91 -60.76
C LEU C 50 15.50 18.34 -62.17
N GLU C 51 16.05 17.16 -62.39
CA GLU C 51 15.89 16.43 -63.64
C GLU C 51 14.49 15.86 -63.67
N LYS C 52 14.15 15.13 -64.74
CA LYS C 52 12.82 14.54 -64.83
C LYS C 52 12.57 13.61 -63.65
N SER C 53 11.62 14.03 -62.81
CA SER C 53 11.36 13.37 -61.54
C SER C 53 9.96 12.78 -61.54
N PRO C 54 9.83 11.52 -61.10
CA PRO C 54 8.60 10.74 -61.28
C PRO C 54 7.43 11.29 -60.50
N LEU C 55 6.24 11.12 -61.07
CA LEU C 55 4.99 11.48 -60.42
C LEU C 55 4.14 10.22 -60.35
N GLY C 56 3.12 10.25 -59.51
CA GLY C 56 2.10 9.22 -59.57
C GLY C 56 2.04 8.38 -58.33
N MET C 57 1.16 7.40 -58.33
CA MET C 57 0.95 6.58 -57.13
C MET C 57 0.20 5.31 -57.46
N ASN C 58 0.30 4.31 -56.59
CA ASN C 58 -0.47 3.08 -56.68
C ASN C 58 -1.43 2.95 -55.51
N THR C 59 -2.66 2.64 -55.89
CA THR C 59 -3.83 2.76 -55.03
C THR C 59 -4.77 1.55 -55.15
N ASN C 60 -5.53 1.24 -54.10
CA ASN C 60 -6.44 0.09 -54.15
C ASN C 60 -7.72 0.34 -54.97
N ILE C 61 -7.81 1.49 -55.63
CA ILE C 61 -8.86 1.71 -56.62
C ILE C 61 -8.25 1.86 -58.02
N GLY C 62 -6.93 1.80 -58.12
CA GLY C 62 -6.28 1.94 -59.42
C GLY C 62 -4.79 2.24 -59.41
N ASP C 63 -4.16 2.04 -60.56
CA ASP C 63 -2.73 2.30 -60.67
C ASP C 63 -2.52 3.59 -61.46
N PHE C 64 -1.74 4.50 -60.90
CA PHE C 64 -1.43 5.78 -61.53
C PHE C 64 0.08 5.99 -61.57
N THR C 65 0.80 4.98 -62.04
CA THR C 65 2.26 4.99 -62.05
C THR C 65 2.79 5.02 -63.49
N LYS C 66 2.03 4.41 -64.40
CA LYS C 66 2.47 4.22 -65.78
C LYS C 66 1.43 4.57 -66.85
N ASN C 67 1.90 5.15 -67.95
CA ASN C 67 1.08 5.35 -69.15
C ASN C 67 -0.18 6.19 -68.91
N LEU C 68 0.00 7.36 -68.34
CA LEU C 68 -1.11 8.29 -68.09
C LEU C 68 -1.36 9.24 -69.25
N LYS C 69 -2.59 9.78 -69.28
CA LYS C 69 -2.93 10.81 -70.23
C LYS C 69 -3.13 12.12 -69.48
N LEU C 70 -2.69 13.22 -70.08
CA LEU C 70 -3.07 14.54 -69.60
C LEU C 70 -4.29 14.94 -70.45
N THR C 71 -5.49 14.76 -69.89
CA THR C 71 -6.73 15.01 -70.62
C THR C 71 -7.04 16.51 -70.71
N GLY C 72 -6.53 17.26 -69.74
CA GLY C 72 -6.75 18.70 -69.73
C GLY C 72 -6.07 19.35 -68.55
N HIS C 73 -6.01 20.68 -68.58
CA HIS C 73 -5.38 21.43 -67.49
C HIS C 73 -5.97 22.83 -67.35
N SER C 74 -5.77 23.41 -66.17
CA SER C 74 -6.27 24.75 -65.88
C SER C 74 -5.21 25.56 -65.12
N VAL C 75 -5.30 26.88 -65.23
CA VAL C 75 -4.33 27.78 -64.59
C VAL C 75 -5.02 28.86 -63.77
N ASP C 76 -4.43 29.19 -62.62
CA ASP C 76 -4.97 30.28 -61.80
C ASP C 76 -3.87 31.07 -61.11
N LYS C 77 -4.22 32.26 -60.64
CA LYS C 77 -3.28 33.12 -59.95
C LYS C 77 -3.67 33.20 -58.48
N ILE C 78 -2.71 32.96 -57.59
CA ILE C 78 -2.98 33.16 -56.17
C ILE C 78 -2.26 34.41 -55.67
N ASP C 79 -3.02 35.27 -55.00
CA ASP C 79 -2.50 36.51 -54.46
C ASP C 79 -3.26 36.80 -53.17
N THR C 80 -2.66 36.44 -52.05
CA THR C 80 -3.35 36.57 -50.77
C THR C 80 -2.37 37.02 -49.69
N VAL C 81 -2.89 37.50 -48.58
CA VAL C 81 -2.05 37.89 -47.46
C VAL C 81 -2.53 37.13 -46.24
N TYR C 82 -1.61 36.58 -45.46
CA TYR C 82 -2.02 35.92 -44.22
C TYR C 82 -1.06 36.22 -43.07
N GLN C 83 -1.63 36.18 -41.87
CA GLN C 83 -0.86 36.42 -40.66
C GLN C 83 -0.62 35.11 -39.91
N GLN C 84 0.60 34.93 -39.40
CA GLN C 84 0.93 33.70 -38.72
C GLN C 84 1.89 33.92 -37.57
N THR C 85 1.51 33.50 -36.37
CA THR C 85 2.41 33.56 -35.22
C THR C 85 3.27 32.31 -35.13
N ARG C 86 4.31 32.34 -34.29
CA ARG C 86 5.14 31.16 -34.00
C ARG C 86 6.02 30.69 -35.16
N ILE C 87 6.25 31.56 -36.14
CA ILE C 87 7.19 31.25 -37.21
C ILE C 87 8.17 32.41 -37.43
N LYS C 88 9.00 32.28 -38.46
CA LYS C 88 10.10 33.22 -38.70
C LYS C 88 9.65 34.63 -39.14
N VAL C 89 8.39 34.75 -39.55
CA VAL C 89 7.86 36.04 -40.01
C VAL C 89 6.38 36.15 -39.62
N SER C 90 5.90 37.36 -39.36
CA SER C 90 4.53 37.52 -38.86
C SER C 90 3.50 37.89 -39.92
N ASN C 91 3.97 38.35 -41.08
CA ASN C 91 3.09 38.79 -42.15
C ASN C 91 3.57 38.25 -43.49
N VAL C 92 2.72 37.51 -44.20
CA VAL C 92 3.14 36.96 -45.49
C VAL C 92 2.23 37.39 -46.64
N HIS C 93 2.86 37.92 -47.68
CA HIS C 93 2.20 38.19 -48.95
C HIS C 93 2.49 37.04 -49.91
N TYR C 94 1.54 36.12 -50.01
CA TYR C 94 1.70 34.94 -50.82
C TYR C 94 1.24 35.21 -52.26
N ARG C 95 2.18 34.99 -53.19
CA ARG C 95 1.95 35.24 -54.59
C ARG C 95 2.48 34.04 -55.38
N ALA C 96 1.58 33.32 -56.05
CA ALA C 96 1.99 32.12 -56.77
C ALA C 96 1.13 31.86 -57.99
N ASN C 97 1.64 31.03 -58.89
CA ASN C 97 0.83 30.59 -60.02
C ASN C 97 0.47 29.12 -59.85
N GLU C 98 -0.79 28.79 -60.12
CA GLU C 98 -1.30 27.45 -59.89
C GLU C 98 -1.63 26.73 -61.19
N LEU C 99 -1.03 25.55 -61.35
CA LEU C 99 -1.31 24.66 -62.46
C LEU C 99 -2.09 23.41 -61.99
N THR C 100 -3.27 23.20 -62.56
CA THR C 100 -4.04 22.00 -62.27
C THR C 100 -4.00 21.05 -63.46
N CYS C 101 -3.44 19.86 -63.26
CA CYS C 101 -3.36 18.86 -64.32
C CYS C 101 -4.36 17.73 -64.07
N HIS C 102 -5.15 17.40 -65.11
CA HIS C 102 -6.14 16.34 -65.04
C HIS C 102 -5.63 15.10 -65.77
N LEU C 103 -5.34 14.06 -65.00
CA LEU C 103 -4.71 12.86 -65.53
C LEU C 103 -5.67 11.70 -65.57
N GLU C 104 -5.39 10.78 -66.49
CA GLU C 104 -6.19 9.56 -66.65
C GLU C 104 -5.28 8.38 -66.93
N ASN C 105 -5.55 7.23 -66.32
CA ASN C 105 -4.83 6.01 -66.65
C ASN C 105 -5.57 5.25 -67.75
N GLU C 106 -4.98 4.15 -68.22
CA GLU C 106 -5.54 3.44 -69.37
C GLU C 106 -6.92 2.83 -69.08
N GLN C 107 -7.22 2.62 -67.80
CA GLN C 107 -8.52 2.07 -67.44
C GLN C 107 -9.56 3.18 -67.34
N GLY C 108 -9.12 4.43 -67.51
CA GLY C 108 -10.03 5.55 -67.48
C GLY C 108 -10.27 6.18 -66.12
N GLN C 109 -9.57 5.70 -65.10
CA GLN C 109 -9.68 6.29 -63.77
C GLN C 109 -8.91 7.61 -63.72
N LYS C 110 -9.42 8.55 -62.93
CA LYS C 110 -8.93 9.93 -62.97
C LYS C 110 -8.14 10.32 -61.74
N LEU C 111 -7.12 11.17 -61.95
CA LEU C 111 -6.28 11.68 -60.88
C LEU C 111 -5.79 13.09 -61.17
N GLY C 112 -5.91 14.00 -60.20
CA GLY C 112 -5.40 15.35 -60.38
C GLY C 112 -4.03 15.58 -59.76
N VAL C 113 -3.27 16.48 -60.36
CA VAL C 113 -2.04 16.96 -59.73
C VAL C 113 -2.00 18.48 -59.76
N ILE C 114 -1.78 19.08 -58.60
CA ILE C 114 -1.81 20.53 -58.47
C ILE C 114 -0.44 21.06 -58.08
N PHE C 115 0.06 22.01 -58.86
CA PHE C 115 1.32 22.71 -58.61
C PHE C 115 1.06 24.19 -58.27
N ARG C 116 1.56 24.65 -57.13
CA ARG C 116 1.57 26.06 -56.81
C ARG C 116 3.01 26.54 -56.76
N VAL C 117 3.34 27.45 -57.66
CA VAL C 117 4.70 27.93 -57.80
C VAL C 117 4.83 29.40 -57.44
N SER C 118 5.49 29.67 -56.32
CA SER C 118 5.86 31.03 -55.97
C SER C 118 7.27 31.28 -56.51
N ASP C 119 7.83 32.44 -56.19
CA ASP C 119 9.12 32.84 -56.76
C ASP C 119 10.24 31.83 -56.50
N ASN C 120 10.26 31.25 -55.30
CA ASN C 120 11.34 30.34 -54.93
C ASN C 120 10.87 29.01 -54.33
N ASP C 121 9.58 28.69 -54.48
CA ASP C 121 9.06 27.44 -53.93
C ASP C 121 8.03 26.79 -54.84
N VAL C 122 8.06 25.46 -54.87
CA VAL C 122 7.05 24.65 -55.52
C VAL C 122 6.32 23.78 -54.50
N ALA C 123 5.00 23.88 -54.45
CA ALA C 123 4.24 22.99 -53.60
C ALA C 123 3.26 22.21 -54.45
N PHE C 124 3.28 20.89 -54.37
CA PHE C 124 2.36 20.14 -55.21
C PHE C 124 1.73 18.95 -54.50
N ARG C 125 0.51 18.62 -54.90
CA ARG C 125 -0.18 17.50 -54.26
C ARG C 125 -1.09 16.80 -55.27
N TYR C 126 -1.53 15.60 -54.93
CA TYR C 126 -2.47 14.88 -55.79
C TYR C 126 -3.90 15.05 -55.27
N THR C 127 -4.87 15.03 -56.18
CA THR C 127 -6.27 14.99 -55.77
C THR C 127 -6.90 13.72 -56.35
N LEU C 128 -7.79 13.10 -55.58
CA LEU C 128 -8.47 11.89 -56.03
C LEU C 128 -9.97 12.07 -55.88
N PRO C 129 -10.71 12.01 -57.00
CA PRO C 129 -12.16 12.23 -56.95
C PRO C 129 -12.92 10.97 -56.54
N HIS C 130 -14.19 11.14 -56.19
CA HIS C 130 -15.10 10.02 -56.01
C HIS C 130 -15.37 9.36 -57.37
N GLN C 131 -15.11 8.06 -57.49
CA GLN C 131 -15.24 7.38 -58.78
C GLN C 131 -15.31 5.86 -58.61
N GLY C 132 -15.91 5.18 -59.60
CA GLY C 132 -16.07 3.74 -59.55
C GLY C 132 -16.96 3.25 -58.43
N GLY C 133 -17.79 4.15 -57.90
CA GLY C 133 -18.66 3.81 -56.79
C GLY C 133 -17.87 3.72 -55.50
N LYS C 134 -16.67 4.29 -55.50
CA LYS C 134 -15.78 4.24 -54.34
C LYS C 134 -15.88 5.53 -53.53
N ALA C 135 -15.98 5.41 -52.21
CA ALA C 135 -16.05 6.60 -51.36
C ALA C 135 -14.80 6.72 -50.46
N SER C 136 -13.89 5.76 -50.59
CA SER C 136 -12.68 5.82 -49.80
C SER C 136 -11.55 5.12 -50.51
N VAL C 137 -10.33 5.42 -50.07
CA VAL C 137 -9.16 4.94 -50.76
C VAL C 137 -8.04 4.65 -49.78
N THR C 138 -7.22 3.66 -50.13
CA THR C 138 -5.94 3.43 -49.47
C THR C 138 -4.82 3.56 -50.50
N VAL C 139 -3.90 4.50 -50.27
CA VAL C 139 -2.75 4.70 -51.14
C VAL C 139 -1.63 3.73 -50.80
N LYS C 140 -1.40 2.73 -51.66
CA LYS C 140 -0.39 1.72 -51.36
C LYS C 140 1.01 2.29 -51.41
N GLU C 141 1.26 3.17 -52.38
CA GLU C 141 2.59 3.77 -52.46
C GLU C 141 2.64 4.96 -53.38
N GLU C 142 3.52 5.90 -53.10
CA GLU C 142 3.73 7.01 -54.00
C GLU C 142 4.96 6.73 -54.84
N GLN C 143 4.85 6.97 -56.14
CA GLN C 143 5.97 6.87 -57.04
C GLN C 143 6.72 8.19 -57.05
N THR C 144 6.07 9.22 -56.51
CA THR C 144 6.58 10.59 -56.44
C THR C 144 8.08 10.66 -56.14
N GLY C 145 8.81 11.38 -56.97
CA GLY C 145 10.25 11.41 -56.86
C GLY C 145 10.90 12.78 -57.05
N PHE C 146 12.18 12.83 -56.75
CA PHE C 146 13.02 14.00 -56.89
C PHE C 146 14.37 13.56 -57.46
N ARG C 147 14.64 13.94 -58.71
CA ARG C 147 15.88 13.55 -59.36
C ARG C 147 16.79 14.77 -59.55
N PHE C 148 18.05 14.63 -59.18
CA PHE C 148 18.99 15.75 -59.18
C PHE C 148 20.09 15.57 -60.24
N PRO C 149 20.66 16.69 -60.72
CA PRO C 149 21.81 16.68 -61.65
C PRO C 149 23.01 15.93 -61.05
N GLU C 150 23.81 15.30 -61.90
CA GLU C 150 24.96 14.49 -61.48
C GLU C 150 25.83 15.09 -60.36
N GLN C 151 26.12 16.38 -60.44
CA GLN C 151 27.12 16.99 -59.57
C GLN C 151 26.57 17.36 -58.18
N THR C 152 25.33 16.95 -57.90
CA THR C 152 24.64 17.35 -56.67
C THR C 152 25.23 16.70 -55.41
N THR C 153 25.50 17.51 -54.38
CA THR C 153 25.86 16.96 -53.07
C THR C 153 24.72 17.18 -52.07
N THR C 154 24.81 16.50 -50.92
CA THR C 154 23.68 16.42 -49.99
C THR C 154 24.01 16.77 -48.53
N PHE C 155 22.99 17.25 -47.83
CA PHE C 155 23.04 17.53 -46.39
C PHE C 155 21.87 16.81 -45.74
N LEU C 156 22.04 15.53 -45.43
CA LEU C 156 20.93 14.71 -44.97
C LEU C 156 21.17 14.04 -43.63
N CYS C 157 20.09 13.78 -42.89
CA CYS C 157 20.15 12.92 -41.73
C CYS C 157 19.29 11.67 -42.01
N PRO C 158 19.81 10.49 -41.63
CA PRO C 158 19.15 9.24 -42.00
C PRO C 158 17.93 8.94 -41.14
N GLN C 159 17.01 8.17 -41.69
CA GLN C 159 15.95 7.57 -40.89
C GLN C 159 16.53 6.33 -40.19
N SER C 160 16.26 6.18 -38.90
CA SER C 160 16.80 5.06 -38.14
C SER C 160 15.97 3.80 -38.35
N ASP C 161 16.45 2.67 -37.82
CA ASP C 161 15.63 1.49 -37.70
C ASP C 161 14.47 1.78 -36.75
N ALA C 162 13.44 0.95 -36.79
CA ALA C 162 12.34 1.08 -35.85
C ALA C 162 12.63 0.28 -34.59
N MET C 163 12.17 0.82 -33.46
CA MET C 163 12.19 0.13 -32.17
C MET C 163 13.61 -0.11 -31.65
N ILE C 164 14.52 0.79 -31.98
CA ILE C 164 15.83 0.81 -31.34
C ILE C 164 15.92 2.05 -30.46
N GLY C 165 17.10 2.28 -29.89
CA GLY C 165 17.34 3.42 -29.03
C GLY C 165 16.75 3.28 -27.63
N TRP C 166 16.72 4.39 -26.91
CA TRP C 166 16.25 4.40 -25.53
C TRP C 166 14.83 3.85 -25.40
N LYS C 167 14.72 2.73 -24.70
CA LYS C 167 13.43 2.07 -24.50
C LYS C 167 12.66 1.83 -25.79
N ARG C 168 13.37 1.49 -26.87
CA ARG C 168 12.77 1.17 -28.17
C ARG C 168 11.89 2.30 -28.72
N THR C 169 12.24 3.56 -28.44
CA THR C 169 11.40 4.68 -28.85
C THR C 169 11.70 5.27 -30.23
N LYS C 170 12.72 4.76 -30.91
CA LYS C 170 13.03 5.24 -32.25
C LYS C 170 12.06 4.65 -33.27
N PRO C 171 11.84 5.36 -34.40
CA PRO C 171 12.44 6.63 -34.83
C PRO C 171 11.94 7.82 -34.04
N SER C 172 12.80 8.83 -33.88
CA SER C 172 12.43 10.03 -33.12
C SER C 172 13.05 11.27 -33.76
N TYR C 173 13.44 11.14 -35.03
CA TYR C 173 14.03 12.23 -35.80
C TYR C 173 15.24 12.81 -35.07
N GLU C 174 16.06 11.91 -34.55
CA GLU C 174 17.24 12.31 -33.78
C GLU C 174 18.50 11.68 -34.35
N GLU C 175 18.83 12.02 -35.59
CA GLU C 175 20.00 11.46 -36.25
C GLU C 175 20.94 12.56 -36.73
N GLU C 176 22.15 12.18 -37.13
CA GLU C 176 23.18 13.15 -37.46
C GLU C 176 23.29 13.40 -38.97
N TYR C 177 23.86 14.55 -39.33
CA TYR C 177 24.02 14.95 -40.72
C TYR C 177 25.41 14.65 -41.28
N LYS C 178 25.48 14.53 -42.60
CA LYS C 178 26.75 14.56 -43.32
C LYS C 178 26.67 15.71 -44.32
N ALA C 179 27.65 16.60 -44.29
CA ALA C 179 27.61 17.78 -45.16
C ALA C 179 28.29 17.52 -46.50
N ASP C 180 27.65 17.98 -47.57
CA ASP C 180 28.15 17.83 -48.94
C ASP C 180 28.56 16.40 -49.26
N ALA C 181 27.76 15.43 -48.82
CA ALA C 181 28.02 14.04 -49.14
C ALA C 181 27.66 13.76 -50.59
N PRO C 182 28.39 12.84 -51.24
CA PRO C 182 27.99 12.41 -52.58
C PRO C 182 26.63 11.72 -52.55
N MET C 183 25.87 11.85 -53.63
CA MET C 183 24.56 11.24 -53.77
C MET C 183 24.63 9.72 -53.66
N SER C 184 25.75 9.17 -54.10
CA SER C 184 25.94 7.72 -54.14
C SER C 184 26.03 7.09 -52.74
N ASP C 185 26.23 7.90 -51.71
CA ASP C 185 26.30 7.39 -50.33
C ASP C 185 25.04 6.64 -49.91
N ARG C 186 25.23 5.61 -49.09
CA ARG C 186 24.11 4.85 -48.57
C ARG C 186 23.76 5.42 -47.21
N SER C 187 22.47 5.49 -46.89
CA SER C 187 22.05 6.00 -45.60
C SER C 187 22.56 5.09 -44.50
N GLN C 188 22.76 5.65 -43.31
CA GLN C 188 23.35 4.92 -42.18
C GLN C 188 22.59 3.64 -41.83
N TYR C 189 21.26 3.66 -41.90
CA TYR C 189 20.48 2.48 -41.49
C TYR C 189 19.82 1.75 -42.67
N GLY C 190 19.95 2.31 -43.87
CA GLY C 190 19.30 1.73 -45.05
C GLY C 190 17.79 1.99 -45.11
N HIS C 191 17.35 3.08 -44.49
CA HIS C 191 15.93 3.44 -44.54
C HIS C 191 15.74 4.84 -45.05
N GLY C 192 16.68 5.29 -45.89
CA GLY C 192 16.63 6.63 -46.46
C GLY C 192 16.80 7.75 -45.45
N TYR C 193 16.17 8.88 -45.74
CA TYR C 193 16.43 10.11 -45.00
C TYR C 193 15.13 10.82 -44.64
N THR C 194 15.11 11.47 -43.48
CA THR C 194 13.92 12.20 -43.05
C THR C 194 13.94 13.65 -43.50
N PHE C 195 12.74 14.19 -43.71
CA PHE C 195 12.55 15.59 -44.10
C PHE C 195 12.95 16.54 -42.99
N PRO C 196 13.40 17.76 -43.34
CA PRO C 196 13.64 18.22 -44.71
C PRO C 196 15.03 17.81 -45.21
N CYS C 197 15.24 17.92 -46.52
CA CYS C 197 16.46 17.41 -47.14
C CYS C 197 17.11 18.47 -48.01
N LEU C 198 18.38 18.78 -47.74
CA LEU C 198 19.06 19.87 -48.45
C LEU C 198 20.02 19.35 -49.52
N PHE C 199 19.96 19.96 -50.69
CA PHE C 199 20.80 19.58 -51.81
C PHE C 199 21.51 20.79 -52.41
N ARG C 200 22.81 20.66 -52.62
CA ARG C 200 23.58 21.68 -53.32
C ARG C 200 23.79 21.21 -54.76
N ILE C 201 23.24 21.98 -55.70
CA ILE C 201 23.25 21.60 -57.10
C ILE C 201 24.52 22.13 -57.76
N GLY C 202 25.66 21.65 -57.28
CA GLY C 202 26.96 22.11 -57.76
C GLY C 202 27.14 23.59 -57.49
N ASN C 203 27.24 24.36 -58.56
CA ASN C 203 27.37 25.81 -58.44
C ASN C 203 26.11 26.58 -58.82
N ASP C 204 25.06 25.86 -59.19
CA ASP C 204 23.83 26.50 -59.66
C ASP C 204 22.77 26.71 -58.56
N GLY C 205 23.19 26.68 -57.30
CA GLY C 205 22.28 26.97 -56.20
C GLY C 205 21.82 25.81 -55.33
N TRP C 206 20.61 25.92 -54.81
CA TRP C 206 20.14 25.04 -53.74
C TRP C 206 18.69 24.59 -53.89
N VAL C 207 18.45 23.37 -53.38
CA VAL C 207 17.13 22.76 -53.33
C VAL C 207 16.83 22.13 -51.96
N LEU C 208 15.70 22.48 -51.34
CA LEU C 208 15.25 21.84 -50.11
C LEU C 208 13.96 21.05 -50.34
N VAL C 209 13.99 19.74 -50.12
CA VAL C 209 12.81 18.90 -50.31
C VAL C 209 12.13 18.62 -48.98
N SER C 210 10.83 18.88 -48.90
CA SER C 210 10.09 18.56 -47.69
C SER C 210 8.62 18.26 -48.02
N GLU C 211 7.80 18.26 -46.98
CA GLU C 211 6.36 18.08 -47.16
C GLU C 211 5.63 18.84 -46.05
N THR C 212 4.42 19.28 -46.33
CA THR C 212 3.62 19.97 -45.34
C THR C 212 2.16 19.58 -45.47
N GLY C 213 1.38 19.91 -44.45
CA GLY C 213 -0.03 19.60 -44.47
C GLY C 213 -0.33 18.14 -44.19
N VAL C 214 0.55 17.50 -43.42
CA VAL C 214 0.27 16.15 -42.93
C VAL C 214 -0.53 16.19 -41.62
N ASP C 215 -1.72 15.60 -41.64
CA ASP C 215 -2.54 15.48 -40.45
C ASP C 215 -3.11 14.07 -40.34
N SER C 216 -4.29 13.96 -39.74
CA SER C 216 -4.94 12.68 -39.52
C SER C 216 -5.27 11.94 -40.80
N ARG C 217 -5.30 12.66 -41.92
CA ARG C 217 -5.73 12.07 -43.19
C ARG C 217 -4.62 11.41 -43.98
N TYR C 218 -3.42 11.34 -43.43
CA TYR C 218 -2.31 10.70 -44.13
C TYR C 218 -1.24 10.22 -43.16
N CYS C 219 -0.18 9.65 -43.70
CA CYS C 219 0.97 9.25 -42.93
C CYS C 219 2.08 10.27 -43.12
N GLY C 220 3.07 10.26 -42.23
CA GLY C 220 4.27 11.02 -42.46
C GLY C 220 5.09 10.27 -43.48
N SER C 221 5.72 10.99 -44.40
CA SER C 221 6.54 10.34 -45.42
C SER C 221 7.98 10.79 -45.24
N ARG C 222 8.87 10.15 -45.99
CA ARG C 222 10.30 10.46 -45.92
C ARG C 222 10.91 10.20 -47.30
N LEU C 223 12.22 10.40 -47.41
CA LEU C 223 12.90 10.04 -48.64
C LEU C 223 13.57 8.68 -48.53
N SER C 224 13.47 7.89 -49.59
CA SER C 224 14.14 6.59 -49.64
C SER C 224 15.64 6.79 -49.80
N ASP C 225 16.38 5.69 -49.84
CA ASP C 225 17.76 5.75 -50.28
C ASP C 225 17.80 6.13 -51.75
N VAL C 226 18.94 6.64 -52.21
CA VAL C 226 19.09 7.02 -53.61
C VAL C 226 18.96 5.76 -54.46
N SER C 227 18.42 5.92 -55.65
CA SER C 227 18.41 4.86 -56.64
C SER C 227 18.72 5.47 -58.00
N GLU C 228 19.20 4.62 -58.93
CA GLU C 228 19.55 5.06 -60.29
C GLU C 228 20.59 6.18 -60.29
N GLY C 229 21.34 6.29 -59.21
CA GLY C 229 22.41 7.26 -59.11
C GLY C 229 22.00 8.66 -58.67
N ASN C 230 20.73 9.01 -58.84
CA ASN C 230 20.30 10.39 -58.59
C ASN C 230 18.84 10.58 -58.19
N LEU C 231 18.13 9.51 -57.87
CA LEU C 231 16.68 9.61 -57.64
C LEU C 231 16.29 9.30 -56.20
N TYR C 232 15.56 10.23 -55.59
CA TYR C 232 15.02 9.99 -54.26
C TYR C 232 13.51 9.88 -54.34
N THR C 233 12.96 8.80 -53.81
CA THR C 233 11.55 8.51 -53.91
C THR C 233 10.86 8.73 -52.57
N VAL C 234 9.64 9.27 -52.62
CA VAL C 234 8.81 9.41 -51.43
C VAL C 234 8.49 8.05 -50.86
N ALA C 235 8.90 7.83 -49.61
CA ALA C 235 8.68 6.56 -48.91
C ALA C 235 7.67 6.69 -47.77
N PHE C 236 6.87 5.64 -47.58
CA PHE C 236 5.87 5.58 -46.50
C PHE C 236 6.53 4.96 -45.25
N PRO C 237 5.86 5.02 -44.07
CA PRO C 237 6.49 4.49 -42.84
C PRO C 237 6.85 3.01 -42.92
N MET C 238 7.83 2.60 -42.11
CA MET C 238 8.21 1.20 -42.03
C MET C 238 7.16 0.45 -41.23
N ALA C 239 6.90 -0.81 -41.60
CA ALA C 239 5.88 -1.61 -40.94
C ALA C 239 6.20 -1.82 -39.47
N GLU C 240 7.49 -1.83 -39.15
CA GLU C 240 7.94 -2.08 -37.79
C GLU C 240 7.74 -0.89 -36.84
N GLU C 241 7.37 0.27 -37.37
CA GLU C 241 7.15 1.43 -36.51
C GLU C 241 5.91 1.19 -35.64
N ASN C 242 5.77 1.95 -34.57
CA ASN C 242 4.66 1.81 -33.63
C ASN C 242 4.58 0.38 -33.07
N ASN C 243 5.76 -0.26 -32.94
CA ASN C 243 5.88 -1.64 -32.49
C ASN C 243 5.10 -2.64 -33.35
N GLY C 244 4.86 -2.28 -34.62
CA GLY C 244 4.13 -3.12 -35.55
C GLY C 244 2.63 -2.92 -35.53
N ASN C 245 2.17 -1.94 -34.77
CA ASN C 245 0.74 -1.65 -34.72
C ASN C 245 0.34 -0.60 -35.75
N GLY C 246 -0.79 -0.83 -36.40
CA GLY C 246 -1.27 0.08 -37.42
C GLY C 246 -0.66 -0.24 -38.77
N THR C 247 -1.42 0.00 -39.84
CA THR C 247 -0.94 -0.30 -41.18
C THR C 247 -0.14 0.88 -41.75
N VAL C 248 0.67 0.57 -42.75
CA VAL C 248 1.56 1.55 -43.36
C VAL C 248 0.84 2.46 -44.36
N ALA C 249 0.00 1.88 -45.20
CA ALA C 249 -0.63 2.64 -46.28
C ALA C 249 -1.72 3.58 -45.75
N PRO C 250 -1.61 4.87 -46.07
CA PRO C 250 -2.58 5.87 -45.61
C PRO C 250 -3.93 5.73 -46.31
N ALA C 251 -4.99 6.03 -45.57
CA ALA C 251 -6.35 5.82 -46.03
C ALA C 251 -7.18 7.07 -45.80
N PHE C 252 -8.04 7.41 -46.76
CA PHE C 252 -8.90 8.57 -46.57
C PHE C 252 -10.18 8.53 -47.42
N ALA C 253 -11.06 9.49 -47.16
CA ALA C 253 -12.33 9.60 -47.86
C ALA C 253 -12.16 10.18 -49.29
N LEU C 254 -13.05 9.79 -50.19
CA LEU C 254 -13.11 10.36 -51.52
C LEU C 254 -14.26 11.35 -51.62
N PRO C 255 -14.03 12.53 -52.23
CA PRO C 255 -12.77 13.01 -52.80
C PRO C 255 -11.75 13.43 -51.74
N GLY C 256 -10.48 13.15 -52.00
CA GLY C 256 -9.44 13.46 -51.05
C GLY C 256 -8.17 13.90 -51.72
N ALA C 257 -7.12 14.04 -50.93
CA ALA C 257 -5.84 14.52 -51.43
C ALA C 257 -4.68 13.99 -50.59
N THR C 258 -3.49 14.07 -51.16
CA THR C 258 -2.24 13.83 -50.45
C THR C 258 -1.80 15.13 -49.80
N PRO C 259 -0.87 15.06 -48.84
CA PRO C 259 -0.23 16.28 -48.33
C PRO C 259 0.59 16.97 -49.43
N TRP C 260 1.09 18.17 -49.15
CA TRP C 260 1.87 18.91 -50.13
C TRP C 260 3.34 18.48 -50.08
N ARG C 261 3.88 18.16 -51.24
CA ARG C 261 5.30 17.91 -51.38
C ARG C 261 5.94 19.24 -51.81
N THR C 262 6.99 19.66 -51.13
CA THR C 262 7.56 20.99 -51.34
C THR C 262 9.02 20.96 -51.78
N ILE C 263 9.34 21.86 -52.70
CA ILE C 263 10.67 22.05 -53.25
C ILE C 263 11.08 23.53 -53.17
N THR C 264 12.03 23.85 -52.30
CA THR C 264 12.49 25.23 -52.15
C THR C 264 13.74 25.43 -52.99
N VAL C 265 13.66 26.31 -53.98
CA VAL C 265 14.72 26.41 -54.99
C VAL C 265 15.26 27.83 -55.11
N GLY C 266 16.58 27.94 -55.26
CA GLY C 266 17.16 29.24 -55.53
C GLY C 266 18.59 29.13 -56.03
N ASP C 267 19.18 30.23 -56.46
CA ASP C 267 20.59 30.21 -56.80
C ASP C 267 21.44 30.60 -55.58
N HIS C 268 20.77 31.01 -54.50
CA HIS C 268 21.43 31.35 -53.24
C HIS C 268 20.70 30.76 -52.03
N LEU C 269 21.32 30.84 -50.85
CA LEU C 269 20.76 30.25 -49.64
C LEU C 269 19.59 31.03 -49.06
N LYS C 270 19.45 32.29 -49.47
CA LYS C 270 18.45 33.18 -48.88
C LYS C 270 17.00 32.63 -48.95
N PRO C 271 16.53 32.17 -50.12
CA PRO C 271 15.17 31.63 -50.15
C PRO C 271 15.00 30.35 -49.33
N ILE C 272 16.08 29.59 -49.18
CA ILE C 272 16.07 28.42 -48.32
C ILE C 272 15.77 28.80 -46.89
N VAL C 273 16.47 29.81 -46.39
CA VAL C 273 16.34 30.24 -45.01
C VAL C 273 15.01 30.97 -44.78
N GLU C 274 14.55 31.68 -45.80
CA GLU C 274 13.37 32.55 -45.67
C GLU C 274 12.06 31.95 -46.17
N THR C 275 12.08 30.68 -46.57
CA THR C 275 10.89 30.06 -47.15
C THR C 275 9.71 30.03 -46.18
N THR C 276 8.51 30.24 -46.71
CA THR C 276 7.30 30.14 -45.91
C THR C 276 6.36 29.10 -46.49
N VAL C 277 6.87 28.28 -47.40
CA VAL C 277 6.05 27.27 -48.06
C VAL C 277 5.40 26.20 -47.14
N PRO C 278 6.00 25.88 -45.96
CA PRO C 278 5.17 24.95 -45.15
C PRO C 278 3.82 25.54 -44.74
N TRP C 279 3.76 26.86 -44.68
CA TRP C 279 2.57 27.55 -44.19
C TRP C 279 1.77 28.19 -45.32
N ASP C 280 2.37 28.33 -46.50
CA ASP C 280 1.72 28.96 -47.64
C ASP C 280 0.49 28.20 -48.12
N VAL C 281 0.53 26.88 -48.01
CA VAL C 281 -0.51 26.03 -48.61
C VAL C 281 -1.36 25.27 -47.60
N VAL C 282 -1.30 25.67 -46.34
CA VAL C 282 -2.18 25.09 -45.33
C VAL C 282 -3.04 26.14 -44.64
N SER C 283 -4.11 25.68 -44.01
CA SER C 283 -5.01 26.55 -43.26
C SER C 283 -5.30 25.93 -41.90
N PRO C 284 -5.68 26.76 -40.91
CA PRO C 284 -6.08 26.25 -39.61
C PRO C 284 -7.20 25.22 -39.69
N LEU C 285 -7.09 24.17 -38.87
CA LEU C 285 -8.10 23.11 -38.85
C LEU C 285 -9.12 23.37 -37.75
N TYR C 286 -8.83 24.32 -36.89
CA TYR C 286 -9.84 24.81 -35.95
C TYR C 286 -9.48 26.20 -35.46
N GLU C 287 -10.48 26.90 -34.94
CA GLU C 287 -10.26 28.22 -34.37
C GLU C 287 -10.16 28.11 -32.86
N THR C 288 -9.32 28.96 -32.26
CA THR C 288 -9.20 28.92 -30.81
C THR C 288 -9.80 30.17 -30.18
N LYS C 289 -10.41 29.97 -29.02
CA LYS C 289 -10.99 31.05 -28.22
C LYS C 289 -10.01 31.56 -27.17
N HIS C 290 -8.84 30.91 -27.08
CA HIS C 290 -7.84 31.27 -26.08
C HIS C 290 -6.74 32.16 -26.66
N ASP C 291 -6.22 33.06 -25.81
CA ASP C 291 -5.14 33.97 -26.21
C ASP C 291 -3.81 33.46 -25.67
N TYR C 292 -3.13 32.64 -26.46
CA TYR C 292 -1.95 31.93 -25.97
C TYR C 292 -0.75 32.83 -25.84
N ARG C 293 -0.15 32.81 -24.66
CA ARG C 293 0.97 33.66 -24.35
C ARG C 293 2.27 32.88 -24.51
N PHE C 294 3.17 33.35 -25.36
CA PHE C 294 4.43 32.66 -25.58
C PHE C 294 5.53 33.33 -24.76
N GLY C 295 6.72 32.74 -24.73
CA GLY C 295 7.83 33.32 -24.00
C GLY C 295 8.94 32.37 -23.58
N ARG C 296 9.38 32.50 -22.33
CA ARG C 296 10.61 31.86 -21.85
C ARG C 296 10.35 31.00 -20.62
N GLY C 297 11.04 29.87 -20.54
CA GLY C 297 10.90 28.97 -19.42
C GLY C 297 12.21 28.55 -18.78
N THR C 298 12.18 28.26 -17.48
CA THR C 298 13.30 27.61 -16.84
C THR C 298 12.99 26.11 -16.79
N TRP C 299 14.04 25.29 -16.74
CA TRP C 299 13.93 23.88 -17.03
C TRP C 299 15.03 23.14 -16.27
N SER C 300 14.67 22.56 -15.13
CA SER C 300 15.63 21.97 -14.22
C SER C 300 16.32 20.72 -14.77
N TRP C 301 15.57 19.92 -15.52
CA TRP C 301 16.06 18.61 -15.93
C TRP C 301 17.27 18.67 -16.86
N ILE C 302 17.34 19.68 -17.73
CA ILE C 302 18.39 19.69 -18.75
C ILE C 302 19.80 19.58 -18.12
N LEU C 303 20.07 20.38 -17.10
CA LEU C 303 21.38 20.34 -16.45
C LEU C 303 21.39 19.59 -15.12
N TRP C 304 20.26 19.52 -14.43
CA TRP C 304 20.22 18.87 -13.12
C TRP C 304 19.61 17.47 -13.18
N GLN C 305 19.03 17.13 -14.33
CA GLN C 305 18.54 15.78 -14.64
C GLN C 305 17.52 15.23 -13.64
N ASP C 306 17.41 13.90 -13.57
CA ASP C 306 16.32 13.26 -12.84
C ASP C 306 16.34 13.60 -11.35
N GLY C 307 17.52 13.89 -10.82
CA GLY C 307 17.68 14.28 -9.43
C GLY C 307 16.99 15.59 -9.10
N SER C 308 16.60 16.35 -10.11
CA SER C 308 15.93 17.63 -9.87
C SER C 308 14.42 17.50 -9.81
N ILE C 309 13.90 16.32 -10.15
CA ILE C 309 12.47 16.15 -10.21
C ILE C 309 11.94 15.86 -8.80
N ASN C 310 11.87 16.93 -8.01
CA ASN C 310 11.36 16.89 -6.65
C ASN C 310 10.83 18.27 -6.29
N TYR C 311 10.02 18.35 -5.23
CA TYR C 311 9.34 19.60 -4.89
C TYR C 311 10.29 20.81 -4.70
N ASP C 312 11.34 20.64 -3.90
CA ASP C 312 12.17 21.78 -3.52
C ASP C 312 13.03 22.31 -4.66
N ASP C 313 13.56 21.43 -5.51
CA ASP C 313 14.30 21.86 -6.68
C ASP C 313 13.42 22.60 -7.67
N GLN C 314 12.17 22.15 -7.79
CA GLN C 314 11.22 22.84 -8.67
C GLN C 314 10.86 24.19 -8.09
N VAL C 315 10.81 24.29 -6.76
CA VAL C 315 10.61 25.58 -6.11
C VAL C 315 11.77 26.50 -6.48
N ARG C 316 12.99 25.95 -6.40
CA ARG C 316 14.20 26.69 -6.77
C ARG C 316 14.15 27.23 -8.20
N TYR C 317 13.72 26.38 -9.14
CA TYR C 317 13.67 26.80 -10.54
C TYR C 317 12.48 27.73 -10.85
N ILE C 318 11.41 27.62 -10.06
CA ILE C 318 10.32 28.58 -10.14
C ILE C 318 10.82 29.95 -9.71
N ASP C 319 11.56 29.97 -8.61
CA ASP C 319 12.19 31.18 -8.10
C ASP C 319 13.15 31.75 -9.15
N PHE C 320 13.89 30.87 -9.80
CA PHE C 320 14.84 31.26 -10.84
C PHE C 320 14.12 31.90 -12.03
N ALA C 321 13.00 31.31 -12.43
CA ALA C 321 12.16 31.90 -13.47
C ALA C 321 11.69 33.28 -13.03
N SER C 322 11.27 33.40 -11.78
CA SER C 322 10.80 34.67 -11.24
C SER C 322 11.88 35.74 -11.32
N ALA C 323 13.10 35.39 -10.92
CA ALA C 323 14.25 36.30 -10.94
C ALA C 323 14.65 36.69 -12.37
N MET C 324 14.48 35.76 -13.31
CA MET C 324 14.77 36.06 -14.72
C MET C 324 13.63 36.83 -15.37
N GLY C 325 12.48 36.88 -14.70
CA GLY C 325 11.31 37.51 -15.25
C GLY C 325 10.72 36.65 -16.35
N TYR C 326 11.01 35.36 -16.27
CA TYR C 326 10.52 34.40 -17.26
C TYR C 326 9.07 34.03 -16.98
N GLU C 327 8.33 33.78 -18.04
CA GLU C 327 6.91 33.47 -17.93
C GLU C 327 6.65 32.07 -17.41
N TYR C 328 7.52 31.12 -17.76
CA TYR C 328 7.24 29.71 -17.52
C TYR C 328 8.36 28.93 -16.79
N ALA C 329 7.96 27.82 -16.18
CA ALA C 329 8.89 26.79 -15.72
C ALA C 329 8.37 25.43 -16.18
N LEU C 330 9.24 24.64 -16.80
CA LEU C 330 8.91 23.29 -17.28
C LEU C 330 9.32 22.20 -16.28
N ILE C 331 8.35 21.42 -15.82
CA ILE C 331 8.66 20.29 -14.92
C ILE C 331 8.66 18.98 -15.72
N ASP C 332 9.79 18.27 -15.72
CA ASP C 332 9.96 17.19 -16.69
C ASP C 332 9.48 15.85 -16.14
N ASN C 333 9.93 14.77 -16.77
CA ASN C 333 9.44 13.42 -16.46
C ASN C 333 9.65 12.99 -14.99
N TRP C 334 8.87 11.99 -14.58
CA TRP C 334 8.82 11.40 -13.22
C TRP C 334 8.03 12.22 -12.20
N TRP C 335 7.50 13.38 -12.59
CA TRP C 335 6.86 14.28 -11.63
C TRP C 335 5.63 13.67 -10.95
N ASP C 336 4.93 12.79 -11.64
CA ASP C 336 3.72 12.21 -11.07
C ASP C 336 4.01 11.23 -9.93
N THR C 337 5.21 10.65 -9.92
CA THR C 337 5.57 9.65 -8.90
C THR C 337 6.51 10.22 -7.84
N ARG C 338 7.25 11.27 -8.19
CA ARG C 338 8.24 11.82 -7.27
C ARG C 338 7.77 13.14 -6.64
N ILE C 339 6.69 13.72 -7.18
CA ILE C 339 6.09 14.91 -6.56
C ILE C 339 4.60 14.71 -6.31
N GLY C 340 3.91 14.24 -7.33
CA GLY C 340 2.50 13.90 -7.21
C GLY C 340 1.49 14.94 -7.67
N HIS C 341 0.31 14.44 -8.02
CA HIS C 341 -0.77 15.28 -8.48
C HIS C 341 -1.18 16.22 -7.35
N GLN C 342 -1.15 15.72 -6.12
CA GLN C 342 -1.63 16.48 -4.97
C GLN C 342 -0.74 17.70 -4.67
N ARG C 343 0.57 17.49 -4.64
CA ARG C 343 1.46 18.61 -4.34
C ARG C 343 1.66 19.52 -5.55
N MET C 344 1.39 19.00 -6.74
CA MET C 344 1.47 19.82 -7.95
C MET C 344 0.61 21.09 -7.84
N LYS C 345 -0.50 20.99 -7.12
CA LYS C 345 -1.40 22.13 -6.94
C LYS C 345 -0.71 23.24 -6.15
N SER C 346 0.05 22.86 -5.14
CA SER C 346 0.78 23.82 -4.31
C SER C 346 1.96 24.38 -5.09
N LEU C 347 2.53 23.58 -5.98
CA LEU C 347 3.59 24.09 -6.83
C LEU C 347 3.05 25.15 -7.78
N VAL C 348 1.88 24.88 -8.36
CA VAL C 348 1.24 25.82 -9.27
C VAL C 348 0.90 27.12 -8.54
N GLU C 349 0.33 26.99 -7.35
CA GLU C 349 0.00 28.15 -6.53
C GLU C 349 1.22 29.00 -6.20
N TYR C 350 2.30 28.35 -5.77
CA TYR C 350 3.53 29.06 -5.44
C TYR C 350 4.06 29.81 -6.66
N ALA C 351 4.14 29.10 -7.78
CA ALA C 351 4.61 29.71 -9.03
C ALA C 351 3.76 30.91 -9.42
N ARG C 352 2.44 30.77 -9.31
CA ARG C 352 1.51 31.84 -9.66
C ARG C 352 1.75 33.04 -8.75
N ASP C 353 2.04 32.77 -7.47
CA ASP C 353 2.37 33.84 -6.52
C ASP C 353 3.66 34.53 -6.91
N LYS C 354 4.53 33.83 -7.64
CA LYS C 354 5.79 34.41 -8.08
C LYS C 354 5.72 34.95 -9.52
N GLY C 355 4.53 34.98 -10.10
CA GLY C 355 4.34 35.46 -11.46
C GLY C 355 4.85 34.49 -12.51
N VAL C 356 4.70 33.19 -12.21
CA VAL C 356 5.21 32.13 -13.07
C VAL C 356 4.14 31.07 -13.31
N GLU C 357 4.06 30.56 -14.53
CA GLU C 357 3.14 29.47 -14.82
C GLU C 357 3.90 28.23 -15.32
N LEU C 358 3.26 27.07 -15.31
CA LEU C 358 3.96 25.80 -15.56
C LEU C 358 3.58 25.05 -16.84
N PHE C 359 4.58 24.35 -17.38
CA PHE C 359 4.41 23.27 -18.36
C PHE C 359 4.69 21.93 -17.69
N LEU C 360 3.85 20.95 -17.92
CA LEU C 360 4.09 19.62 -17.36
C LEU C 360 4.40 18.60 -18.44
N TRP C 361 5.38 17.75 -18.14
CA TRP C 361 5.81 16.67 -19.03
C TRP C 361 4.87 15.47 -18.98
N TYR C 362 4.50 14.97 -20.15
CA TYR C 362 3.76 13.71 -20.27
C TYR C 362 4.41 12.80 -21.31
N SER C 363 4.29 11.49 -21.11
CA SER C 363 4.57 10.55 -22.17
C SER C 363 3.32 10.37 -23.01
N SER C 364 3.47 10.37 -24.33
CA SER C 364 2.36 9.99 -25.21
C SER C 364 2.10 8.49 -25.07
N SER C 365 3.10 7.77 -24.58
CA SER C 365 3.15 6.33 -24.74
C SER C 365 2.15 5.59 -23.87
N GLY C 366 1.38 4.76 -24.55
CA GLY C 366 0.55 3.77 -23.93
C GLY C 366 1.02 2.38 -24.33
N TYR C 367 1.00 2.08 -25.63
CA TYR C 367 1.07 0.68 -26.01
C TYR C 367 2.12 0.27 -27.04
N TRP C 368 3.10 1.11 -27.31
CA TRP C 368 4.04 0.80 -28.39
C TRP C 368 5.52 0.74 -28.01
N ASN C 369 5.88 1.10 -26.78
CA ASN C 369 7.28 1.08 -26.39
C ASN C 369 7.47 0.64 -24.94
N ASP C 370 8.68 0.84 -24.40
CA ASP C 370 9.02 0.42 -23.04
C ASP C 370 9.30 1.58 -22.07
N ILE C 371 8.73 2.75 -22.32
CA ILE C 371 8.93 3.90 -21.42
C ILE C 371 8.23 3.68 -20.08
N GLU C 372 8.99 3.90 -18.99
CA GLU C 372 8.45 3.86 -17.63
C GLU C 372 8.34 5.27 -17.06
N GLN C 373 9.30 6.12 -17.39
CA GLN C 373 9.34 7.50 -16.91
C GLN C 373 8.01 8.22 -17.15
N GLY C 374 7.44 8.75 -16.06
CA GLY C 374 6.05 9.15 -16.06
C GLY C 374 5.71 10.63 -15.96
N PRO C 375 4.41 10.95 -16.01
CA PRO C 375 3.29 9.99 -16.10
C PRO C 375 3.12 9.32 -17.46
N VAL C 376 2.83 8.03 -17.45
CA VAL C 376 2.53 7.30 -18.66
C VAL C 376 1.02 7.02 -18.72
N ASN C 377 0.51 6.77 -19.92
CA ASN C 377 -0.89 6.36 -20.13
C ASN C 377 -1.92 7.44 -19.75
N ARG C 378 -1.52 8.70 -19.79
CA ARG C 378 -2.47 9.78 -19.55
C ARG C 378 -2.82 10.54 -20.85
N MET C 379 -2.28 10.10 -21.98
CA MET C 379 -2.42 10.88 -23.22
C MET C 379 -2.87 10.10 -24.46
N ASP C 380 -2.89 8.76 -24.39
CA ASP C 380 -3.23 7.96 -25.58
C ASP C 380 -4.71 7.63 -25.63
N ASN C 381 -5.37 7.65 -24.48
CA ASN C 381 -6.79 7.34 -24.39
C ASN C 381 -7.63 8.60 -24.18
N ALA C 382 -8.54 8.89 -25.09
CA ALA C 382 -9.28 10.16 -25.09
C ALA C 382 -9.98 10.46 -23.77
N ILE C 383 -10.64 9.45 -23.20
CA ILE C 383 -11.36 9.60 -21.94
C ILE C 383 -10.43 10.05 -20.83
N ILE C 384 -9.38 9.27 -20.62
CA ILE C 384 -8.38 9.56 -19.60
C ILE C 384 -7.65 10.87 -19.90
N ARG C 385 -7.41 11.14 -21.18
CA ARG C 385 -6.71 12.36 -21.58
C ARG C 385 -7.51 13.60 -21.22
N LYS C 386 -8.80 13.61 -21.56
CA LYS C 386 -9.67 14.74 -21.26
C LYS C 386 -9.86 14.89 -19.74
N ARG C 387 -9.95 13.76 -19.03
CA ARG C 387 -9.96 13.83 -17.56
C ARG C 387 -8.71 14.56 -17.02
N GLU C 388 -7.56 14.13 -17.51
CA GLU C 388 -6.27 14.75 -17.15
C GLU C 388 -6.24 16.24 -17.47
N MET C 389 -6.68 16.61 -18.67
CA MET C 389 -6.61 17.99 -19.13
C MET C 389 -7.59 18.90 -18.39
N LYS C 390 -8.74 18.36 -17.98
CA LYS C 390 -9.61 19.10 -17.06
C LYS C 390 -8.92 19.36 -15.75
N TRP C 391 -8.25 18.34 -15.21
CA TRP C 391 -7.46 18.59 -14.00
C TRP C 391 -6.45 19.72 -14.22
N LEU C 392 -5.71 19.61 -15.32
CA LEU C 392 -4.70 20.59 -15.69
C LEU C 392 -5.25 22.00 -15.76
N GLN C 393 -6.37 22.16 -16.45
CA GLN C 393 -6.99 23.47 -16.65
C GLN C 393 -7.56 24.03 -15.35
N SER C 394 -8.15 23.15 -14.54
CA SER C 394 -8.65 23.57 -13.24
C SER C 394 -7.51 24.09 -12.37
N LEU C 395 -6.31 23.51 -12.51
CA LEU C 395 -5.15 24.00 -11.78
C LEU C 395 -4.57 25.28 -12.37
N GLY C 396 -4.80 25.51 -13.65
CA GLY C 396 -4.22 26.68 -14.30
C GLY C 396 -2.87 26.40 -14.92
N VAL C 397 -2.58 25.13 -15.16
CA VAL C 397 -1.39 24.76 -15.92
C VAL C 397 -1.61 25.26 -17.34
N LYS C 398 -0.57 25.80 -17.97
CA LYS C 398 -0.73 26.44 -19.27
C LYS C 398 -0.22 25.62 -20.45
N GLY C 399 0.52 24.55 -20.17
CA GLY C 399 1.07 23.75 -21.24
C GLY C 399 1.52 22.35 -20.87
N ILE C 400 1.61 21.50 -21.88
CA ILE C 400 2.14 20.15 -21.71
C ILE C 400 3.22 19.83 -22.72
N LYS C 401 4.20 19.05 -22.27
CA LYS C 401 5.27 18.56 -23.13
C LYS C 401 5.06 17.06 -23.32
N VAL C 402 4.74 16.65 -24.54
CA VAL C 402 4.38 15.25 -24.77
C VAL C 402 5.45 14.54 -25.57
N ASP C 403 5.90 13.39 -25.05
CA ASP C 403 7.15 12.75 -25.49
C ASP C 403 6.97 11.34 -26.04
N PHE C 404 8.00 10.84 -26.73
CA PHE C 404 8.13 9.42 -27.09
C PHE C 404 7.00 8.85 -27.95
N PHE C 405 6.73 9.48 -29.09
CA PHE C 405 5.69 8.98 -29.98
C PHE C 405 6.12 7.76 -30.77
N GLY C 406 5.15 7.12 -31.42
CA GLY C 406 5.34 5.85 -32.07
C GLY C 406 5.74 5.88 -33.55
N GLY C 407 6.05 7.05 -34.09
CA GLY C 407 6.50 7.10 -35.47
C GLY C 407 5.66 7.89 -36.46
N ASP C 408 5.72 7.48 -37.72
CA ASP C 408 5.15 8.28 -38.80
C ASP C 408 3.84 7.73 -39.37
N LYS C 409 3.39 6.61 -38.83
CA LYS C 409 2.15 6.01 -39.30
C LYS C 409 0.96 6.93 -39.05
N GLN C 410 -0.06 6.80 -39.90
CA GLN C 410 -1.28 7.59 -39.82
C GLN C 410 -1.97 7.42 -38.45
N GLU C 411 -1.89 6.22 -37.90
CA GLU C 411 -2.36 5.93 -36.55
C GLU C 411 -1.75 6.91 -35.54
N THR C 412 -0.47 7.22 -35.71
CA THR C 412 0.24 8.15 -34.83
C THR C 412 -0.12 9.63 -35.11
N MET C 413 -0.24 9.97 -36.39
CA MET C 413 -0.70 11.30 -36.80
C MET C 413 -2.03 11.62 -36.12
N ARG C 414 -2.91 10.63 -36.09
CA ARG C 414 -4.19 10.76 -35.40
C ARG C 414 -4.00 11.16 -33.96
N LEU C 415 -3.05 10.53 -33.29
CA LEU C 415 -2.81 10.82 -31.88
C LEU C 415 -2.31 12.25 -31.70
N TYR C 416 -1.30 12.63 -32.48
CA TYR C 416 -0.79 14.01 -32.45
C TYR C 416 -1.94 15.01 -32.50
N GLU C 417 -2.79 14.82 -33.52
CA GLU C 417 -3.89 15.74 -33.78
C GLU C 417 -4.91 15.77 -32.65
N ASP C 418 -5.36 14.59 -32.22
CA ASP C 418 -6.32 14.50 -31.12
C ASP C 418 -5.80 15.12 -29.82
N ILE C 419 -4.52 14.93 -29.52
CA ILE C 419 -3.91 15.52 -28.34
C ILE C 419 -3.93 17.04 -28.44
N LEU C 420 -3.55 17.56 -29.60
CA LEU C 420 -3.60 19.00 -29.82
C LEU C 420 -5.00 19.57 -29.66
N SER C 421 -5.99 18.83 -30.16
CA SER C 421 -7.37 19.31 -30.19
C SER C 421 -7.99 19.34 -28.79
N ASP C 422 -7.82 18.25 -28.05
CA ASP C 422 -8.28 18.21 -26.67
C ASP C 422 -7.56 19.29 -25.84
N ALA C 423 -6.26 19.44 -26.09
CA ALA C 423 -5.48 20.48 -25.43
C ALA C 423 -6.10 21.84 -25.64
N ASP C 424 -6.39 22.18 -26.90
CA ASP C 424 -7.04 23.44 -27.19
C ASP C 424 -8.38 23.53 -26.47
N ASP C 425 -9.12 22.43 -26.37
CA ASP C 425 -10.38 22.45 -25.63
C ASP C 425 -10.15 22.85 -24.18
N HIS C 426 -8.97 22.56 -23.67
CA HIS C 426 -8.68 22.95 -22.29
C HIS C 426 -7.63 24.05 -22.15
N GLY C 427 -7.48 24.87 -23.19
CA GLY C 427 -6.59 26.02 -23.14
C GLY C 427 -5.13 25.67 -22.90
N LEU C 428 -4.68 24.54 -23.43
CA LEU C 428 -3.30 24.12 -23.23
C LEU C 428 -2.49 24.22 -24.52
N MET C 429 -1.30 24.81 -24.40
CA MET C 429 -0.30 24.77 -25.46
C MET C 429 0.37 23.40 -25.43
N VAL C 430 0.90 22.96 -26.57
CA VAL C 430 1.52 21.65 -26.63
C VAL C 430 2.93 21.67 -27.24
N ILE C 431 3.91 21.18 -26.48
CA ILE C 431 5.25 20.93 -27.02
C ILE C 431 5.37 19.43 -27.28
N PHE C 432 5.90 19.06 -28.45
CA PHE C 432 6.16 17.65 -28.73
C PHE C 432 7.64 17.30 -28.63
N HIS C 433 7.92 16.12 -28.09
CA HIS C 433 9.29 15.58 -28.06
C HIS C 433 9.28 14.11 -28.48
N GLY C 434 10.45 13.56 -28.79
CA GLY C 434 10.55 12.17 -29.22
C GLY C 434 9.61 11.96 -30.39
N CYS C 435 9.69 12.86 -31.36
CA CYS C 435 8.58 13.06 -32.28
C CYS C 435 8.99 13.21 -33.75
N THR C 436 7.99 13.34 -34.61
CA THR C 436 8.24 13.52 -36.04
C THR C 436 8.37 15.02 -36.37
N LEU C 437 8.85 15.32 -37.58
CA LEU C 437 8.99 16.70 -38.04
C LEU C 437 7.64 17.41 -38.11
N PRO C 438 7.58 18.67 -37.64
CA PRO C 438 6.32 19.39 -37.79
C PRO C 438 6.08 19.72 -39.26
N ARG C 439 4.85 19.56 -39.71
CA ARG C 439 4.57 19.73 -41.13
C ARG C 439 3.52 20.82 -41.34
N GLY C 440 3.94 22.07 -41.15
CA GLY C 440 3.06 23.22 -41.26
C GLY C 440 2.14 23.36 -40.07
N TRP C 441 2.51 22.73 -38.97
CA TRP C 441 1.61 22.57 -37.82
C TRP C 441 1.31 23.87 -37.06
N GLU C 442 2.17 24.87 -37.19
CA GLU C 442 1.91 26.15 -36.52
C GLU C 442 0.62 26.79 -37.05
N ARG C 443 0.41 26.72 -38.35
CA ARG C 443 -0.79 27.26 -38.99
C ARG C 443 -1.98 26.33 -38.79
N MET C 444 -1.73 25.04 -38.97
CA MET C 444 -2.78 24.05 -38.82
C MET C 444 -3.38 24.00 -37.40
N TYR C 445 -2.53 24.19 -36.39
CA TYR C 445 -2.97 24.07 -34.99
C TYR C 445 -2.62 25.29 -34.15
N PRO C 446 -3.63 26.10 -33.79
CA PRO C 446 -3.43 27.37 -33.06
C PRO C 446 -2.65 27.26 -31.74
N ASN C 447 -2.70 26.11 -31.06
CA ASN C 447 -2.04 25.98 -29.76
C ASN C 447 -0.72 25.18 -29.81
N TYR C 448 -0.28 24.85 -31.02
CA TYR C 448 1.00 24.17 -31.21
C TYR C 448 2.14 25.16 -31.01
N VAL C 449 3.07 24.83 -30.12
CA VAL C 449 4.19 25.73 -29.81
C VAL C 449 5.59 25.10 -29.92
N GLY C 450 5.77 24.14 -30.82
CA GLY C 450 7.10 23.63 -31.12
C GLY C 450 7.30 22.14 -30.97
N SER C 451 8.38 21.64 -31.58
CA SER C 451 8.70 20.21 -31.59
C SER C 451 10.20 19.99 -31.44
N GLU C 452 10.57 18.80 -30.98
CA GLU C 452 11.97 18.44 -30.85
C GLU C 452 12.44 18.01 -32.24
N ALA C 453 12.27 16.72 -32.56
CA ALA C 453 12.59 16.18 -33.88
C ALA C 453 13.95 16.66 -34.37
N VAL C 454 14.93 16.62 -33.48
CA VAL C 454 16.29 17.03 -33.77
C VAL C 454 17.13 16.56 -32.60
N LEU C 455 18.44 16.44 -32.81
CA LEU C 455 19.35 16.19 -31.71
C LEU C 455 19.44 17.47 -30.89
N ALA C 456 18.67 17.50 -29.81
CA ALA C 456 18.58 18.68 -28.96
C ALA C 456 19.76 18.78 -28.00
N SER C 457 19.80 19.87 -27.24
CA SER C 457 20.88 20.14 -26.31
C SER C 457 21.12 19.03 -25.29
N GLU C 458 20.09 18.23 -25.03
CA GLU C 458 20.23 17.09 -24.10
C GLU C 458 21.42 16.20 -24.48
N ASN C 459 21.65 16.06 -25.77
CA ASN C 459 22.72 15.20 -26.27
C ASN C 459 24.08 15.73 -25.85
N MET C 460 24.19 17.05 -25.80
CA MET C 460 25.42 17.68 -25.33
C MET C 460 25.66 17.32 -23.87
N VAL C 461 24.58 17.20 -23.11
CA VAL C 461 24.73 16.75 -21.75
C VAL C 461 25.14 15.28 -21.73
N PHE C 462 24.57 14.48 -22.62
CA PHE C 462 24.80 13.02 -22.56
C PHE C 462 26.18 12.60 -23.06
N ASN C 463 26.69 13.29 -24.08
CA ASN C 463 27.85 12.80 -24.80
C ASN C 463 28.71 13.96 -25.30
N GLN C 464 29.99 13.89 -24.99
CA GLN C 464 30.95 14.93 -25.35
C GLN C 464 30.99 15.17 -26.86
N HIS C 465 30.72 14.12 -27.61
CA HIS C 465 30.70 14.17 -29.08
C HIS C 465 29.82 15.34 -29.58
N PHE C 466 28.62 15.47 -29.02
CA PHE C 466 27.68 16.49 -29.45
C PHE C 466 28.04 17.89 -28.94
N CYS C 467 28.89 17.95 -27.92
CA CYS C 467 29.55 19.21 -27.55
C CYS C 467 30.56 19.62 -28.61
N ASP C 468 31.33 18.64 -29.11
CA ASP C 468 32.35 18.91 -30.11
C ASP C 468 31.71 19.26 -31.46
N GLU C 469 30.49 18.77 -31.70
CA GLU C 469 29.77 18.98 -32.95
C GLU C 469 28.73 20.11 -32.91
N GLU C 470 28.59 20.75 -31.76
CA GLU C 470 27.57 21.77 -31.56
C GLU C 470 27.55 22.86 -32.62
N ALA C 471 28.72 23.44 -32.88
CA ALA C 471 28.82 24.57 -33.80
C ALA C 471 28.35 24.19 -35.20
N PHE C 472 28.77 23.01 -35.64
CA PHE C 472 28.39 22.43 -36.93
C PHE C 472 26.86 22.32 -37.13
N ASN C 473 26.20 21.69 -36.17
CA ASN C 473 24.75 21.48 -36.22
C ASN C 473 23.97 22.77 -36.09
N THR C 474 24.47 23.65 -35.22
CA THR C 474 23.95 25.01 -35.10
C THR C 474 24.03 25.71 -36.45
N CYS C 475 25.08 25.40 -37.20
CA CYS C 475 25.26 25.99 -38.52
C CYS C 475 24.52 25.22 -39.60
N LEU C 476 23.84 24.14 -39.22
CA LEU C 476 22.93 23.48 -40.14
C LEU C 476 21.45 23.87 -39.96
N HIS C 477 20.99 23.95 -38.71
CA HIS C 477 19.56 24.08 -38.40
C HIS C 477 18.80 25.23 -39.07
N PRO C 478 19.41 26.43 -39.18
CA PRO C 478 18.65 27.48 -39.86
C PRO C 478 18.40 27.20 -41.35
N PHE C 479 19.25 26.38 -41.96
CA PHE C 479 19.11 26.01 -43.37
C PHE C 479 18.21 24.80 -43.59
N ILE C 480 18.03 23.98 -42.56
CA ILE C 480 17.36 22.70 -42.76
C ILE C 480 16.21 22.47 -41.77
N ARG C 481 16.50 21.87 -40.63
CA ARG C 481 15.46 21.44 -39.70
C ARG C 481 14.55 22.58 -39.28
N ASN C 482 15.15 23.69 -38.86
CA ASN C 482 14.39 24.77 -38.25
C ASN C 482 13.72 25.71 -39.28
N THR C 483 14.19 25.69 -40.54
CA THR C 483 13.61 26.57 -41.57
C THR C 483 12.19 26.15 -41.94
N VAL C 484 11.87 24.86 -41.77
CA VAL C 484 10.54 24.38 -42.09
C VAL C 484 9.62 24.29 -40.87
N GLY C 485 10.13 24.63 -39.69
CA GLY C 485 9.29 24.58 -38.49
C GLY C 485 9.98 24.85 -37.17
N SER C 486 9.18 25.14 -36.15
CA SER C 486 9.70 25.42 -34.82
C SER C 486 10.53 24.25 -34.27
N MET C 487 11.67 24.60 -33.68
CA MET C 487 12.59 23.60 -33.13
C MET C 487 12.84 23.91 -31.66
N GLU C 488 12.25 23.11 -30.78
CA GLU C 488 12.35 23.38 -29.36
C GLU C 488 13.64 22.69 -28.88
N PHE C 489 14.74 23.43 -28.99
CA PHE C 489 16.10 22.87 -28.88
C PHE C 489 16.68 22.82 -27.47
N GLY C 490 16.24 23.73 -26.60
CA GLY C 490 16.77 23.83 -25.25
C GLY C 490 18.18 24.37 -25.19
N GLY C 491 18.47 25.30 -26.10
CA GLY C 491 19.81 25.85 -26.24
C GLY C 491 20.18 26.88 -25.18
N CYS C 492 21.32 27.52 -25.41
CA CYS C 492 21.92 28.50 -24.49
C CYS C 492 22.36 27.84 -23.18
N LEU C 493 23.46 27.10 -23.27
CA LEU C 493 24.10 26.53 -22.09
C LEU C 493 25.21 27.47 -21.66
N LEU C 494 25.03 28.13 -20.51
CA LEU C 494 26.03 29.08 -20.05
C LEU C 494 26.90 28.47 -18.96
N ASN C 495 26.45 27.33 -18.42
CA ASN C 495 27.32 26.46 -17.65
C ASN C 495 28.52 26.09 -18.51
N LYS C 496 29.67 25.95 -17.87
CA LYS C 496 30.88 25.52 -18.56
C LYS C 496 30.98 24.00 -18.57
N ARG C 497 30.47 23.38 -17.50
CA ARG C 497 30.44 21.93 -17.38
C ARG C 497 29.01 21.48 -17.22
N LEU C 498 28.61 20.50 -18.00
CA LEU C 498 27.18 20.19 -18.13
C LEU C 498 26.71 19.21 -17.07
N ASN C 499 26.78 19.66 -15.82
CA ASN C 499 26.19 18.96 -14.69
C ASN C 499 25.71 19.98 -13.67
N ARG C 500 25.12 19.51 -12.58
CA ARG C 500 24.45 20.39 -11.63
C ARG C 500 25.39 21.38 -10.96
N ASN C 501 26.56 20.91 -10.55
CA ASN C 501 27.50 21.75 -9.82
C ASN C 501 28.47 22.49 -10.73
N ASN C 502 28.26 22.39 -12.04
CA ASN C 502 29.09 23.08 -13.04
C ASN C 502 30.56 22.75 -12.83
N ASP C 503 30.86 21.49 -12.54
CA ASP C 503 32.22 21.07 -12.22
C ASP C 503 32.51 19.65 -12.70
N GLY C 504 31.63 19.11 -13.52
CA GLY C 504 31.82 17.78 -14.07
C GLY C 504 30.96 17.54 -15.29
N GLY C 505 30.92 16.30 -15.76
CA GLY C 505 30.19 15.96 -16.95
C GLY C 505 30.88 16.44 -18.21
N THR C 506 30.10 16.66 -19.26
CA THR C 506 30.69 17.06 -20.54
C THR C 506 31.16 18.50 -20.49
N THR C 507 31.94 18.90 -21.50
CA THR C 507 32.57 20.21 -21.54
C THR C 507 32.15 21.00 -22.79
N ARG C 508 31.48 22.13 -22.60
CA ARG C 508 31.13 23.02 -23.71
C ARG C 508 32.37 23.52 -24.44
N ARG C 509 32.30 23.51 -25.77
CA ARG C 509 33.40 23.92 -26.62
C ARG C 509 33.21 25.32 -27.18
N THR C 510 32.01 25.88 -27.01
CA THR C 510 31.69 27.17 -27.60
C THR C 510 31.67 28.31 -26.58
N THR C 511 31.70 29.54 -27.08
CA THR C 511 31.78 30.72 -26.23
C THR C 511 30.39 31.14 -25.76
N ASP C 512 30.32 31.98 -24.73
CA ASP C 512 29.04 32.45 -24.19
C ASP C 512 28.22 33.23 -25.23
N VAL C 513 28.92 34.06 -25.98
CA VAL C 513 28.27 34.89 -26.99
C VAL C 513 27.75 34.00 -28.11
N PHE C 514 28.44 32.91 -28.40
CA PHE C 514 27.91 31.86 -29.27
C PHE C 514 26.52 31.45 -28.82
N GLN C 515 26.39 31.10 -27.55
CA GLN C 515 25.11 30.67 -27.00
C GLN C 515 24.04 31.76 -27.15
N LEU C 516 24.44 32.98 -26.80
CA LEU C 516 23.53 34.13 -26.89
C LEU C 516 23.02 34.24 -28.31
N ALA C 517 23.93 34.11 -29.26
CA ALA C 517 23.61 34.13 -30.67
C ALA C 517 22.64 33.02 -31.03
N THR C 518 22.81 31.84 -30.42
CA THR C 518 21.92 30.72 -30.71
C THR C 518 20.51 31.00 -30.20
N THR C 519 20.36 31.92 -29.25
CA THR C 519 19.00 32.28 -28.85
C THR C 519 18.24 33.02 -29.96
N VAL C 520 18.98 33.63 -30.87
CA VAL C 520 18.39 34.29 -32.04
C VAL C 520 18.38 33.37 -33.25
N LEU C 521 19.45 32.58 -33.41
CA LEU C 521 19.58 31.67 -34.54
C LEU C 521 18.50 30.61 -34.53
N LEU C 522 18.23 30.04 -33.36
CA LEU C 522 17.31 28.92 -33.26
C LEU C 522 15.94 29.37 -32.77
N GLN C 523 14.92 29.17 -33.60
CA GLN C 523 13.57 29.68 -33.34
C GLN C 523 12.58 28.66 -32.76
N ASN C 524 11.90 29.07 -31.69
CA ASN C 524 10.77 28.34 -31.13
C ASN C 524 9.99 29.29 -30.23
N PRO C 525 8.65 29.32 -30.35
CA PRO C 525 7.84 30.32 -29.65
C PRO C 525 7.93 30.22 -28.13
N VAL C 526 7.98 29.01 -27.60
CA VAL C 526 8.20 28.81 -26.17
C VAL C 526 9.59 28.21 -25.96
N GLN C 527 10.54 29.04 -25.52
CA GLN C 527 11.91 28.61 -25.33
C GLN C 527 12.23 28.20 -23.90
N ASN C 528 12.56 26.93 -23.71
CA ASN C 528 13.08 26.47 -22.44
C ASN C 528 14.59 26.38 -22.55
N PHE C 529 15.25 27.51 -22.33
CA PHE C 529 16.70 27.60 -22.44
C PHE C 529 17.35 26.80 -21.31
N ALA C 530 18.60 26.42 -21.52
CA ALA C 530 19.32 25.60 -20.56
C ALA C 530 20.07 26.40 -19.50
N LEU C 531 19.43 27.42 -18.94
CA LEU C 531 20.03 28.17 -17.84
C LEU C 531 19.91 27.42 -16.50
N ALA C 532 20.69 27.86 -15.51
CA ALA C 532 20.58 27.31 -14.17
C ALA C 532 20.78 28.42 -13.14
N PRO C 533 20.20 28.26 -11.94
CA PRO C 533 20.27 29.33 -10.91
C PRO C 533 21.69 29.81 -10.61
N ASN C 534 22.64 28.88 -10.55
CA ASN C 534 24.04 29.24 -10.31
C ASN C 534 24.59 30.21 -11.36
N ASN C 535 23.94 30.28 -12.52
CA ASN C 535 24.38 31.17 -13.59
C ASN C 535 24.25 32.63 -13.18
N LEU C 536 23.40 32.90 -12.18
CA LEU C 536 23.26 34.26 -11.72
C LEU C 536 24.47 34.74 -10.94
N LYS C 537 25.33 33.82 -10.52
CA LYS C 537 26.59 34.21 -9.88
C LYS C 537 27.85 33.90 -10.69
N ASP C 538 27.84 32.83 -11.48
CA ASP C 538 29.07 32.41 -12.14
C ASP C 538 29.11 32.73 -13.65
N VAL C 539 28.15 33.52 -14.10
CA VAL C 539 28.12 33.96 -15.49
C VAL C 539 28.20 35.48 -15.55
N PRO C 540 29.07 36.03 -16.42
CA PRO C 540 29.19 37.48 -16.64
C PRO C 540 27.83 38.16 -16.77
N ALA C 541 27.68 39.32 -16.15
CA ALA C 541 26.38 39.96 -16.01
C ALA C 541 25.71 40.30 -17.35
N VAL C 542 26.50 40.66 -18.36
CA VAL C 542 25.92 41.09 -19.63
C VAL C 542 25.16 39.97 -20.32
N CYS C 543 25.63 38.73 -20.12
CA CYS C 543 24.98 37.57 -20.67
C CYS C 543 23.60 37.38 -20.04
N MET C 544 23.56 37.40 -18.71
CA MET C 544 22.28 37.20 -18.02
C MET C 544 21.32 38.37 -18.26
N ASP C 545 21.85 39.58 -18.45
CA ASP C 545 21.01 40.73 -18.78
C ASP C 545 20.32 40.51 -20.13
N PHE C 546 21.14 40.09 -21.09
CA PHE C 546 20.61 39.78 -22.40
C PHE C 546 19.54 38.70 -22.29
N MET C 547 19.86 37.62 -21.59
CA MET C 547 18.92 36.51 -21.46
C MET C 547 17.65 36.98 -20.76
N LYS C 548 17.78 38.01 -19.92
CA LYS C 548 16.60 38.62 -19.31
C LYS C 548 15.75 39.31 -20.35
N ARG C 549 16.35 39.80 -21.43
CA ARG C 549 15.53 40.55 -22.40
C ARG C 549 15.28 39.85 -23.77
N VAL C 550 15.79 38.63 -23.96
CA VAL C 550 15.67 37.92 -25.23
C VAL C 550 14.22 37.59 -25.65
N PRO C 551 13.88 37.83 -26.93
CA PRO C 551 12.57 37.45 -27.45
C PRO C 551 12.52 36.00 -27.97
N THR C 552 11.31 35.47 -28.11
CA THR C 552 11.12 34.13 -28.63
C THR C 552 10.20 34.12 -29.85
N THR C 553 9.65 35.28 -30.18
CA THR C 553 8.76 35.40 -31.33
C THR C 553 9.26 36.49 -32.28
N TRP C 554 8.90 36.37 -33.56
CA TRP C 554 9.49 37.26 -34.56
C TRP C 554 8.52 37.78 -35.62
N ASP C 555 8.82 38.99 -36.08
CA ASP C 555 8.02 39.63 -37.11
C ASP C 555 8.63 39.43 -38.49
N GLU C 556 9.94 39.19 -38.54
CA GLU C 556 10.64 39.13 -39.80
C GLU C 556 12.02 38.50 -39.65
N THR C 557 12.46 37.79 -40.68
CA THR C 557 13.76 37.11 -40.67
C THR C 557 14.50 37.33 -41.99
N ARG C 558 15.77 37.72 -41.89
CA ARG C 558 16.59 37.97 -43.07
C ARG C 558 17.86 37.14 -43.06
N PHE C 559 18.08 36.39 -44.13
CA PHE C 559 19.36 35.69 -44.28
C PHE C 559 20.38 36.72 -44.69
N VAL C 560 21.45 36.84 -43.92
CA VAL C 560 22.48 37.84 -44.22
C VAL C 560 23.64 37.16 -44.89
N ASP C 561 24.14 36.08 -44.29
CA ASP C 561 25.25 35.33 -44.92
C ASP C 561 25.38 33.95 -44.30
N GLY C 562 26.18 33.09 -44.92
CA GLY C 562 26.44 31.79 -44.34
C GLY C 562 26.68 30.65 -45.30
N TYR C 563 27.07 29.51 -44.74
CA TYR C 563 27.19 28.26 -45.45
C TYR C 563 26.94 27.14 -44.46
N PRO C 564 26.08 26.17 -44.84
CA PRO C 564 25.59 25.09 -43.97
C PRO C 564 26.72 24.28 -43.35
N GLY C 565 26.77 24.26 -42.02
CA GLY C 565 27.77 23.51 -41.30
C GLY C 565 29.06 24.28 -41.06
N LYS C 566 29.17 25.45 -41.68
CA LYS C 566 30.40 26.22 -41.59
C LYS C 566 30.19 27.50 -40.79
N TYR C 567 29.22 28.32 -41.19
CA TYR C 567 28.93 29.52 -40.43
C TYR C 567 27.56 30.06 -40.78
N VAL C 568 26.98 30.85 -39.90
CA VAL C 568 25.66 31.41 -40.21
C VAL C 568 25.45 32.80 -39.61
N VAL C 569 24.86 33.68 -40.42
CA VAL C 569 24.58 35.07 -40.07
C VAL C 569 23.13 35.40 -40.47
N LEU C 570 22.29 35.66 -39.46
CA LEU C 570 20.88 35.95 -39.66
C LEU C 570 20.41 37.17 -38.89
N ALA C 571 19.43 37.88 -39.44
CA ALA C 571 18.81 39.00 -38.75
C ALA C 571 17.32 38.71 -38.53
N ARG C 572 16.84 38.98 -37.33
CA ARG C 572 15.43 38.83 -37.01
C ARG C 572 14.90 40.07 -36.33
N ARG C 573 13.69 40.47 -36.69
CA ARG C 573 13.08 41.68 -36.13
C ARG C 573 11.95 41.37 -35.16
N GLN C 574 11.96 42.05 -34.01
CA GLN C 574 10.82 42.04 -33.11
C GLN C 574 10.41 43.48 -32.84
N GLY C 575 9.18 43.82 -33.24
CA GLY C 575 8.74 45.20 -33.20
C GLY C 575 9.61 46.05 -34.11
N ASP C 576 10.30 47.01 -33.51
CA ASP C 576 11.20 47.87 -34.28
C ASP C 576 12.65 47.53 -33.98
N THR C 577 12.86 46.48 -33.18
CA THR C 577 14.21 46.07 -32.78
C THR C 577 14.79 44.97 -33.64
N TRP C 578 15.97 45.22 -34.18
CA TRP C 578 16.66 44.22 -35.00
C TRP C 578 17.76 43.49 -34.23
N TYR C 579 17.79 42.18 -34.41
CA TYR C 579 18.79 41.29 -33.83
C TYR C 579 19.58 40.59 -34.92
N LEU C 580 20.87 40.88 -35.02
CA LEU C 580 21.75 40.15 -35.91
C LEU C 580 22.57 39.16 -35.09
N ALA C 581 22.59 37.91 -35.54
CA ALA C 581 23.35 36.88 -34.86
C ALA C 581 24.21 36.13 -35.85
N ALA C 582 25.46 35.89 -35.47
CA ALA C 582 26.37 35.14 -36.33
C ALA C 582 27.24 34.20 -35.53
N VAL C 583 27.47 33.00 -36.04
CA VAL C 583 28.44 32.10 -35.42
C VAL C 583 29.32 31.42 -36.46
N ASN C 584 30.49 30.97 -35.99
CA ASN C 584 31.49 30.34 -36.84
C ASN C 584 31.83 28.93 -36.39
N ALA C 585 31.59 27.96 -37.25
CA ALA C 585 31.90 26.56 -36.95
C ALA C 585 33.21 26.14 -37.59
N GLY C 586 33.89 27.07 -38.24
CA GLY C 586 35.15 26.80 -38.89
C GLY C 586 36.31 26.55 -37.94
N LYS C 587 37.46 26.19 -38.50
CA LYS C 587 38.64 25.99 -37.68
C LYS C 587 39.55 27.20 -37.76
N GLU C 588 39.26 28.09 -38.70
CA GLU C 588 39.95 29.36 -38.85
C GLU C 588 39.04 30.53 -38.52
N PRO C 589 39.63 31.66 -38.09
CA PRO C 589 38.84 32.87 -37.87
C PRO C 589 38.12 33.30 -39.14
N LEU C 590 36.94 33.91 -38.99
CA LEU C 590 36.13 34.25 -40.15
C LEU C 590 35.91 35.75 -40.28
N LYS C 591 36.33 36.31 -41.40
CA LYS C 591 36.19 37.75 -41.62
C LYS C 591 35.08 38.04 -42.63
N LEU C 592 34.08 38.80 -42.17
CA LEU C 592 32.87 39.10 -42.92
C LEU C 592 32.77 40.59 -43.26
N LYS C 593 32.44 40.89 -44.51
CA LYS C 593 32.01 42.24 -44.88
C LYS C 593 30.52 42.20 -45.17
N LEU C 594 29.74 42.79 -44.28
CA LEU C 594 28.28 42.67 -44.34
C LEU C 594 27.64 44.01 -44.68
N ASP C 595 26.51 43.95 -45.38
CA ASP C 595 25.68 45.15 -45.59
C ASP C 595 24.41 45.04 -44.76
N LEU C 596 24.32 45.87 -43.73
CA LEU C 596 23.21 45.79 -42.78
C LEU C 596 22.32 47.02 -42.94
N GLU C 597 21.44 46.97 -43.93
CA GLU C 597 20.48 48.05 -44.18
C GLU C 597 19.72 48.41 -42.90
N MET C 598 19.27 47.39 -42.19
CA MET C 598 18.64 47.48 -40.88
C MET C 598 19.29 48.53 -39.97
N PHE C 599 20.61 48.45 -39.85
CA PHE C 599 21.33 49.26 -38.89
C PHE C 599 21.85 50.55 -39.52
N ALA C 600 21.44 50.78 -40.77
CA ALA C 600 21.49 52.08 -41.45
C ALA C 600 22.68 52.93 -41.05
N GLY C 601 22.40 54.05 -40.38
CA GLY C 601 23.44 54.90 -39.86
C GLY C 601 23.27 54.96 -38.37
N LYS C 602 23.38 53.81 -37.72
CA LYS C 602 23.05 53.71 -36.31
C LYS C 602 24.20 53.21 -35.46
N THR C 603 24.07 53.36 -34.15
CA THR C 603 24.98 52.76 -33.19
C THR C 603 24.32 51.56 -32.53
N VAL C 604 24.86 50.37 -32.77
CA VAL C 604 24.24 49.16 -32.27
C VAL C 604 24.99 48.61 -31.06
N ALA C 605 24.26 47.86 -30.24
CA ALA C 605 24.89 47.16 -29.13
C ALA C 605 25.55 45.91 -29.69
N LEU C 606 26.84 45.75 -29.42
CA LEU C 606 27.57 44.64 -30.00
C LEU C 606 28.13 43.70 -28.93
N TYR C 607 27.73 42.44 -29.03
CA TYR C 607 28.24 41.37 -28.19
C TYR C 607 29.28 40.61 -28.98
N LYS C 608 30.47 40.48 -28.40
CA LYS C 608 31.60 39.89 -29.12
C LYS C 608 32.44 39.06 -28.16
N ASP C 609 33.22 38.13 -28.69
CA ASP C 609 34.20 37.43 -27.88
C ASP C 609 35.45 38.30 -27.79
N ASP C 610 35.98 38.45 -26.58
CA ASP C 610 37.24 39.17 -26.46
C ASP C 610 38.36 38.23 -26.86
N LYS C 611 39.56 38.79 -26.95
CA LYS C 611 40.76 38.05 -27.35
C LYS C 611 40.99 36.73 -26.59
N LYS C 612 40.48 36.63 -25.36
CA LYS C 612 40.61 35.39 -24.57
C LYS C 612 39.38 34.49 -24.71
N GLY C 613 38.32 34.99 -25.35
CA GLY C 613 37.10 34.21 -25.53
C GLY C 613 35.98 34.57 -24.58
N GLU C 614 36.20 35.58 -23.74
CA GLU C 614 35.18 36.00 -22.80
C GLU C 614 34.17 36.94 -23.46
N PRO C 615 32.93 36.96 -22.92
CA PRO C 615 31.89 37.80 -23.53
C PRO C 615 32.14 39.28 -23.23
N GLU C 616 31.96 40.13 -24.23
CA GLU C 616 32.10 41.57 -24.04
C GLU C 616 31.01 42.33 -24.78
N LEU C 617 30.41 43.29 -24.07
CA LEU C 617 29.39 44.16 -24.66
C LEU C 617 29.96 45.55 -24.91
N THR C 618 30.00 45.93 -26.17
CA THR C 618 30.49 47.23 -26.60
C THR C 618 29.46 47.91 -27.50
N SER C 619 29.87 49.00 -28.14
CA SER C 619 29.04 49.69 -29.11
C SER C 619 29.70 49.71 -30.50
N LEU C 620 28.89 49.83 -31.54
CA LEU C 620 29.43 49.90 -32.89
C LEU C 620 28.71 50.93 -33.77
N LYS C 621 29.48 51.89 -34.28
CA LYS C 621 28.97 52.92 -35.18
C LYS C 621 28.91 52.33 -36.58
N VAL C 622 27.72 52.25 -37.14
CA VAL C 622 27.55 51.73 -38.49
C VAL C 622 27.29 52.90 -39.41
N LYS C 623 28.14 53.04 -40.43
CA LYS C 623 27.99 54.18 -41.32
C LYS C 623 26.72 54.01 -42.20
N GLU C 624 26.22 55.12 -42.73
CA GLU C 624 24.97 55.18 -43.50
C GLU C 624 24.85 54.23 -44.69
N ASN C 625 25.96 53.79 -45.28
CA ASN C 625 25.87 52.82 -46.37
C ASN C 625 25.61 51.42 -45.85
N GLY C 626 25.86 51.20 -44.57
CA GLY C 626 25.65 49.88 -44.00
C GLY C 626 26.83 48.91 -43.99
N LYS C 627 28.04 49.40 -44.31
CA LYS C 627 29.25 48.59 -44.34
C LYS C 627 29.67 48.17 -42.93
N VAL C 628 29.37 46.94 -42.55
CA VAL C 628 29.83 46.51 -41.24
C VAL C 628 30.93 45.47 -41.54
N GLN C 629 32.04 45.44 -40.81
CA GLN C 629 32.98 44.34 -41.02
C GLN C 629 33.39 43.72 -39.68
N LEU C 630 33.44 42.38 -39.63
CA LEU C 630 33.58 41.65 -38.36
C LEU C 630 34.42 40.39 -38.47
N GLU C 631 35.07 40.00 -37.37
CA GLU C 631 35.75 38.72 -37.33
C GLU C 631 35.16 37.85 -36.24
N ILE C 632 34.90 36.59 -36.57
CA ILE C 632 34.32 35.66 -35.62
C ILE C 632 35.33 34.55 -35.39
N ARG C 633 35.80 34.41 -34.15
CA ARG C 633 36.67 33.32 -33.78
C ARG C 633 35.95 31.98 -33.97
N PRO C 634 36.71 30.90 -34.21
CA PRO C 634 36.14 29.54 -34.26
C PRO C 634 35.41 29.21 -32.96
N GLN C 635 34.28 28.51 -33.09
CA GLN C 635 33.42 28.16 -31.95
C GLN C 635 32.89 29.41 -31.27
N GLY C 636 32.94 30.53 -31.97
CA GLY C 636 32.51 31.80 -31.43
C GLY C 636 31.34 32.42 -32.16
N GLY C 637 30.95 33.61 -31.72
CA GLY C 637 29.80 34.30 -32.25
C GLY C 637 29.81 35.81 -32.06
N ILE C 638 28.81 36.46 -32.66
CA ILE C 638 28.66 37.90 -32.61
C ILE C 638 27.17 38.23 -32.58
N LEU C 639 26.81 39.26 -31.82
CA LEU C 639 25.41 39.67 -31.75
C LEU C 639 25.26 41.20 -31.83
N CYS C 640 24.50 41.69 -32.79
CA CYS C 640 24.24 43.13 -32.86
C CYS C 640 22.77 43.40 -32.62
N ILE C 641 22.47 44.32 -31.70
CA ILE C 641 21.07 44.61 -31.40
C ILE C 641 20.80 46.10 -31.46
N LYS C 642 19.75 46.49 -32.17
CA LYS C 642 19.23 47.85 -32.01
C LYS C 642 17.80 47.93 -32.57
N LEU D 14 -6.67 -35.16 -11.86
CA LEU D 14 -5.37 -34.54 -12.09
C LEU D 14 -5.44 -33.02 -12.08
N GLN D 15 -6.61 -32.47 -11.77
CA GLN D 15 -6.78 -31.02 -11.82
C GLN D 15 -6.00 -30.36 -10.69
N ASP D 16 -5.36 -29.25 -11.03
CA ASP D 16 -4.58 -28.48 -10.07
C ASP D 16 -5.45 -27.75 -9.06
N VAL D 17 -6.61 -27.27 -9.50
CA VAL D 17 -7.51 -26.55 -8.63
C VAL D 17 -8.93 -26.56 -9.18
N VAL D 18 -9.90 -26.44 -8.27
CA VAL D 18 -11.32 -26.42 -8.60
C VAL D 18 -11.98 -25.22 -7.91
N VAL D 19 -12.82 -24.49 -8.64
CA VAL D 19 -13.60 -23.42 -8.03
C VAL D 19 -15.09 -23.59 -8.38
N LYS D 20 -15.96 -23.36 -7.41
CA LYS D 20 -17.39 -23.57 -7.60
C LYS D 20 -18.19 -22.28 -7.39
N GLY D 21 -19.37 -22.19 -8.01
CA GLY D 21 -20.30 -21.12 -7.71
C GLY D 21 -20.82 -21.26 -6.29
N PRO D 22 -21.46 -20.20 -5.76
CA PRO D 22 -21.94 -20.17 -4.38
C PRO D 22 -22.84 -21.33 -3.98
N ASP D 23 -23.74 -21.75 -4.88
CA ASP D 23 -24.60 -22.89 -4.56
C ASP D 23 -23.97 -24.20 -5.01
N GLU D 24 -22.73 -24.11 -5.49
CA GLU D 24 -21.90 -25.28 -5.81
C GLU D 24 -22.41 -26.14 -6.95
N LYS D 25 -23.42 -25.68 -7.68
CA LYS D 25 -23.91 -26.43 -8.84
C LYS D 25 -22.92 -26.29 -10.00
N LEU D 26 -22.40 -25.08 -10.20
CA LEU D 26 -21.42 -24.80 -11.25
C LEU D 26 -20.00 -25.04 -10.74
N GLN D 27 -19.26 -25.90 -11.45
CA GLN D 27 -17.88 -26.20 -11.06
C GLN D 27 -16.91 -26.06 -12.23
N LEU D 28 -15.80 -25.39 -11.97
CA LEU D 28 -14.76 -25.21 -12.97
C LEU D 28 -13.47 -25.80 -12.47
N ALA D 29 -12.83 -26.62 -13.30
CA ALA D 29 -11.56 -27.25 -12.93
C ALA D 29 -10.46 -26.79 -13.87
N VAL D 30 -9.27 -26.59 -13.32
CA VAL D 30 -8.13 -26.11 -14.08
C VAL D 30 -6.99 -27.12 -14.12
N PHE D 31 -6.48 -27.36 -15.33
CA PHE D 31 -5.44 -28.34 -15.58
C PHE D 31 -4.22 -27.66 -16.21
N VAL D 32 -3.16 -27.51 -15.41
CA VAL D 32 -1.92 -26.88 -15.87
C VAL D 32 -0.76 -27.87 -15.73
N GLN D 33 -0.57 -28.45 -14.53
CA GLN D 33 0.53 -29.43 -14.33
C GLN D 33 0.47 -30.63 -15.23
N ASN D 34 1.62 -30.97 -15.80
CA ASN D 34 1.84 -32.14 -16.67
C ASN D 34 0.83 -32.17 -17.81
N GLU D 35 0.25 -31.02 -18.12
CA GLU D 35 -0.58 -30.90 -19.31
C GLU D 35 0.27 -30.15 -20.35
N THR D 36 0.38 -30.69 -21.56
CA THR D 36 1.15 -30.01 -22.60
C THR D 36 0.50 -28.67 -22.87
N LYS D 37 -0.83 -28.67 -22.86
CA LYS D 37 -1.62 -27.49 -23.16
C LYS D 37 -2.55 -27.20 -21.99
N PRO D 38 -2.35 -26.05 -21.31
CA PRO D 38 -3.20 -25.71 -20.17
C PRO D 38 -4.66 -25.65 -20.60
N CYS D 39 -5.55 -26.17 -19.76
CA CYS D 39 -6.95 -26.24 -20.13
C CYS D 39 -7.87 -26.18 -18.91
N TYR D 40 -9.15 -25.97 -19.17
CA TYR D 40 -10.15 -25.95 -18.11
C TYR D 40 -11.38 -26.74 -18.52
N SER D 41 -12.18 -27.15 -17.56
CA SER D 41 -13.44 -27.82 -17.88
C SER D 41 -14.55 -27.34 -16.96
N VAL D 42 -15.78 -27.43 -17.44
CA VAL D 42 -16.93 -26.92 -16.70
C VAL D 42 -18.02 -27.98 -16.55
N SER D 43 -18.52 -28.13 -15.34
CA SER D 43 -19.64 -29.03 -15.08
C SER D 43 -20.76 -28.29 -14.38
N TYR D 44 -21.99 -28.77 -14.56
CA TYR D 44 -23.14 -28.24 -13.85
C TYR D 44 -24.01 -29.39 -13.34
N ASN D 45 -24.27 -29.38 -12.04
CA ASN D 45 -24.92 -30.49 -11.33
C ASN D 45 -24.37 -31.86 -11.70
N GLY D 46 -23.05 -31.94 -11.87
CA GLY D 46 -22.37 -33.20 -12.12
C GLY D 46 -22.35 -33.64 -13.57
N LYS D 47 -23.01 -32.88 -14.43
CA LYS D 47 -22.98 -33.20 -15.85
C LYS D 47 -21.92 -32.34 -16.54
N THR D 48 -21.10 -32.96 -17.38
CA THR D 48 -20.10 -32.21 -18.13
C THR D 48 -20.77 -31.26 -19.12
N MET D 49 -20.42 -29.98 -19.04
CA MET D 49 -20.97 -28.97 -19.92
C MET D 49 -19.89 -28.50 -20.89
N LEU D 50 -18.69 -28.32 -20.37
CA LEU D 50 -17.51 -28.11 -21.20
C LEU D 50 -16.41 -29.11 -20.87
N GLU D 51 -15.86 -29.72 -21.91
CA GLU D 51 -14.75 -30.65 -21.80
C GLU D 51 -13.48 -29.85 -21.54
N LYS D 52 -12.33 -30.50 -21.45
CA LYS D 52 -11.09 -29.77 -21.26
C LYS D 52 -10.90 -28.79 -22.42
N SER D 53 -10.95 -27.50 -22.12
CA SER D 53 -10.91 -26.46 -23.16
C SER D 53 -9.63 -25.65 -23.01
N PRO D 54 -8.95 -25.39 -24.14
CA PRO D 54 -7.60 -24.84 -24.09
C PRO D 54 -7.55 -23.42 -23.54
N LEU D 55 -6.45 -23.11 -22.86
CA LEU D 55 -6.17 -21.77 -22.35
C LEU D 55 -4.85 -21.27 -22.92
N GLY D 56 -4.63 -19.96 -22.84
CA GLY D 56 -3.32 -19.41 -23.15
C GLY D 56 -3.29 -18.48 -24.33
N MET D 57 -2.10 -18.00 -24.65
CA MET D 57 -1.95 -17.00 -25.71
C MET D 57 -0.52 -16.88 -26.19
N ASN D 58 -0.36 -16.35 -27.38
CA ASN D 58 0.95 -16.02 -27.91
C ASN D 58 1.13 -14.52 -28.13
N THR D 59 2.23 -13.99 -27.62
CA THR D 59 2.47 -12.55 -27.53
C THR D 59 3.89 -12.19 -27.96
N ASN D 60 4.07 -10.94 -28.39
CA ASN D 60 5.37 -10.46 -28.86
C ASN D 60 6.38 -10.20 -27.74
N ILE D 61 6.02 -10.56 -26.51
CA ILE D 61 6.99 -10.61 -25.42
C ILE D 61 7.19 -12.03 -24.90
N GLY D 62 6.45 -13.00 -25.45
CA GLY D 62 6.58 -14.36 -24.98
C GLY D 62 5.46 -15.29 -25.37
N ASP D 63 5.71 -16.59 -25.25
CA ASP D 63 4.70 -17.59 -25.59
C ASP D 63 4.11 -18.18 -24.32
N PHE D 64 2.78 -18.18 -24.23
CA PHE D 64 2.06 -18.73 -23.08
C PHE D 64 1.01 -19.74 -23.53
N THR D 65 1.40 -20.70 -24.37
CA THR D 65 0.44 -21.66 -24.96
C THR D 65 0.65 -23.10 -24.48
N LYS D 66 1.90 -23.47 -24.21
CA LYS D 66 2.23 -24.84 -23.83
C LYS D 66 3.21 -24.92 -22.65
N ASN D 67 3.05 -25.99 -21.88
CA ASN D 67 3.97 -26.33 -20.81
C ASN D 67 4.07 -25.23 -19.76
N LEU D 68 2.92 -24.80 -19.27
CA LEU D 68 2.88 -23.78 -18.24
C LEU D 68 2.99 -24.45 -16.87
N LYS D 69 3.49 -23.74 -15.87
CA LYS D 69 3.43 -24.22 -14.49
C LYS D 69 2.61 -23.25 -13.64
N LEU D 70 1.84 -23.79 -12.70
CA LEU D 70 1.09 -22.97 -11.76
C LEU D 70 1.86 -22.71 -10.46
N THR D 71 2.40 -21.51 -10.33
CA THR D 71 3.23 -21.12 -9.19
C THR D 71 2.40 -20.85 -7.94
N GLY D 72 1.14 -20.48 -8.13
CA GLY D 72 0.26 -20.22 -7.01
C GLY D 72 -1.15 -19.85 -7.45
N HIS D 73 -2.08 -19.86 -6.50
CA HIS D 73 -3.46 -19.50 -6.79
C HIS D 73 -4.15 -18.95 -5.56
N SER D 74 -5.25 -18.24 -5.80
CA SER D 74 -6.07 -17.72 -4.71
C SER D 74 -7.55 -17.88 -5.04
N VAL D 75 -8.37 -18.02 -4.01
CA VAL D 75 -9.82 -18.05 -4.20
C VAL D 75 -10.42 -17.10 -3.16
N ASP D 76 -11.32 -16.23 -3.60
CA ASP D 76 -11.94 -15.27 -2.67
C ASP D 76 -13.38 -14.98 -3.03
N LYS D 77 -14.08 -14.31 -2.12
CA LYS D 77 -15.51 -14.07 -2.30
C LYS D 77 -15.80 -12.65 -2.77
N ILE D 78 -16.61 -12.57 -3.82
CA ILE D 78 -17.14 -11.30 -4.29
C ILE D 78 -18.61 -11.25 -3.91
N ASP D 79 -19.01 -10.16 -3.27
CA ASP D 79 -20.38 -9.95 -2.81
C ASP D 79 -20.67 -8.44 -2.86
N THR D 80 -21.30 -7.99 -3.93
CA THR D 80 -21.53 -6.56 -4.11
C THR D 80 -22.90 -6.28 -4.69
N VAL D 81 -23.36 -5.04 -4.59
CA VAL D 81 -24.63 -4.66 -5.20
C VAL D 81 -24.38 -3.49 -6.13
N TYR D 82 -24.94 -3.55 -7.33
CA TYR D 82 -24.83 -2.40 -8.21
C TYR D 82 -26.14 -2.10 -8.94
N GLN D 83 -26.33 -0.82 -9.28
CA GLN D 83 -27.50 -0.38 -10.00
C GLN D 83 -27.12 -0.12 -11.46
N GLN D 84 -27.96 -0.58 -12.39
CA GLN D 84 -27.66 -0.41 -13.81
C GLN D 84 -28.90 -0.18 -14.66
N THR D 85 -28.91 0.93 -15.37
CA THR D 85 -30.00 1.25 -16.29
C THR D 85 -29.76 0.65 -17.66
N ARG D 86 -30.81 0.67 -18.49
CA ARG D 86 -30.75 0.27 -19.89
C ARG D 86 -30.51 -1.23 -20.08
N ILE D 87 -30.75 -2.01 -19.04
CA ILE D 87 -30.66 -3.46 -19.18
C ILE D 87 -31.89 -4.16 -18.59
N LYS D 88 -31.87 -5.48 -18.57
CA LYS D 88 -33.04 -6.29 -18.20
C LYS D 88 -33.46 -6.20 -16.72
N VAL D 89 -32.59 -5.66 -15.87
CA VAL D 89 -32.86 -5.52 -14.44
C VAL D 89 -32.18 -4.25 -13.93
N SER D 90 -32.73 -3.63 -12.89
CA SER D 90 -32.18 -2.34 -12.42
C SER D 90 -31.22 -2.49 -11.24
N ASN D 91 -31.31 -3.61 -10.53
CA ASN D 91 -30.48 -3.87 -9.36
C ASN D 91 -29.94 -5.28 -9.34
N VAL D 92 -28.61 -5.39 -9.23
CA VAL D 92 -28.00 -6.70 -9.23
C VAL D 92 -27.21 -6.94 -7.95
N HIS D 93 -27.50 -8.06 -7.30
CA HIS D 93 -26.72 -8.56 -6.18
C HIS D 93 -25.74 -9.60 -6.72
N TYR D 94 -24.52 -9.15 -6.99
CA TYR D 94 -23.50 -9.99 -7.60
C TYR D 94 -22.71 -10.76 -6.54
N ARG D 95 -22.75 -12.08 -6.69
CA ARG D 95 -22.13 -13.00 -5.74
C ARG D 95 -21.34 -14.05 -6.52
N ALA D 96 -20.04 -14.09 -6.32
CA ALA D 96 -19.21 -15.03 -7.07
C ALA D 96 -17.96 -15.44 -6.30
N ASN D 97 -17.35 -16.54 -6.71
CA ASN D 97 -16.04 -16.91 -6.17
C ASN D 97 -15.00 -16.65 -7.25
N GLU D 98 -13.91 -16.01 -6.86
CA GLU D 98 -12.89 -15.59 -7.79
C GLU D 98 -11.61 -16.39 -7.59
N LEU D 99 -11.21 -17.07 -8.65
CA LEU D 99 -9.98 -17.83 -8.68
C LEU D 99 -8.94 -17.07 -9.50
N THR D 100 -7.84 -16.73 -8.85
CA THR D 100 -6.71 -16.12 -9.54
C THR D 100 -5.58 -17.12 -9.63
N CYS D 101 -5.22 -17.47 -10.86
CA CYS D 101 -4.13 -18.40 -11.12
C CYS D 101 -2.90 -17.64 -11.60
N HIS D 102 -1.77 -17.94 -10.97
CA HIS D 102 -0.51 -17.34 -11.36
C HIS D 102 0.33 -18.37 -12.10
N LEU D 103 0.49 -18.14 -13.39
CA LEU D 103 1.13 -19.07 -14.30
C LEU D 103 2.49 -18.54 -14.76
N GLU D 104 3.35 -19.48 -15.12
CA GLU D 104 4.67 -19.16 -15.65
C GLU D 104 5.01 -20.11 -16.79
N ASN D 105 5.65 -19.59 -17.83
CA ASN D 105 6.16 -20.46 -18.88
C ASN D 105 7.57 -20.89 -18.51
N GLU D 106 8.18 -21.74 -19.33
CA GLU D 106 9.47 -22.33 -19.00
C GLU D 106 10.60 -21.30 -18.89
N GLN D 107 10.41 -20.16 -19.54
CA GLN D 107 11.39 -19.07 -19.50
C GLN D 107 11.18 -18.17 -18.29
N GLY D 108 10.16 -18.47 -17.49
CA GLY D 108 9.90 -17.69 -16.28
C GLY D 108 8.99 -16.48 -16.47
N GLN D 109 8.50 -16.27 -17.68
CA GLN D 109 7.60 -15.15 -17.94
C GLN D 109 6.22 -15.43 -17.34
N LYS D 110 5.57 -14.39 -16.86
CA LYS D 110 4.38 -14.55 -16.04
C LYS D 110 3.07 -14.25 -16.76
N LEU D 111 2.03 -15.00 -16.42
CA LEU D 111 0.69 -14.75 -16.94
C LEU D 111 -0.35 -15.13 -15.90
N GLY D 112 -1.30 -14.23 -15.65
CA GLY D 112 -2.38 -14.54 -14.73
C GLY D 112 -3.64 -14.94 -15.47
N VAL D 113 -4.44 -15.81 -14.85
CA VAL D 113 -5.78 -16.08 -15.37
C VAL D 113 -6.77 -15.98 -14.22
N ILE D 114 -7.81 -15.16 -14.42
CA ILE D 114 -8.81 -14.92 -13.38
C ILE D 114 -10.15 -15.44 -13.82
N PHE D 115 -10.75 -16.31 -13.00
CA PHE D 115 -12.10 -16.81 -13.19
C PHE D 115 -13.04 -16.28 -12.10
N ARG D 116 -14.15 -15.66 -12.49
CA ARG D 116 -15.17 -15.28 -11.54
C ARG D 116 -16.40 -16.14 -11.80
N VAL D 117 -16.77 -16.95 -10.82
CA VAL D 117 -17.85 -17.91 -10.96
C VAL D 117 -19.04 -17.58 -10.07
N SER D 118 -20.13 -17.13 -10.70
CA SER D 118 -21.40 -16.96 -10.03
C SER D 118 -22.20 -18.24 -10.21
N ASP D 119 -23.46 -18.23 -9.77
CA ASP D 119 -24.28 -19.44 -9.78
C ASP D 119 -24.40 -20.09 -11.15
N ASN D 120 -24.53 -19.27 -12.19
CA ASN D 120 -24.73 -19.78 -13.54
C ASN D 120 -23.86 -19.11 -14.60
N ASP D 121 -22.79 -18.45 -14.18
CA ASP D 121 -21.91 -17.78 -15.12
C ASP D 121 -20.42 -17.91 -14.75
N VAL D 122 -19.59 -18.07 -15.78
CA VAL D 122 -18.15 -18.02 -15.64
C VAL D 122 -17.60 -16.85 -16.44
N ALA D 123 -16.85 -15.96 -15.79
CA ALA D 123 -16.19 -14.90 -16.53
C ALA D 123 -14.69 -14.99 -16.32
N PHE D 124 -13.90 -15.08 -17.37
CA PHE D 124 -12.47 -15.20 -17.14
C PHE D 124 -11.63 -14.38 -18.10
N ARG D 125 -10.48 -13.93 -17.61
CA ARG D 125 -9.60 -13.12 -18.44
C ARG D 125 -8.15 -13.37 -18.07
N TYR D 126 -7.24 -12.94 -18.93
CA TYR D 126 -5.80 -13.03 -18.65
C TYR D 126 -5.28 -11.69 -18.17
N THR D 127 -4.27 -11.72 -17.32
CA THR D 127 -3.52 -10.51 -16.97
C THR D 127 -2.04 -10.70 -17.27
N LEU D 128 -1.38 -9.62 -17.69
CA LEU D 128 0.06 -9.63 -17.90
C LEU D 128 0.67 -8.44 -17.19
N PRO D 129 1.61 -8.70 -16.29
CA PRO D 129 2.26 -7.64 -15.52
C PRO D 129 3.41 -6.99 -16.27
N HIS D 130 3.88 -5.86 -15.76
CA HIS D 130 5.15 -5.34 -16.20
C HIS D 130 6.17 -6.38 -15.78
N GLN D 131 6.95 -6.84 -16.75
CA GLN D 131 7.88 -7.94 -16.55
C GLN D 131 8.95 -7.83 -17.61
N GLY D 132 10.14 -8.36 -17.30
CA GLY D 132 11.28 -8.16 -18.17
C GLY D 132 11.50 -6.66 -18.08
N GLY D 133 11.66 -6.01 -19.23
CA GLY D 133 11.85 -4.57 -19.26
C GLY D 133 10.73 -3.98 -20.09
N LYS D 134 9.63 -4.73 -20.23
CA LYS D 134 8.54 -4.37 -21.14
C LYS D 134 7.37 -3.61 -20.53
N ALA D 135 6.97 -2.53 -21.20
CA ALA D 135 5.87 -1.69 -20.72
C ALA D 135 4.64 -1.77 -21.64
N SER D 136 4.75 -2.57 -22.68
CA SER D 136 3.64 -2.75 -23.60
C SER D 136 3.73 -4.10 -24.29
N VAL D 137 2.60 -4.55 -24.82
CA VAL D 137 2.52 -5.88 -25.39
C VAL D 137 1.55 -5.91 -26.58
N THR D 138 1.85 -6.78 -27.53
CA THR D 138 0.92 -7.13 -28.58
C THR D 138 0.59 -8.62 -28.44
N VAL D 139 -0.70 -8.91 -28.27
CA VAL D 139 -1.14 -10.31 -28.20
C VAL D 139 -1.34 -10.83 -29.61
N LYS D 140 -0.43 -11.69 -30.06
CA LYS D 140 -0.47 -12.17 -31.43
C LYS D 140 -1.71 -13.03 -31.66
N GLU D 141 -2.06 -13.84 -30.66
CA GLU D 141 -3.21 -14.74 -30.83
C GLU D 141 -3.64 -15.35 -29.51
N GLU D 142 -4.92 -15.65 -29.39
CA GLU D 142 -5.41 -16.41 -28.26
C GLU D 142 -5.64 -17.87 -28.62
N GLN D 143 -5.16 -18.75 -27.75
CA GLN D 143 -5.37 -20.19 -27.84
C GLN D 143 -6.71 -20.54 -27.19
N THR D 144 -7.24 -19.57 -26.44
CA THR D 144 -8.49 -19.69 -25.67
C THR D 144 -9.57 -20.45 -26.42
N GLY D 145 -10.11 -21.48 -25.79
CA GLY D 145 -11.09 -22.33 -26.46
C GLY D 145 -12.26 -22.79 -25.61
N PHE D 146 -13.23 -23.39 -26.28
CA PHE D 146 -14.41 -23.95 -25.65
C PHE D 146 -14.67 -25.29 -26.34
N ARG D 147 -14.50 -26.38 -25.59
CA ARG D 147 -14.70 -27.71 -26.14
C ARG D 147 -15.96 -28.34 -25.53
N PHE D 148 -16.83 -28.87 -26.39
CA PHE D 148 -18.15 -29.36 -25.98
C PHE D 148 -18.31 -30.88 -26.15
N PRO D 149 -19.22 -31.49 -25.37
CA PRO D 149 -19.59 -32.91 -25.48
C PRO D 149 -20.09 -33.31 -26.88
N GLU D 150 -19.83 -34.56 -27.27
CA GLU D 150 -20.23 -35.09 -28.58
C GLU D 150 -21.62 -34.69 -29.04
N GLN D 151 -22.58 -34.76 -28.13
CA GLN D 151 -23.98 -34.62 -28.48
C GLN D 151 -24.44 -33.16 -28.59
N THR D 152 -23.49 -32.23 -28.52
CA THR D 152 -23.83 -30.80 -28.51
C THR D 152 -24.39 -30.34 -29.85
N THR D 153 -25.55 -29.67 -29.80
CA THR D 153 -26.08 -29.02 -31.00
C THR D 153 -25.95 -27.50 -30.83
N THR D 154 -26.10 -26.76 -31.93
CA THR D 154 -25.74 -25.35 -31.91
C THR D 154 -26.80 -24.38 -32.42
N PHE D 155 -26.73 -23.16 -31.90
CA PHE D 155 -27.53 -22.01 -32.29
C PHE D 155 -26.56 -20.86 -32.57
N LEU D 156 -26.06 -20.82 -33.82
CA LEU D 156 -25.02 -19.88 -34.22
C LEU D 156 -25.39 -19.07 -35.46
N CYS D 157 -24.87 -17.84 -35.53
CA CYS D 157 -24.90 -17.07 -36.77
C CYS D 157 -23.46 -16.78 -37.21
N PRO D 158 -23.17 -16.94 -38.51
CA PRO D 158 -21.81 -16.89 -39.02
C PRO D 158 -21.24 -15.47 -39.14
N GLN D 159 -19.92 -15.36 -39.08
CA GLN D 159 -19.24 -14.13 -39.42
C GLN D 159 -19.16 -14.07 -40.95
N SER D 160 -19.46 -12.92 -41.54
CA SER D 160 -19.46 -12.81 -42.99
C SER D 160 -18.05 -12.56 -43.54
N ASP D 161 -17.89 -12.60 -44.85
CA ASP D 161 -16.66 -12.10 -45.45
C ASP D 161 -16.56 -10.61 -45.18
N ALA D 162 -15.35 -10.07 -45.29
CA ALA D 162 -15.14 -8.65 -45.13
C ALA D 162 -15.37 -7.93 -46.44
N MET D 163 -15.89 -6.71 -46.35
CA MET D 163 -16.03 -5.79 -47.47
C MET D 163 -16.99 -6.26 -48.55
N ILE D 164 -17.99 -7.04 -48.15
CA ILE D 164 -19.08 -7.39 -49.05
C ILE D 164 -20.36 -6.71 -48.56
N GLY D 165 -21.48 -7.04 -49.18
CA GLY D 165 -22.77 -6.47 -48.81
C GLY D 165 -22.94 -5.04 -49.28
N TRP D 166 -23.96 -4.37 -48.76
CA TRP D 166 -24.31 -3.01 -49.18
C TRP D 166 -23.15 -2.04 -49.00
N LYS D 167 -22.66 -1.51 -50.12
CA LYS D 167 -21.50 -0.60 -50.14
C LYS D 167 -20.32 -1.16 -49.37
N ARG D 168 -20.16 -2.47 -49.44
CA ARG D 168 -19.09 -3.21 -48.80
C ARG D 168 -19.01 -2.94 -47.30
N THR D 169 -20.16 -2.75 -46.65
CA THR D 169 -20.16 -2.38 -45.24
C THR D 169 -20.09 -3.57 -44.27
N LYS D 170 -20.11 -4.79 -44.79
CA LYS D 170 -20.00 -5.96 -43.93
C LYS D 170 -18.54 -6.19 -43.54
N PRO D 171 -18.29 -6.84 -42.38
CA PRO D 171 -19.28 -7.41 -41.45
C PRO D 171 -20.05 -6.35 -40.67
N SER D 172 -21.30 -6.66 -40.34
CA SER D 172 -22.16 -5.74 -39.60
C SER D 172 -23.09 -6.51 -38.65
N TYR D 173 -22.71 -7.74 -38.36
CA TYR D 173 -23.45 -8.61 -37.45
C TYR D 173 -24.91 -8.76 -37.86
N GLU D 174 -25.11 -8.96 -39.17
CA GLU D 174 -26.44 -9.08 -39.75
C GLU D 174 -26.58 -10.37 -40.54
N GLU D 175 -26.46 -11.51 -39.86
CA GLU D 175 -26.53 -12.82 -40.49
C GLU D 175 -27.58 -13.71 -39.84
N GLU D 176 -27.86 -14.83 -40.48
CA GLU D 176 -28.97 -15.69 -40.05
C GLU D 176 -28.53 -16.85 -39.18
N TYR D 177 -29.47 -17.38 -38.39
CA TYR D 177 -29.21 -18.50 -37.50
C TYR D 177 -29.65 -19.85 -38.07
N LYS D 178 -29.03 -20.91 -37.57
CA LYS D 178 -29.51 -22.27 -37.77
C LYS D 178 -29.77 -22.92 -36.41
N ALA D 179 -30.96 -23.46 -36.20
CA ALA D 179 -31.33 -23.99 -34.89
C ALA D 179 -30.96 -25.47 -34.74
N ASP D 180 -30.41 -25.82 -33.59
CA ASP D 180 -29.97 -27.19 -33.29
C ASP D 180 -29.10 -27.78 -34.40
N ALA D 181 -28.16 -26.99 -34.92
CA ALA D 181 -27.24 -27.49 -35.94
C ALA D 181 -26.20 -28.41 -35.31
N PRO D 182 -25.74 -29.41 -36.09
CA PRO D 182 -24.63 -30.24 -35.62
C PRO D 182 -23.37 -29.39 -35.45
N MET D 183 -22.51 -29.77 -34.51
CA MET D 183 -21.25 -29.05 -34.30
C MET D 183 -20.40 -29.16 -35.55
N SER D 184 -20.52 -30.30 -36.22
CA SER D 184 -19.73 -30.61 -37.40
C SER D 184 -20.04 -29.72 -38.60
N ASP D 185 -21.19 -29.04 -38.58
CA ASP D 185 -21.53 -28.12 -39.66
C ASP D 185 -20.47 -27.04 -39.78
N ARG D 186 -20.20 -26.63 -41.02
CA ARG D 186 -19.22 -25.59 -41.29
C ARG D 186 -19.93 -24.25 -41.48
N SER D 187 -19.28 -23.17 -41.04
CA SER D 187 -19.86 -21.84 -41.17
C SER D 187 -20.08 -21.44 -42.63
N GLN D 188 -21.08 -20.58 -42.86
CA GLN D 188 -21.49 -20.19 -44.21
C GLN D 188 -20.38 -19.54 -45.03
N TYR D 189 -19.53 -18.75 -44.39
CA TYR D 189 -18.46 -18.04 -45.10
C TYR D 189 -17.07 -18.59 -44.79
N GLY D 190 -16.98 -19.52 -43.86
CA GLY D 190 -15.69 -20.06 -43.45
C GLY D 190 -14.90 -19.10 -42.57
N HIS D 191 -15.60 -18.25 -41.84
CA HIS D 191 -14.95 -17.32 -40.93
C HIS D 191 -15.49 -17.47 -39.52
N GLY D 192 -15.96 -18.67 -39.21
CA GLY D 192 -16.52 -18.95 -37.90
C GLY D 192 -17.80 -18.18 -37.59
N TYR D 193 -17.98 -17.87 -36.31
CA TYR D 193 -19.25 -17.38 -35.81
C TYR D 193 -19.09 -16.17 -34.89
N THR D 194 -20.05 -15.25 -34.93
CA THR D 194 -20.02 -14.08 -34.08
C THR D 194 -20.74 -14.28 -32.74
N PHE D 195 -20.25 -13.61 -31.71
CA PHE D 195 -20.85 -13.67 -30.38
C PHE D 195 -22.24 -13.03 -30.38
N PRO D 196 -23.13 -13.49 -29.49
CA PRO D 196 -22.95 -14.63 -28.60
C PRO D 196 -23.33 -15.94 -29.30
N CYS D 197 -22.97 -17.07 -28.71
CA CYS D 197 -23.15 -18.37 -29.36
C CYS D 197 -23.84 -19.36 -28.43
N LEU D 198 -24.97 -19.93 -28.87
CA LEU D 198 -25.74 -20.81 -27.99
C LEU D 198 -25.50 -22.29 -28.31
N PHE D 199 -25.34 -23.08 -27.26
CA PHE D 199 -25.11 -24.51 -27.38
C PHE D 199 -26.07 -25.30 -26.49
N ARG D 200 -26.69 -26.32 -27.07
CA ARG D 200 -27.51 -27.24 -26.29
C ARG D 200 -26.70 -28.51 -26.04
N ILE D 201 -26.49 -28.83 -24.76
CA ILE D 201 -25.65 -29.95 -24.37
C ILE D 201 -26.49 -31.22 -24.28
N GLY D 202 -27.04 -31.61 -25.42
CA GLY D 202 -27.92 -32.77 -25.46
C GLY D 202 -29.13 -32.52 -24.58
N ASN D 203 -29.25 -33.32 -23.53
CA ASN D 203 -30.33 -33.16 -22.56
C ASN D 203 -29.84 -32.56 -21.23
N ASP D 204 -28.54 -32.27 -21.13
CA ASP D 204 -27.99 -31.76 -19.87
C ASP D 204 -27.96 -30.23 -19.78
N GLY D 205 -28.76 -29.56 -20.60
CA GLY D 205 -28.90 -28.12 -20.50
C GLY D 205 -28.25 -27.26 -21.57
N TRP D 206 -27.82 -26.07 -21.18
CA TRP D 206 -27.42 -25.03 -22.12
C TRP D 206 -26.15 -24.27 -21.72
N VAL D 207 -25.43 -23.84 -22.76
CA VAL D 207 -24.25 -23.00 -22.61
C VAL D 207 -24.28 -21.83 -23.58
N LEU D 208 -24.11 -20.62 -23.09
CA LEU D 208 -23.99 -19.46 -23.96
C LEU D 208 -22.60 -18.84 -23.84
N VAL D 209 -21.86 -18.85 -24.94
CA VAL D 209 -20.51 -18.32 -24.97
C VAL D 209 -20.49 -16.91 -25.53
N SER D 210 -19.90 -15.97 -24.79
CA SER D 210 -19.74 -14.61 -25.29
C SER D 210 -18.50 -13.95 -24.71
N GLU D 211 -18.44 -12.63 -24.82
CA GLU D 211 -17.35 -11.86 -24.23
C GLU D 211 -17.87 -10.50 -23.83
N THR D 212 -17.25 -9.89 -22.82
CA THR D 212 -17.63 -8.56 -22.41
C THR D 212 -16.40 -7.76 -21.98
N GLY D 213 -16.57 -6.44 -21.88
CA GLY D 213 -15.48 -5.56 -21.47
C GLY D 213 -14.48 -5.29 -22.58
N VAL D 214 -14.95 -5.35 -23.82
CA VAL D 214 -14.11 -4.96 -24.94
C VAL D 214 -14.20 -3.45 -25.18
N ASP D 215 -13.07 -2.77 -25.08
CA ASP D 215 -13.02 -1.33 -25.34
C ASP D 215 -11.83 -0.98 -26.24
N SER D 216 -11.32 0.24 -26.12
CA SER D 216 -10.24 0.72 -26.98
C SER D 216 -8.92 -0.04 -26.78
N ARG D 217 -8.79 -0.74 -25.65
CA ARG D 217 -7.54 -1.42 -25.31
C ARG D 217 -7.44 -2.83 -25.91
N TYR D 218 -8.43 -3.22 -26.71
CA TYR D 218 -8.41 -4.54 -27.34
C TYR D 218 -9.23 -4.58 -28.62
N CYS D 219 -9.27 -5.75 -29.24
CA CYS D 219 -10.12 -5.94 -30.39
C CYS D 219 -11.36 -6.70 -29.99
N GLY D 220 -12.38 -6.64 -30.85
CA GLY D 220 -13.54 -7.49 -30.72
C GLY D 220 -13.18 -8.86 -31.26
N SER D 221 -13.66 -9.91 -30.61
CA SER D 221 -13.34 -11.28 -31.03
C SER D 221 -14.57 -12.07 -31.47
N ARG D 222 -14.32 -13.28 -31.96
CA ARG D 222 -15.35 -14.17 -32.45
C ARG D 222 -14.94 -15.62 -32.26
N LEU D 223 -15.83 -16.54 -32.59
CA LEU D 223 -15.49 -17.95 -32.52
C LEU D 223 -15.10 -18.47 -33.89
N SER D 224 -14.07 -19.30 -33.93
CA SER D 224 -13.66 -19.94 -35.16
C SER D 224 -14.65 -21.02 -35.58
N ASP D 225 -14.39 -21.59 -36.75
CA ASP D 225 -15.06 -22.83 -37.15
C ASP D 225 -14.64 -23.95 -36.21
N VAL D 226 -15.43 -25.01 -36.16
CA VAL D 226 -15.10 -26.13 -35.29
C VAL D 226 -13.81 -26.80 -35.78
N SER D 227 -13.03 -27.28 -34.84
CA SER D 227 -11.86 -28.09 -35.15
C SER D 227 -11.81 -29.23 -34.15
N GLU D 228 -11.14 -30.32 -34.53
CA GLU D 228 -11.02 -31.51 -33.68
C GLU D 228 -12.39 -32.08 -33.31
N GLY D 229 -13.39 -31.76 -34.11
CA GLY D 229 -14.74 -32.29 -33.94
C GLY D 229 -15.63 -31.58 -32.93
N ASN D 230 -15.05 -30.87 -31.98
CA ASN D 230 -15.85 -30.28 -30.89
C ASN D 230 -15.28 -29.02 -30.26
N LEU D 231 -14.27 -28.42 -30.92
CA LEU D 231 -13.55 -27.31 -30.31
C LEU D 231 -13.73 -25.99 -31.04
N TYR D 232 -14.12 -24.96 -30.30
CA TYR D 232 -14.22 -23.60 -30.85
C TYR D 232 -13.17 -22.69 -30.22
N THR D 233 -12.39 -22.01 -31.05
CA THR D 233 -11.30 -21.18 -30.54
C THR D 233 -11.60 -19.68 -30.72
N VAL D 234 -11.21 -18.87 -29.74
CA VAL D 234 -11.30 -17.43 -29.85
C VAL D 234 -10.45 -16.90 -31.01
N ALA D 235 -11.12 -16.28 -31.98
CA ALA D 235 -10.44 -15.76 -33.16
C ALA D 235 -10.46 -14.24 -33.21
N PHE D 236 -9.35 -13.67 -33.66
CA PHE D 236 -9.19 -12.22 -33.79
C PHE D 236 -9.76 -11.78 -35.15
N PRO D 237 -9.98 -10.47 -35.35
CA PRO D 237 -10.60 -10.01 -36.61
C PRO D 237 -9.82 -10.38 -37.87
N MET D 238 -10.54 -10.44 -38.98
CA MET D 238 -9.90 -10.74 -40.25
C MET D 238 -9.15 -9.49 -40.70
N ALA D 239 -7.99 -9.70 -41.33
CA ALA D 239 -7.14 -8.61 -41.79
C ALA D 239 -7.88 -7.71 -42.78
N GLU D 240 -8.81 -8.31 -43.52
CA GLU D 240 -9.57 -7.63 -44.57
C GLU D 240 -10.64 -6.68 -44.02
N GLU D 241 -10.88 -6.71 -42.72
CA GLU D 241 -11.86 -5.80 -42.13
C GLU D 241 -11.33 -4.36 -42.16
N ASN D 242 -12.23 -3.40 -42.01
CA ASN D 242 -11.86 -1.98 -42.05
C ASN D 242 -11.17 -1.60 -43.35
N ASN D 243 -11.58 -2.28 -44.42
CA ASN D 243 -11.01 -2.14 -45.76
C ASN D 243 -9.53 -2.46 -45.79
N GLY D 244 -9.09 -3.25 -44.82
CA GLY D 244 -7.70 -3.66 -44.73
C GLY D 244 -6.81 -2.69 -43.97
N ASN D 245 -7.41 -1.66 -43.38
CA ASN D 245 -6.65 -0.70 -42.59
C ASN D 245 -6.60 -1.05 -41.10
N GLY D 246 -5.42 -0.87 -40.50
CA GLY D 246 -5.21 -1.21 -39.11
C GLY D 246 -4.82 -2.66 -38.92
N THR D 247 -4.00 -2.92 -37.91
CA THR D 247 -3.49 -4.27 -37.70
C THR D 247 -4.50 -5.11 -36.89
N VAL D 248 -4.35 -6.43 -37.00
CA VAL D 248 -5.26 -7.40 -36.38
C VAL D 248 -5.01 -7.60 -34.89
N ALA D 249 -3.73 -7.72 -34.53
CA ALA D 249 -3.33 -8.06 -33.16
C ALA D 249 -3.48 -6.88 -32.20
N PRO D 250 -4.23 -7.09 -31.12
CA PRO D 250 -4.50 -6.04 -30.13
C PRO D 250 -3.25 -5.71 -29.31
N ALA D 251 -3.09 -4.44 -28.95
CA ALA D 251 -1.90 -3.97 -28.25
C ALA D 251 -2.25 -3.09 -27.05
N PHE D 252 -1.54 -3.25 -25.94
CA PHE D 252 -1.83 -2.42 -24.76
C PHE D 252 -0.65 -2.26 -23.77
N ALA D 253 -0.85 -1.37 -22.81
CA ALA D 253 0.16 -1.06 -21.81
C ALA D 253 0.27 -2.17 -20.77
N LEU D 254 1.47 -2.32 -20.22
CA LEU D 254 1.71 -3.23 -19.11
C LEU D 254 1.82 -2.45 -17.81
N PRO D 255 1.21 -2.97 -16.73
CA PRO D 255 0.41 -4.19 -16.69
C PRO D 255 -0.97 -4.03 -17.33
N GLY D 256 -1.44 -5.07 -18.02
CA GLY D 256 -2.72 -5.02 -18.68
C GLY D 256 -3.44 -6.35 -18.62
N ALA D 257 -4.56 -6.43 -19.30
CA ALA D 257 -5.40 -7.62 -19.27
C ALA D 257 -6.19 -7.74 -20.56
N THR D 258 -6.69 -8.93 -20.83
CA THR D 258 -7.63 -9.14 -21.92
C THR D 258 -9.04 -8.88 -21.42
N PRO D 259 -9.99 -8.69 -22.36
CA PRO D 259 -11.41 -8.64 -21.98
C PRO D 259 -11.88 -9.95 -21.36
N TRP D 260 -13.11 -9.96 -20.85
CA TRP D 260 -13.65 -11.15 -20.19
C TRP D 260 -14.32 -12.09 -21.18
N ARG D 261 -13.96 -13.36 -21.13
CA ARG D 261 -14.67 -14.41 -21.85
C ARG D 261 -15.78 -14.91 -20.91
N THR D 262 -17.00 -15.04 -21.41
CA THR D 262 -18.13 -15.40 -20.56
C THR D 262 -18.80 -16.69 -21.02
N ILE D 263 -19.11 -17.55 -20.05
CA ILE D 263 -19.80 -18.80 -20.29
C ILE D 263 -21.00 -18.89 -19.36
N THR D 264 -22.21 -18.74 -19.91
CA THR D 264 -23.42 -18.81 -19.11
C THR D 264 -23.97 -20.22 -19.18
N VAL D 265 -24.05 -20.88 -18.02
CA VAL D 265 -24.32 -22.31 -18.01
C VAL D 265 -25.52 -22.66 -17.14
N GLY D 266 -26.34 -23.59 -17.60
CA GLY D 266 -27.41 -24.06 -16.74
C GLY D 266 -28.01 -25.36 -17.24
N ASP D 267 -28.87 -25.95 -16.42
CA ASP D 267 -29.62 -27.11 -16.87
C ASP D 267 -30.94 -26.67 -17.48
N HIS D 268 -31.24 -25.37 -17.39
CA HIS D 268 -32.44 -24.79 -17.96
C HIS D 268 -32.12 -23.49 -18.72
N LEU D 269 -33.10 -22.98 -19.46
CA LEU D 269 -32.90 -21.77 -20.25
C LEU D 269 -32.91 -20.48 -19.41
N LYS D 270 -33.48 -20.59 -18.21
CA LYS D 270 -33.68 -19.42 -17.35
C LYS D 270 -32.40 -18.63 -17.07
N PRO D 271 -31.31 -19.32 -16.66
CA PRO D 271 -30.11 -18.51 -16.44
C PRO D 271 -29.55 -17.91 -17.74
N ILE D 272 -29.77 -18.57 -18.88
CA ILE D 272 -29.38 -18.02 -20.18
C ILE D 272 -30.09 -16.70 -20.47
N VAL D 273 -31.41 -16.65 -20.33
CA VAL D 273 -32.11 -15.40 -20.61
C VAL D 273 -31.90 -14.35 -19.49
N GLU D 274 -31.68 -14.79 -18.26
CA GLU D 274 -31.62 -13.85 -17.13
C GLU D 274 -30.21 -13.42 -16.71
N THR D 275 -29.19 -13.84 -17.46
CA THR D 275 -27.80 -13.56 -17.10
C THR D 275 -27.51 -12.04 -17.05
N THR D 276 -26.67 -11.63 -16.11
CA THR D 276 -26.22 -10.24 -16.05
C THR D 276 -24.71 -10.19 -16.17
N VAL D 277 -24.11 -11.31 -16.56
CA VAL D 277 -22.66 -11.42 -16.64
C VAL D 277 -21.97 -10.42 -17.59
N PRO D 278 -22.65 -9.95 -18.67
CA PRO D 278 -21.90 -8.92 -19.42
C PRO D 278 -21.61 -7.65 -18.61
N TRP D 279 -22.43 -7.37 -17.60
CA TRP D 279 -22.28 -6.16 -16.83
C TRP D 279 -21.69 -6.41 -15.44
N ASP D 280 -21.70 -7.68 -15.01
CA ASP D 280 -21.22 -8.05 -13.67
C ASP D 280 -19.73 -7.75 -13.48
N VAL D 281 -18.96 -7.89 -14.54
CA VAL D 281 -17.52 -7.83 -14.41
C VAL D 281 -16.91 -6.60 -15.10
N VAL D 282 -17.76 -5.63 -15.45
CA VAL D 282 -17.26 -4.37 -16.00
C VAL D 282 -17.73 -3.17 -15.16
N SER D 283 -17.06 -2.04 -15.32
CA SER D 283 -17.40 -0.83 -14.61
C SER D 283 -17.45 0.37 -15.56
N PRO D 284 -18.18 1.42 -15.18
CA PRO D 284 -18.18 2.66 -15.97
C PRO D 284 -16.77 3.19 -16.20
N LEU D 285 -16.51 3.67 -17.41
CA LEU D 285 -15.18 4.20 -17.73
C LEU D 285 -15.16 5.70 -17.54
N TYR D 286 -16.34 6.29 -17.35
CA TYR D 286 -16.45 7.67 -16.94
C TYR D 286 -17.81 7.95 -16.32
N GLU D 287 -17.91 9.05 -15.58
CA GLU D 287 -19.18 9.47 -15.03
C GLU D 287 -19.76 10.61 -15.86
N THR D 288 -21.08 10.65 -15.95
CA THR D 288 -21.74 11.70 -16.68
C THR D 288 -22.39 12.71 -15.77
N LYS D 289 -22.39 13.96 -16.21
CA LYS D 289 -23.04 15.03 -15.48
C LYS D 289 -24.47 15.18 -16.01
N HIS D 290 -24.80 14.41 -17.05
CA HIS D 290 -26.11 14.51 -17.69
C HIS D 290 -27.05 13.41 -17.23
N ASP D 291 -28.33 13.76 -17.13
CA ASP D 291 -29.37 12.81 -16.74
C ASP D 291 -30.15 12.38 -17.98
N TYR D 292 -29.70 11.31 -18.60
CA TYR D 292 -30.21 10.92 -19.91
C TYR D 292 -31.61 10.31 -19.81
N ARG D 293 -32.50 10.83 -20.64
CA ARG D 293 -33.90 10.42 -20.64
C ARG D 293 -34.17 9.45 -21.77
N PHE D 294 -34.64 8.26 -21.41
CA PHE D 294 -34.92 7.21 -22.38
C PHE D 294 -36.39 7.23 -22.75
N GLY D 295 -36.78 6.41 -23.72
CA GLY D 295 -38.18 6.35 -24.12
C GLY D 295 -38.44 5.86 -25.53
N ARG D 296 -39.36 6.55 -26.20
CA ARG D 296 -39.94 6.07 -27.45
C ARG D 296 -39.74 7.10 -28.56
N GLY D 297 -39.43 6.62 -29.76
CA GLY D 297 -39.26 7.51 -30.89
C GLY D 297 -40.10 7.09 -32.09
N THR D 298 -40.50 8.07 -32.89
CA THR D 298 -41.10 7.78 -34.20
C THR D 298 -40.01 7.90 -35.25
N TRP D 299 -40.19 7.20 -36.37
CA TRP D 299 -39.10 6.94 -37.30
C TRP D 299 -39.66 6.75 -38.70
N SER D 300 -39.58 7.77 -39.53
CA SER D 300 -40.23 7.75 -40.85
C SER D 300 -39.61 6.74 -41.80
N TRP D 301 -38.29 6.60 -41.74
CA TRP D 301 -37.56 5.85 -42.75
C TRP D 301 -37.91 4.36 -42.81
N ILE D 302 -38.26 3.76 -41.68
CA ILE D 302 -38.46 2.32 -41.68
C ILE D 302 -39.55 1.88 -42.67
N LEU D 303 -40.70 2.55 -42.67
CA LEU D 303 -41.79 2.20 -43.59
C LEU D 303 -41.91 3.14 -44.78
N TRP D 304 -41.46 4.38 -44.65
CA TRP D 304 -41.60 5.35 -45.72
C TRP D 304 -40.31 5.59 -46.51
N GLN D 305 -39.21 5.06 -45.98
CA GLN D 305 -37.90 5.02 -46.65
C GLN D 305 -37.34 6.40 -47.06
N ASP D 306 -36.50 6.40 -48.07
CA ASP D 306 -35.75 7.61 -48.44
C ASP D 306 -36.65 8.75 -48.87
N GLY D 307 -37.83 8.42 -49.38
CA GLY D 307 -38.78 9.43 -49.81
C GLY D 307 -39.32 10.27 -48.67
N SER D 308 -39.14 9.81 -47.44
CA SER D 308 -39.65 10.54 -46.28
C SER D 308 -38.63 11.54 -45.78
N ILE D 309 -37.41 11.47 -46.31
CA ILE D 309 -36.36 12.32 -45.79
C ILE D 309 -36.49 13.70 -46.45
N ASN D 310 -37.46 14.45 -45.95
CA ASN D 310 -37.70 15.82 -46.37
C ASN D 310 -38.37 16.55 -45.21
N TYR D 311 -38.38 17.88 -45.26
CA TYR D 311 -38.85 18.69 -44.14
C TYR D 311 -40.27 18.34 -43.70
N ASP D 312 -41.19 18.26 -44.67
CA ASP D 312 -42.62 18.13 -44.39
C ASP D 312 -43.02 16.74 -43.86
N ASP D 313 -42.42 15.68 -44.39
CA ASP D 313 -42.69 14.35 -43.86
C ASP D 313 -42.15 14.24 -42.43
N GLN D 314 -41.03 14.91 -42.16
CA GLN D 314 -40.47 14.93 -40.80
C GLN D 314 -41.38 15.74 -39.87
N VAL D 315 -42.02 16.77 -40.41
CA VAL D 315 -43.02 17.50 -39.63
C VAL D 315 -44.16 16.56 -39.28
N ARG D 316 -44.61 15.80 -40.27
CA ARG D 316 -45.65 14.80 -40.05
C ARG D 316 -45.25 13.80 -38.95
N TYR D 317 -44.01 13.31 -38.98
CA TYR D 317 -43.59 12.33 -37.99
C TYR D 317 -43.34 12.94 -36.60
N ILE D 318 -42.97 14.21 -36.55
CA ILE D 318 -42.89 14.94 -35.28
C ILE D 318 -44.28 15.08 -34.66
N ASP D 319 -45.26 15.44 -35.50
CA ASP D 319 -46.66 15.54 -35.11
C ASP D 319 -47.16 14.18 -34.62
N PHE D 320 -46.76 13.13 -35.31
CA PHE D 320 -47.12 11.77 -34.94
C PHE D 320 -46.57 11.38 -33.57
N ALA D 321 -45.29 11.70 -33.35
CA ALA D 321 -44.68 11.45 -32.05
C ALA D 321 -45.42 12.21 -30.96
N SER D 322 -45.71 13.48 -31.24
CA SER D 322 -46.42 14.33 -30.30
C SER D 322 -47.77 13.70 -29.95
N ALA D 323 -48.47 13.21 -30.96
CA ALA D 323 -49.77 12.57 -30.79
C ALA D 323 -49.68 11.27 -29.98
N MET D 324 -48.60 10.52 -30.17
CA MET D 324 -48.41 9.27 -29.44
C MET D 324 -47.92 9.51 -28.02
N GLY D 325 -47.50 10.74 -27.74
CA GLY D 325 -46.92 11.07 -26.46
C GLY D 325 -45.50 10.53 -26.38
N TYR D 326 -44.91 10.32 -27.55
CA TYR D 326 -43.55 9.80 -27.64
C TYR D 326 -42.52 10.89 -27.43
N GLU D 327 -41.40 10.51 -26.83
CA GLU D 327 -40.32 11.45 -26.50
C GLU D 327 -39.51 11.89 -27.71
N TYR D 328 -39.36 10.99 -28.69
CA TYR D 328 -38.40 11.27 -29.75
C TYR D 328 -38.95 11.07 -31.17
N ALA D 329 -38.27 11.71 -32.12
CA ALA D 329 -38.43 11.40 -33.54
C ALA D 329 -37.04 11.23 -34.15
N LEU D 330 -36.81 10.10 -34.79
CA LEU D 330 -35.52 9.83 -35.41
C LEU D 330 -35.51 10.24 -36.87
N ILE D 331 -34.65 11.19 -37.21
CA ILE D 331 -34.49 11.61 -38.60
C ILE D 331 -33.28 10.89 -39.19
N ASP D 332 -33.52 10.14 -40.25
CA ASP D 332 -32.55 9.18 -40.78
C ASP D 332 -31.64 9.77 -41.86
N ASN D 333 -30.99 8.88 -42.61
CA ASN D 333 -29.96 9.22 -43.57
C ASN D 333 -30.42 10.22 -44.66
N TRP D 334 -29.43 10.90 -45.26
CA TRP D 334 -29.60 11.91 -46.31
C TRP D 334 -30.07 13.28 -45.80
N TRP D 335 -30.33 13.44 -44.50
CA TRP D 335 -30.96 14.67 -44.02
C TRP D 335 -30.11 15.92 -44.26
N ASP D 336 -28.78 15.80 -44.24
CA ASP D 336 -27.93 16.97 -44.41
C ASP D 336 -28.00 17.53 -45.83
N THR D 337 -28.39 16.69 -46.80
CA THR D 337 -28.46 17.15 -48.19
C THR D 337 -29.90 17.41 -48.66
N ARG D 338 -30.87 16.75 -48.04
CA ARG D 338 -32.26 16.87 -48.48
C ARG D 338 -33.05 17.75 -47.53
N ILE D 339 -32.46 18.06 -46.38
CA ILE D 339 -33.07 19.02 -45.46
C ILE D 339 -32.08 20.12 -45.13
N GLY D 340 -30.85 19.74 -44.76
CA GLY D 340 -29.80 20.71 -44.52
C GLY D 340 -29.66 21.12 -43.06
N HIS D 341 -28.48 21.59 -42.69
CA HIS D 341 -28.21 21.98 -41.31
C HIS D 341 -29.02 23.18 -40.81
N GLN D 342 -29.24 24.17 -41.68
CA GLN D 342 -29.91 25.39 -41.24
C GLN D 342 -31.40 25.23 -40.96
N ARG D 343 -32.10 24.49 -41.82
CA ARG D 343 -33.55 24.28 -41.65
C ARG D 343 -33.82 23.29 -40.52
N MET D 344 -32.81 22.48 -40.23
CA MET D 344 -32.85 21.54 -39.12
C MET D 344 -33.11 22.28 -37.82
N LYS D 345 -32.61 23.51 -37.73
CA LYS D 345 -32.77 24.28 -36.51
C LYS D 345 -34.25 24.59 -36.26
N SER D 346 -34.98 24.96 -37.31
CA SER D 346 -36.40 25.26 -37.20
C SER D 346 -37.20 23.98 -37.02
N LEU D 347 -36.70 22.88 -37.57
CA LEU D 347 -37.32 21.58 -37.36
C LEU D 347 -37.23 21.18 -35.88
N VAL D 348 -36.06 21.40 -35.29
CA VAL D 348 -35.83 21.14 -33.87
C VAL D 348 -36.71 22.03 -32.99
N GLU D 349 -36.75 23.31 -33.34
CA GLU D 349 -37.58 24.28 -32.62
C GLU D 349 -39.06 23.84 -32.64
N TYR D 350 -39.54 23.49 -33.83
CA TYR D 350 -40.91 23.01 -33.99
C TYR D 350 -41.17 21.74 -33.19
N ALA D 351 -40.23 20.80 -33.23
CA ALA D 351 -40.36 19.59 -32.43
C ALA D 351 -40.50 19.92 -30.95
N ARG D 352 -39.69 20.88 -30.48
CA ARG D 352 -39.73 21.32 -29.09
C ARG D 352 -41.08 21.93 -28.74
N ASP D 353 -41.68 22.65 -29.70
CA ASP D 353 -43.00 23.21 -29.50
C ASP D 353 -44.05 22.11 -29.34
N LYS D 354 -43.76 20.93 -29.88
CA LYS D 354 -44.69 19.80 -29.79
C LYS D 354 -44.33 18.84 -28.66
N GLY D 355 -43.34 19.20 -27.85
CA GLY D 355 -42.93 18.35 -26.75
C GLY D 355 -42.20 17.11 -27.24
N VAL D 356 -41.43 17.28 -28.30
CA VAL D 356 -40.70 16.19 -28.93
C VAL D 356 -39.24 16.59 -29.14
N GLU D 357 -38.31 15.68 -28.91
CA GLU D 357 -36.90 15.95 -29.18
C GLU D 357 -36.38 14.99 -30.25
N LEU D 358 -35.23 15.31 -30.85
CA LEU D 358 -34.78 14.55 -32.01
C LEU D 358 -33.50 13.72 -31.84
N PHE D 359 -33.47 12.61 -32.56
CA PHE D 359 -32.23 11.87 -32.83
C PHE D 359 -31.89 12.09 -34.31
N LEU D 360 -30.62 12.37 -34.60
CA LEU D 360 -30.20 12.55 -35.99
C LEU D 360 -29.24 11.44 -36.41
N TRP D 361 -29.42 10.94 -37.64
CA TRP D 361 -28.57 9.90 -38.19
C TRP D 361 -27.23 10.43 -38.70
N TYR D 362 -26.13 9.77 -38.32
CA TYR D 362 -24.81 10.04 -38.89
C TYR D 362 -24.18 8.76 -39.37
N SER D 363 -23.38 8.84 -40.44
CA SER D 363 -22.51 7.74 -40.80
C SER D 363 -21.23 7.85 -40.01
N SER D 364 -20.75 6.75 -39.45
CA SER D 364 -19.44 6.74 -38.83
C SER D 364 -18.38 6.88 -39.91
N SER D 365 -18.77 6.55 -41.14
CA SER D 365 -17.81 6.26 -42.19
C SER D 365 -17.09 7.49 -42.70
N GLY D 366 -15.76 7.38 -42.68
CA GLY D 366 -14.94 8.32 -43.37
C GLY D 366 -14.18 7.59 -44.46
N TYR D 367 -13.36 6.63 -44.07
CA TYR D 367 -12.32 6.14 -44.98
C TYR D 367 -12.25 4.63 -45.22
N TRP D 368 -13.30 3.89 -44.91
CA TRP D 368 -13.22 2.43 -45.04
C TRP D 368 -14.27 1.76 -45.93
N ASN D 369 -15.25 2.52 -46.42
CA ASN D 369 -16.30 1.91 -47.23
C ASN D 369 -16.78 2.78 -48.40
N ASP D 370 -17.92 2.42 -48.99
CA ASP D 370 -18.48 3.15 -50.14
C ASP D 370 -19.79 3.86 -49.82
N ILE D 371 -20.03 4.17 -48.55
CA ILE D 371 -21.25 4.84 -48.14
C ILE D 371 -21.30 6.29 -48.63
N GLU D 372 -22.42 6.65 -49.26
CA GLU D 372 -22.68 8.01 -49.70
C GLU D 372 -23.74 8.67 -48.81
N GLN D 373 -24.69 7.86 -48.34
CA GLN D 373 -25.78 8.34 -47.47
C GLN D 373 -25.21 9.19 -46.34
N GLY D 374 -25.71 10.42 -46.21
CA GLY D 374 -25.04 11.37 -45.34
C GLY D 374 -25.83 11.73 -44.10
N PRO D 375 -25.23 12.56 -43.23
CA PRO D 375 -23.90 13.14 -43.44
C PRO D 375 -22.75 12.16 -43.21
N VAL D 376 -21.76 12.21 -44.10
CA VAL D 376 -20.54 11.43 -43.96
C VAL D 376 -19.42 12.35 -43.48
N ASN D 377 -18.39 11.76 -42.85
CA ASN D 377 -17.19 12.50 -42.48
C ASN D 377 -17.41 13.54 -41.38
N ARG D 378 -18.42 13.33 -40.55
CA ARG D 378 -18.67 14.22 -39.42
C ARG D 378 -18.37 13.53 -38.08
N MET D 379 -17.94 12.28 -38.12
CA MET D 379 -17.80 11.49 -36.90
C MET D 379 -16.46 10.76 -36.73
N ASP D 380 -15.65 10.70 -37.78
CA ASP D 380 -14.40 9.94 -37.69
C ASP D 380 -13.22 10.82 -37.27
N ASN D 381 -13.31 12.12 -37.51
CA ASN D 381 -12.26 13.06 -37.15
C ASN D 381 -12.67 13.88 -35.93
N ALA D 382 -11.90 13.75 -34.86
CA ALA D 382 -12.25 14.30 -33.54
C ALA D 382 -12.56 15.79 -33.56
N ILE D 383 -11.75 16.56 -34.29
CA ILE D 383 -11.97 18.00 -34.41
C ILE D 383 -13.34 18.31 -35.00
N ILE D 384 -13.59 17.73 -36.17
CA ILE D 384 -14.85 17.91 -36.90
C ILE D 384 -16.03 17.33 -36.13
N ARG D 385 -15.77 16.21 -35.45
CA ARG D 385 -16.80 15.53 -34.67
C ARG D 385 -17.26 16.43 -33.54
N LYS D 386 -16.31 17.03 -32.82
CA LYS D 386 -16.66 17.93 -31.72
C LYS D 386 -17.30 19.22 -32.20
N ARG D 387 -16.85 19.75 -33.33
CA ARG D 387 -17.52 20.91 -33.94
C ARG D 387 -19.01 20.58 -34.19
N GLU D 388 -19.22 19.42 -34.80
CA GLU D 388 -20.55 18.90 -35.10
C GLU D 388 -21.38 18.79 -33.84
N MET D 389 -20.80 18.18 -32.81
CA MET D 389 -21.52 17.90 -31.58
C MET D 389 -21.82 19.18 -30.80
N LYS D 390 -20.95 20.18 -30.95
CA LYS D 390 -21.19 21.52 -30.43
C LYS D 390 -22.45 22.08 -31.05
N TRP D 391 -22.55 21.98 -32.38
CA TRP D 391 -23.75 22.40 -33.08
C TRP D 391 -24.99 21.65 -32.57
N LEU D 392 -24.89 20.33 -32.53
CA LEU D 392 -25.99 19.49 -32.05
C LEU D 392 -26.49 19.93 -30.68
N GLN D 393 -25.57 20.13 -29.75
CA GLN D 393 -25.92 20.50 -28.39
C GLN D 393 -26.52 21.90 -28.32
N SER D 394 -25.98 22.84 -29.09
CA SER D 394 -26.54 24.18 -29.16
C SER D 394 -27.96 24.18 -29.71
N LEU D 395 -28.26 23.26 -30.63
CA LEU D 395 -29.61 23.13 -31.17
C LEU D 395 -30.56 22.42 -30.21
N GLY D 396 -29.99 21.61 -29.31
CA GLY D 396 -30.77 20.84 -28.37
C GLY D 396 -31.14 19.45 -28.83
N VAL D 397 -30.44 18.96 -29.86
CA VAL D 397 -30.60 17.58 -30.29
C VAL D 397 -30.14 16.67 -29.14
N LYS D 398 -30.86 15.57 -28.91
CA LYS D 398 -30.58 14.77 -27.73
C LYS D 398 -29.85 13.45 -28.03
N GLY D 399 -29.74 13.09 -29.31
CA GLY D 399 -29.08 11.84 -29.65
C GLY D 399 -28.64 11.70 -31.10
N ILE D 400 -27.70 10.80 -31.34
CA ILE D 400 -27.28 10.49 -32.70
C ILE D 400 -27.32 8.98 -32.94
N LYS D 401 -27.66 8.62 -34.18
CA LYS D 401 -27.62 7.24 -34.64
C LYS D 401 -26.48 7.11 -35.64
N VAL D 402 -25.43 6.38 -35.25
CA VAL D 402 -24.20 6.32 -36.04
C VAL D 402 -24.02 4.95 -36.69
N ASP D 403 -23.82 4.94 -38.00
CA ASP D 403 -23.96 3.73 -38.82
C ASP D 403 -22.70 3.36 -39.60
N PHE D 404 -22.67 2.12 -40.08
CA PHE D 404 -21.68 1.64 -41.06
C PHE D 404 -20.23 1.70 -40.57
N PHE D 405 -19.96 1.07 -39.41
CA PHE D 405 -18.62 0.98 -38.85
C PHE D 405 -17.74 -0.05 -39.56
N GLY D 406 -16.44 -0.04 -39.25
CA GLY D 406 -15.48 -0.84 -40.00
C GLY D 406 -15.13 -2.24 -39.51
N GLY D 407 -15.85 -2.74 -38.50
CA GLY D 407 -15.58 -4.10 -38.05
C GLY D 407 -15.09 -4.21 -36.61
N ASP D 408 -14.30 -5.24 -36.34
CA ASP D 408 -13.93 -5.59 -34.96
C ASP D 408 -12.49 -5.25 -34.59
N LYS D 409 -11.73 -4.68 -35.52
CA LYS D 409 -10.35 -4.30 -35.22
C LYS D 409 -10.33 -3.24 -34.12
N GLN D 410 -9.22 -3.21 -33.38
CA GLN D 410 -9.00 -2.29 -32.26
C GLN D 410 -9.07 -0.80 -32.66
N GLU D 411 -8.64 -0.49 -33.87
CA GLU D 411 -8.79 0.85 -34.43
C GLU D 411 -10.27 1.30 -34.38
N THR D 412 -11.14 0.36 -34.72
CA THR D 412 -12.58 0.63 -34.75
C THR D 412 -13.16 0.72 -33.35
N MET D 413 -12.72 -0.15 -32.44
CA MET D 413 -13.12 -0.05 -31.03
C MET D 413 -12.76 1.35 -30.51
N ARG D 414 -11.55 1.81 -30.87
CA ARG D 414 -11.11 3.14 -30.53
C ARG D 414 -12.12 4.16 -31.02
N LEU D 415 -12.58 4.00 -32.26
CA LEU D 415 -13.55 4.94 -32.80
C LEU D 415 -14.90 4.93 -32.06
N TYR D 416 -15.45 3.74 -31.82
CA TYR D 416 -16.66 3.61 -31.02
C TYR D 416 -16.54 4.40 -29.72
N GLU D 417 -15.46 4.13 -29.00
CA GLU D 417 -15.22 4.74 -27.69
C GLU D 417 -15.06 6.27 -27.73
N ASP D 418 -14.22 6.76 -28.63
CA ASP D 418 -14.04 8.22 -28.77
C ASP D 418 -15.36 8.91 -29.12
N ILE D 419 -16.16 8.26 -29.97
CA ILE D 419 -17.47 8.82 -30.33
C ILE D 419 -18.37 8.90 -29.11
N LEU D 420 -18.41 7.82 -28.33
CA LEU D 420 -19.20 7.81 -27.10
C LEU D 420 -18.73 8.91 -26.12
N SER D 421 -17.42 9.12 -26.03
CA SER D 421 -16.85 10.05 -25.06
C SER D 421 -17.14 11.51 -25.42
N ASP D 422 -16.88 11.88 -26.68
CA ASP D 422 -17.23 13.23 -27.16
C ASP D 422 -18.74 13.48 -27.07
N ALA D 423 -19.51 12.47 -27.43
CA ALA D 423 -20.96 12.55 -27.34
C ALA D 423 -21.40 12.90 -25.93
N ASP D 424 -20.93 12.15 -24.93
CA ASP D 424 -21.28 12.48 -23.55
C ASP D 424 -20.83 13.88 -23.16
N ASP D 425 -19.65 14.28 -23.64
CA ASP D 425 -19.21 15.66 -23.38
C ASP D 425 -20.23 16.65 -23.92
N HIS D 426 -21.00 16.25 -24.94
CA HIS D 426 -22.00 17.17 -25.46
C HIS D 426 -23.43 16.75 -25.16
N GLY D 427 -23.61 15.95 -24.11
CA GLY D 427 -24.93 15.55 -23.65
C GLY D 427 -25.77 14.79 -24.64
N LEU D 428 -25.13 13.95 -25.45
CA LEU D 428 -25.83 13.18 -26.48
C LEU D 428 -25.88 11.70 -26.15
N MET D 429 -27.05 11.10 -26.30
CA MET D 429 -27.17 9.65 -26.29
C MET D 429 -26.72 9.09 -27.64
N VAL D 430 -26.28 7.84 -27.67
CA VAL D 430 -25.76 7.23 -28.90
C VAL D 430 -26.38 5.89 -29.24
N ILE D 431 -26.95 5.80 -30.43
CA ILE D 431 -27.32 4.51 -31.02
C ILE D 431 -26.29 4.13 -32.07
N PHE D 432 -25.85 2.86 -32.06
CA PHE D 432 -24.96 2.35 -33.10
C PHE D 432 -25.73 1.45 -34.05
N HIS D 433 -25.44 1.57 -35.34
CA HIS D 433 -25.98 0.67 -36.35
C HIS D 433 -24.85 0.23 -37.26
N GLY D 434 -25.07 -0.86 -37.99
CA GLY D 434 -24.06 -1.38 -38.90
C GLY D 434 -22.79 -1.62 -38.11
N CYS D 435 -22.95 -2.28 -36.97
CA CYS D 435 -21.96 -2.23 -35.91
C CYS D 435 -21.74 -3.61 -35.29
N THR D 436 -20.79 -3.67 -34.36
CA THR D 436 -20.48 -4.91 -33.68
C THR D 436 -21.37 -5.10 -32.44
N LEU D 437 -21.34 -6.30 -31.87
CA LEU D 437 -22.10 -6.61 -30.66
C LEU D 437 -21.67 -5.74 -29.48
N PRO D 438 -22.63 -5.25 -28.70
CA PRO D 438 -22.22 -4.51 -27.51
C PRO D 438 -21.63 -5.44 -26.45
N ARG D 439 -20.53 -5.02 -25.83
CA ARG D 439 -19.82 -5.86 -24.86
C ARG D 439 -19.79 -5.24 -23.48
N GLY D 440 -20.95 -5.23 -22.82
CA GLY D 440 -21.08 -4.64 -21.50
C GLY D 440 -21.12 -3.13 -21.58
N TRP D 441 -21.43 -2.62 -22.77
CA TRP D 441 -21.29 -1.20 -23.08
C TRP D 441 -22.31 -0.35 -22.33
N GLU D 442 -23.42 -0.93 -21.91
CA GLU D 442 -24.41 -0.18 -21.13
C GLU D 442 -23.81 0.27 -19.80
N ARG D 443 -23.01 -0.59 -19.18
CA ARG D 443 -22.37 -0.23 -17.92
C ARG D 443 -21.13 0.62 -18.17
N MET D 444 -20.33 0.20 -19.14
CA MET D 444 -19.09 0.89 -19.46
C MET D 444 -19.28 2.33 -19.96
N TYR D 445 -20.35 2.59 -20.69
CA TYR D 445 -20.57 3.92 -21.25
C TYR D 445 -21.95 4.44 -20.87
N PRO D 446 -21.99 5.46 -19.98
CA PRO D 446 -23.24 6.02 -19.45
C PRO D 446 -24.21 6.54 -20.53
N ASN D 447 -23.72 6.99 -21.67
CA ASN D 447 -24.61 7.55 -22.69
C ASN D 447 -24.89 6.60 -23.83
N TYR D 448 -24.44 5.36 -23.68
CA TYR D 448 -24.73 4.32 -24.66
C TYR D 448 -26.19 3.89 -24.51
N VAL D 449 -26.97 3.95 -25.60
CA VAL D 449 -28.38 3.59 -25.50
C VAL D 449 -28.84 2.54 -26.53
N GLY D 450 -27.93 1.64 -26.91
CA GLY D 450 -28.33 0.50 -27.72
C GLY D 450 -27.62 0.33 -29.06
N SER D 451 -27.70 -0.88 -29.62
CA SER D 451 -27.02 -1.21 -30.85
C SER D 451 -27.88 -2.08 -31.74
N GLU D 452 -27.57 -2.07 -33.04
CA GLU D 452 -28.25 -2.94 -33.99
C GLU D 452 -27.64 -4.33 -33.90
N ALA D 453 -26.59 -4.58 -34.68
CA ALA D 453 -25.85 -5.83 -34.64
C ALA D 453 -26.79 -7.05 -34.64
N VAL D 454 -27.78 -7.00 -35.51
CA VAL D 454 -28.74 -8.07 -35.66
C VAL D 454 -29.47 -7.76 -36.95
N LEU D 455 -30.09 -8.76 -37.56
CA LEU D 455 -30.99 -8.51 -38.67
C LEU D 455 -32.25 -7.83 -38.13
N ALA D 456 -32.28 -6.51 -38.21
CA ALA D 456 -33.39 -5.72 -37.67
C ALA D 456 -34.60 -5.71 -38.61
N SER D 457 -35.67 -5.05 -38.18
CA SER D 457 -36.94 -5.03 -38.92
C SER D 457 -36.84 -4.47 -40.34
N GLU D 458 -35.81 -3.68 -40.63
CA GLU D 458 -35.58 -3.14 -41.97
C GLU D 458 -35.58 -4.26 -43.01
N ASN D 459 -35.04 -5.41 -42.64
CA ASN D 459 -34.93 -6.52 -43.57
C ASN D 459 -36.30 -7.04 -43.97
N MET D 460 -37.24 -6.99 -43.03
CA MET D 460 -38.62 -7.40 -43.33
C MET D 460 -39.20 -6.48 -44.40
N VAL D 461 -38.80 -5.22 -44.37
CA VAL D 461 -39.24 -4.28 -45.38
C VAL D 461 -38.59 -4.64 -46.72
N PHE D 462 -37.33 -5.06 -46.68
CA PHE D 462 -36.56 -5.29 -47.89
C PHE D 462 -36.98 -6.58 -48.60
N ASN D 463 -37.33 -7.61 -47.82
CA ASN D 463 -37.47 -8.96 -48.36
C ASN D 463 -38.53 -9.81 -47.64
N GLN D 464 -39.41 -10.43 -48.41
CA GLN D 464 -40.49 -11.27 -47.88
C GLN D 464 -39.97 -12.41 -47.00
N HIS D 465 -38.76 -12.87 -47.30
CA HIS D 465 -38.10 -13.93 -46.55
C HIS D 465 -38.04 -13.66 -45.04
N PHE D 466 -37.65 -12.45 -44.68
CA PHE D 466 -37.49 -12.10 -43.26
C PHE D 466 -38.83 -11.83 -42.58
N CYS D 467 -39.85 -11.52 -43.37
CA CYS D 467 -41.21 -11.49 -42.85
C CYS D 467 -41.61 -12.91 -42.50
N ASP D 468 -41.23 -13.84 -43.37
CA ASP D 468 -41.57 -15.24 -43.17
C ASP D 468 -40.82 -15.83 -41.98
N GLU D 469 -39.63 -15.30 -41.70
CA GLU D 469 -38.78 -15.84 -40.62
C GLU D 469 -38.86 -15.04 -39.32
N GLU D 470 -39.66 -13.98 -39.33
CA GLU D 470 -39.78 -13.06 -38.20
C GLU D 470 -40.02 -13.77 -36.87
N ALA D 471 -41.01 -14.66 -36.84
CA ALA D 471 -41.37 -15.35 -35.60
C ALA D 471 -40.20 -16.18 -35.08
N PHE D 472 -39.54 -16.87 -36.00
CA PHE D 472 -38.36 -17.67 -35.69
C PHE D 472 -37.27 -16.84 -35.00
N ASN D 473 -36.89 -15.74 -35.64
CA ASN D 473 -35.84 -14.90 -35.09
C ASN D 473 -36.24 -14.21 -33.78
N THR D 474 -37.51 -13.79 -33.70
CA THR D 474 -38.09 -13.25 -32.48
C THR D 474 -37.98 -14.26 -31.36
N CYS D 475 -38.11 -15.54 -31.69
CA CYS D 475 -38.02 -16.60 -30.70
C CYS D 475 -36.57 -17.02 -30.49
N LEU D 476 -35.64 -16.39 -31.21
CA LEU D 476 -34.22 -16.59 -30.91
C LEU D 476 -33.63 -15.49 -30.03
N HIS D 477 -33.94 -14.23 -30.35
CA HIS D 477 -33.24 -13.09 -29.75
C HIS D 477 -33.19 -13.02 -28.20
N PRO D 478 -34.30 -13.35 -27.50
CA PRO D 478 -34.18 -13.28 -26.03
C PRO D 478 -33.20 -14.30 -25.43
N PHE D 479 -32.94 -15.38 -26.15
CA PHE D 479 -32.00 -16.39 -25.66
C PHE D 479 -30.56 -16.09 -26.07
N ILE D 480 -30.39 -15.29 -27.12
CA ILE D 480 -29.08 -15.13 -27.73
C ILE D 480 -28.64 -13.66 -27.82
N ARG D 481 -28.92 -13.01 -28.95
CA ARG D 481 -28.41 -11.67 -29.21
C ARG D 481 -28.80 -10.64 -28.16
N ASN D 482 -30.08 -10.61 -27.78
CA ASN D 482 -30.58 -9.56 -26.91
C ASN D 482 -30.30 -9.82 -25.43
N THR D 483 -30.03 -11.08 -25.08
CA THR D 483 -29.78 -11.41 -23.67
C THR D 483 -28.46 -10.86 -23.14
N VAL D 484 -27.48 -10.67 -24.02
CA VAL D 484 -26.20 -10.15 -23.59
C VAL D 484 -26.08 -8.63 -23.83
N GLY D 485 -27.13 -8.04 -24.38
CA GLY D 485 -27.08 -6.61 -24.64
C GLY D 485 -28.25 -6.00 -25.39
N SER D 486 -28.37 -4.68 -25.29
CA SER D 486 -29.44 -3.96 -25.93
C SER D 486 -29.48 -4.22 -27.43
N MET D 487 -30.70 -4.42 -27.94
CA MET D 487 -30.91 -4.69 -29.35
C MET D 487 -31.90 -3.67 -29.88
N GLU D 488 -31.42 -2.71 -30.65
CA GLU D 488 -32.30 -1.65 -31.15
C GLU D 488 -32.89 -2.17 -32.46
N PHE D 489 -33.99 -2.93 -32.33
CA PHE D 489 -34.51 -3.76 -33.41
C PHE D 489 -35.49 -3.05 -34.35
N GLY D 490 -36.21 -2.06 -33.84
CA GLY D 490 -37.23 -1.38 -34.61
C GLY D 490 -38.46 -2.26 -34.81
N GLY D 491 -38.79 -3.05 -33.80
CA GLY D 491 -39.89 -4.00 -33.92
C GLY D 491 -41.24 -3.32 -33.79
N CYS D 492 -42.31 -4.11 -33.73
CA CYS D 492 -43.70 -3.63 -33.73
C CYS D 492 -44.15 -2.97 -35.04
N LEU D 493 -44.34 -3.77 -36.09
CA LEU D 493 -44.90 -3.30 -37.35
C LEU D 493 -46.40 -3.57 -37.41
N LEU D 494 -47.20 -2.53 -37.36
CA LEU D 494 -48.66 -2.70 -37.33
C LEU D 494 -49.30 -2.51 -38.72
N ASN D 495 -48.55 -1.95 -39.66
CA ASN D 495 -48.93 -1.99 -41.07
C ASN D 495 -49.12 -3.45 -41.49
N LYS D 496 -50.05 -3.74 -42.39
CA LYS D 496 -50.16 -5.11 -42.92
C LYS D 496 -49.28 -5.29 -44.16
N ARG D 497 -49.08 -4.20 -44.89
CA ARG D 497 -48.20 -4.19 -46.07
C ARG D 497 -47.09 -3.17 -45.82
N LEU D 498 -45.85 -3.57 -46.05
CA LEU D 498 -44.72 -2.77 -45.57
C LEU D 498 -44.29 -1.68 -46.55
N ASN D 499 -45.19 -0.74 -46.80
CA ASN D 499 -44.87 0.48 -47.54
C ASN D 499 -45.68 1.68 -47.00
N ARG D 500 -45.47 2.85 -47.60
CA ARG D 500 -46.03 4.09 -47.06
C ARG D 500 -47.55 4.11 -47.05
N ASN D 501 -48.16 3.63 -48.13
CA ASN D 501 -49.62 3.66 -48.24
C ASN D 501 -50.27 2.41 -47.70
N ASN D 502 -49.47 1.54 -47.08
CA ASN D 502 -49.97 0.31 -46.47
C ASN D 502 -50.80 -0.53 -47.46
N ASP D 503 -50.30 -0.63 -48.70
CA ASP D 503 -51.03 -1.32 -49.76
C ASP D 503 -50.12 -2.01 -50.77
N GLY D 504 -48.84 -2.11 -50.45
CA GLY D 504 -47.90 -2.78 -51.33
C GLY D 504 -46.63 -3.19 -50.60
N GLY D 505 -45.65 -3.69 -51.35
CA GLY D 505 -44.43 -4.19 -50.77
C GLY D 505 -44.63 -5.54 -50.10
N THR D 506 -43.78 -5.85 -49.13
CA THR D 506 -43.82 -7.14 -48.46
C THR D 506 -45.04 -7.29 -47.54
N THR D 507 -45.30 -8.52 -47.13
CA THR D 507 -46.49 -8.84 -46.34
C THR D 507 -46.15 -9.44 -44.98
N ARG D 508 -46.54 -8.75 -43.91
CA ARG D 508 -46.36 -9.29 -42.55
C ARG D 508 -47.12 -10.60 -42.35
N ARG D 509 -46.45 -11.57 -41.73
CA ARG D 509 -47.03 -12.89 -41.51
C ARG D 509 -47.52 -13.08 -40.08
N THR D 510 -47.21 -12.13 -39.21
CA THR D 510 -47.57 -12.26 -37.80
C THR D 510 -48.77 -11.36 -37.42
N THR D 511 -49.36 -11.64 -36.26
CA THR D 511 -50.56 -10.91 -35.80
C THR D 511 -50.19 -9.62 -35.07
N ASP D 512 -51.17 -8.76 -34.86
CA ASP D 512 -50.97 -7.51 -34.14
C ASP D 512 -50.49 -7.74 -32.70
N VAL D 513 -51.07 -8.73 -32.03
CA VAL D 513 -50.72 -8.99 -30.64
C VAL D 513 -49.29 -9.51 -30.56
N PHE D 514 -48.88 -10.28 -31.57
CA PHE D 514 -47.48 -10.67 -31.72
C PHE D 514 -46.59 -9.43 -31.66
N GLN D 515 -46.93 -8.45 -32.48
CA GLN D 515 -46.19 -7.21 -32.56
C GLN D 515 -46.14 -6.50 -31.20
N LEU D 516 -47.28 -6.43 -30.54
CA LEU D 516 -47.35 -5.81 -29.22
C LEU D 516 -46.42 -6.51 -28.24
N ALA D 517 -46.47 -7.84 -28.27
CA ALA D 517 -45.64 -8.71 -27.44
C ALA D 517 -44.15 -8.47 -27.66
N THR D 518 -43.76 -8.18 -28.89
CA THR D 518 -42.34 -7.94 -29.18
C THR D 518 -41.81 -6.67 -28.52
N THR D 519 -42.70 -5.74 -28.18
CA THR D 519 -42.27 -4.54 -27.47
C THR D 519 -41.80 -4.88 -26.05
N VAL D 520 -42.26 -6.02 -25.54
CA VAL D 520 -41.80 -6.49 -24.24
C VAL D 520 -40.66 -7.49 -24.40
N LEU D 521 -40.77 -8.35 -25.41
CA LEU D 521 -39.77 -9.38 -25.66
C LEU D 521 -38.39 -8.82 -26.01
N LEU D 522 -38.37 -7.77 -26.84
CA LEU D 522 -37.11 -7.23 -27.33
C LEU D 522 -36.73 -5.94 -26.59
N GLN D 523 -35.57 -5.94 -25.93
CA GLN D 523 -35.20 -4.82 -25.07
C GLN D 523 -34.22 -3.85 -25.72
N ASN D 524 -34.55 -2.56 -25.61
CA ASN D 524 -33.65 -1.46 -25.95
C ASN D 524 -34.19 -0.20 -25.28
N PRO D 525 -33.31 0.57 -24.63
CA PRO D 525 -33.71 1.72 -23.80
C PRO D 525 -34.44 2.78 -24.60
N VAL D 526 -33.95 3.03 -25.82
CA VAL D 526 -34.61 3.95 -26.73
C VAL D 526 -35.21 3.15 -27.87
N GLN D 527 -36.53 3.02 -27.87
CA GLN D 527 -37.21 2.24 -28.89
C GLN D 527 -37.73 3.11 -30.02
N ASN D 528 -37.21 2.88 -31.23
CA ASN D 528 -37.81 3.47 -32.42
C ASN D 528 -38.66 2.44 -33.15
N PHE D 529 -39.92 2.31 -32.73
CA PHE D 529 -40.81 1.35 -33.33
C PHE D 529 -41.16 1.80 -34.76
N ALA D 530 -41.54 0.85 -35.61
CA ALA D 530 -41.90 1.17 -37.00
C ALA D 530 -43.37 1.46 -37.14
N LEU D 531 -43.91 2.28 -36.25
CA LEU D 531 -45.29 2.73 -36.40
C LEU D 531 -45.32 3.78 -37.50
N ALA D 532 -46.50 4.06 -38.02
CA ALA D 532 -46.67 5.11 -39.02
C ALA D 532 -47.97 5.82 -38.72
N PRO D 533 -48.08 7.12 -39.09
CA PRO D 533 -49.25 7.93 -38.74
C PRO D 533 -50.58 7.30 -39.13
N ASN D 534 -50.63 6.68 -40.31
CA ASN D 534 -51.84 6.02 -40.77
C ASN D 534 -52.34 4.96 -39.81
N ASN D 535 -51.45 4.45 -38.96
CA ASN D 535 -51.85 3.41 -38.01
C ASN D 535 -52.86 3.92 -37.01
N LEU D 536 -52.79 5.22 -36.71
CA LEU D 536 -53.69 5.81 -35.73
C LEU D 536 -55.08 5.85 -36.31
N LYS D 537 -55.16 5.57 -37.61
CA LYS D 537 -56.44 5.44 -38.28
C LYS D 537 -56.72 3.99 -38.66
N ASP D 538 -55.69 3.21 -39.03
CA ASP D 538 -56.01 1.90 -39.62
C ASP D 538 -55.65 0.71 -38.74
N VAL D 539 -55.34 0.99 -37.48
CA VAL D 539 -55.05 -0.06 -36.53
C VAL D 539 -56.04 -0.01 -35.37
N PRO D 540 -56.60 -1.17 -34.98
CA PRO D 540 -57.54 -1.26 -33.86
C PRO D 540 -57.08 -0.47 -32.65
N ALA D 541 -58.03 0.23 -32.03
CA ALA D 541 -57.72 1.23 -31.02
C ALA D 541 -56.93 0.67 -29.84
N VAL D 542 -57.19 -0.59 -29.47
CA VAL D 542 -56.53 -1.16 -28.30
C VAL D 542 -55.02 -1.30 -28.50
N CYS D 543 -54.61 -1.56 -29.74
CA CYS D 543 -53.19 -1.68 -30.07
C CYS D 543 -52.45 -0.37 -29.88
N MET D 544 -52.98 0.68 -30.49
CA MET D 544 -52.37 2.00 -30.42
C MET D 544 -52.46 2.54 -28.99
N ASP D 545 -53.51 2.15 -28.29
CA ASP D 545 -53.68 2.51 -26.88
C ASP D 545 -52.55 1.90 -26.07
N PHE D 546 -52.28 0.61 -26.31
CA PHE D 546 -51.15 -0.03 -25.64
C PHE D 546 -49.84 0.65 -25.99
N MET D 547 -49.62 0.89 -27.28
CA MET D 547 -48.38 1.47 -27.74
C MET D 547 -48.12 2.86 -27.16
N LYS D 548 -49.18 3.58 -26.83
CA LYS D 548 -49.04 4.90 -26.20
C LYS D 548 -48.44 4.80 -24.79
N ARG D 549 -48.66 3.67 -24.14
CA ARG D 549 -48.23 3.48 -22.77
C ARG D 549 -47.09 2.48 -22.61
N VAL D 550 -46.58 1.96 -23.73
CA VAL D 550 -45.54 0.94 -23.69
C VAL D 550 -44.25 1.44 -23.02
N PRO D 551 -43.69 0.63 -22.11
CA PRO D 551 -42.40 1.00 -21.52
C PRO D 551 -41.21 0.54 -22.34
N THR D 552 -40.04 1.14 -22.11
CA THR D 552 -38.81 0.73 -22.80
C THR D 552 -37.70 0.36 -21.84
N THR D 553 -37.93 0.57 -20.55
CA THR D 553 -36.93 0.28 -19.52
C THR D 553 -37.54 -0.66 -18.48
N TRP D 554 -36.70 -1.41 -17.79
CA TRP D 554 -37.18 -2.46 -16.89
C TRP D 554 -36.42 -2.55 -15.56
N ASP D 555 -37.13 -2.97 -14.53
CA ASP D 555 -36.56 -3.20 -13.20
C ASP D 555 -36.18 -4.65 -12.99
N GLU D 556 -36.81 -5.54 -13.75
CA GLU D 556 -36.64 -6.97 -13.53
C GLU D 556 -37.15 -7.79 -14.69
N THR D 557 -36.51 -8.93 -14.94
CA THR D 557 -36.88 -9.81 -16.03
C THR D 557 -36.92 -11.26 -15.56
N ARG D 558 -38.00 -11.97 -15.87
CA ARG D 558 -38.15 -13.36 -15.50
C ARG D 558 -38.44 -14.25 -16.70
N PHE D 559 -37.65 -15.31 -16.88
CA PHE D 559 -37.93 -16.30 -17.90
C PHE D 559 -39.04 -17.24 -17.43
N VAL D 560 -40.11 -17.33 -18.20
CA VAL D 560 -41.23 -18.17 -17.82
C VAL D 560 -41.19 -19.49 -18.55
N ASP D 561 -41.09 -19.43 -19.87
CA ASP D 561 -41.04 -20.66 -20.67
C ASP D 561 -40.50 -20.37 -22.04
N GLY D 562 -40.18 -21.41 -22.80
CA GLY D 562 -39.78 -21.23 -24.18
C GLY D 562 -38.76 -22.22 -24.71
N TYR D 563 -38.54 -22.13 -26.01
CA TYR D 563 -37.49 -22.88 -26.69
C TYR D 563 -37.10 -22.08 -27.93
N PRO D 564 -35.79 -21.89 -28.14
CA PRO D 564 -35.22 -21.02 -29.19
C PRO D 564 -35.71 -21.37 -30.60
N GLY D 565 -36.33 -20.40 -31.26
CA GLY D 565 -36.80 -20.58 -32.62
C GLY D 565 -38.20 -21.15 -32.69
N LYS D 566 -38.72 -21.58 -31.54
CA LYS D 566 -40.03 -22.22 -31.50
C LYS D 566 -41.06 -21.37 -30.76
N TYR D 567 -40.73 -20.97 -29.53
CA TYR D 567 -41.65 -20.11 -28.79
C TYR D 567 -40.98 -19.43 -27.63
N VAL D 568 -41.56 -18.33 -27.15
CA VAL D 568 -40.97 -17.66 -25.99
C VAL D 568 -42.01 -16.99 -25.09
N VAL D 569 -41.81 -17.16 -23.78
CA VAL D 569 -42.68 -16.59 -22.75
C VAL D 569 -41.82 -15.93 -21.66
N LEU D 570 -41.92 -14.61 -21.58
CA LEU D 570 -41.12 -13.82 -20.64
C LEU D 570 -41.93 -12.80 -19.86
N ALA D 571 -41.51 -12.53 -18.63
CA ALA D 571 -42.14 -11.50 -17.82
C ALA D 571 -41.12 -10.40 -17.49
N ARG D 572 -41.55 -9.15 -17.66
CA ARG D 572 -40.72 -7.99 -17.36
C ARG D 572 -41.49 -7.03 -16.45
N ARG D 573 -40.80 -6.51 -15.43
CA ARG D 573 -41.44 -5.61 -14.49
C ARG D 573 -40.94 -4.18 -14.67
N GLN D 574 -41.87 -3.23 -14.68
CA GLN D 574 -41.54 -1.82 -14.63
C GLN D 574 -42.29 -1.19 -13.47
N GLY D 575 -41.56 -0.68 -12.49
CA GLY D 575 -42.16 -0.20 -11.27
C GLY D 575 -42.88 -1.33 -10.55
N ASP D 576 -44.20 -1.18 -10.41
CA ASP D 576 -45.01 -2.21 -9.76
C ASP D 576 -45.83 -2.96 -10.80
N THR D 577 -45.63 -2.60 -12.06
CA THR D 577 -46.41 -3.14 -13.16
C THR D 577 -45.70 -4.32 -13.82
N TRP D 578 -46.38 -5.47 -13.92
CA TRP D 578 -45.84 -6.65 -14.60
C TRP D 578 -46.40 -6.90 -16.01
N TYR D 579 -45.49 -7.15 -16.95
CA TYR D 579 -45.83 -7.43 -18.35
C TYR D 579 -45.36 -8.82 -18.76
N LEU D 580 -46.30 -9.72 -19.04
CA LEU D 580 -45.95 -11.01 -19.59
C LEU D 580 -46.22 -11.03 -21.08
N ALA D 581 -45.24 -11.50 -21.83
CA ALA D 581 -45.35 -11.55 -23.28
C ALA D 581 -44.99 -12.94 -23.76
N ALA D 582 -45.78 -13.46 -24.69
CA ALA D 582 -45.50 -14.77 -25.26
C ALA D 582 -45.79 -14.77 -26.75
N VAL D 583 -44.94 -15.42 -27.53
CA VAL D 583 -45.23 -15.63 -28.95
C VAL D 583 -44.89 -17.05 -29.39
N ASN D 584 -45.53 -17.46 -30.49
CA ASN D 584 -45.38 -18.83 -31.02
C ASN D 584 -44.90 -18.85 -32.47
N ALA D 585 -43.76 -19.47 -32.69
CA ALA D 585 -43.19 -19.62 -34.03
C ALA D 585 -43.44 -21.01 -34.61
N GLY D 586 -44.16 -21.84 -33.87
CA GLY D 586 -44.46 -23.19 -34.31
C GLY D 586 -45.43 -23.17 -35.49
N LYS D 587 -45.70 -24.34 -36.06
CA LYS D 587 -46.67 -24.42 -37.15
C LYS D 587 -48.00 -24.98 -36.64
N GLU D 588 -47.97 -25.56 -35.45
CA GLU D 588 -49.18 -26.00 -34.77
C GLU D 588 -49.46 -25.09 -33.57
N PRO D 589 -50.73 -24.97 -33.17
CA PRO D 589 -51.06 -24.19 -31.97
C PRO D 589 -50.36 -24.69 -30.70
N LEU D 590 -50.06 -23.76 -29.80
CA LEU D 590 -49.29 -24.09 -28.60
C LEU D 590 -50.06 -23.82 -27.31
N LYS D 591 -50.29 -24.85 -26.50
CA LYS D 591 -51.03 -24.68 -25.24
C LYS D 591 -50.09 -24.74 -24.05
N LEU D 592 -50.13 -23.68 -23.25
CA LEU D 592 -49.23 -23.47 -22.12
C LEU D 592 -49.93 -23.58 -20.77
N LYS D 593 -49.31 -24.33 -19.87
CA LYS D 593 -49.66 -24.30 -18.47
C LYS D 593 -48.52 -23.58 -17.75
N LEU D 594 -48.80 -22.35 -17.33
CA LEU D 594 -47.80 -21.47 -16.75
C LEU D 594 -48.13 -21.21 -15.28
N ASP D 595 -47.13 -21.05 -14.43
CA ASP D 595 -47.38 -20.57 -13.08
C ASP D 595 -46.88 -19.13 -12.96
N LEU D 596 -47.82 -18.19 -12.86
CA LEU D 596 -47.48 -16.77 -12.90
C LEU D 596 -47.68 -16.12 -11.52
N GLU D 597 -46.68 -16.29 -10.65
CA GLU D 597 -46.68 -15.74 -9.29
C GLU D 597 -46.97 -14.23 -9.31
N MET D 598 -46.35 -13.53 -10.26
CA MET D 598 -46.60 -12.13 -10.54
C MET D 598 -48.07 -11.79 -10.42
N PHE D 599 -48.87 -12.57 -11.11
CA PHE D 599 -50.28 -12.28 -11.27
C PHE D 599 -51.09 -13.00 -10.21
N ALA D 600 -50.34 -13.62 -9.28
CA ALA D 600 -50.83 -14.05 -7.97
C ALA D 600 -52.29 -14.47 -8.02
N GLY D 601 -53.13 -13.72 -7.31
CA GLY D 601 -54.56 -13.94 -7.36
C GLY D 601 -55.26 -12.68 -7.86
N LYS D 602 -54.92 -12.25 -9.07
CA LYS D 602 -55.38 -10.96 -9.58
C LYS D 602 -56.10 -11.01 -10.92
N THR D 603 -56.73 -9.90 -11.29
CA THR D 603 -57.35 -9.73 -12.59
C THR D 603 -56.45 -8.90 -13.49
N VAL D 604 -55.95 -9.54 -14.54
CA VAL D 604 -54.99 -8.91 -15.44
C VAL D 604 -55.62 -8.52 -16.78
N ALA D 605 -55.04 -7.54 -17.45
CA ALA D 605 -55.46 -7.20 -18.80
C ALA D 605 -54.85 -8.18 -19.78
N LEU D 606 -55.68 -8.79 -20.62
CA LEU D 606 -55.21 -9.81 -21.54
C LEU D 606 -55.37 -9.43 -23.00
N TYR D 607 -54.26 -9.40 -23.74
CA TYR D 607 -54.25 -9.18 -25.17
C TYR D 607 -54.04 -10.52 -25.87
N LYS D 608 -54.97 -10.86 -26.77
CA LYS D 608 -54.98 -12.18 -27.38
C LYS D 608 -55.48 -12.12 -28.83
N ASP D 609 -55.18 -13.15 -29.61
CA ASP D 609 -55.76 -13.29 -30.95
C ASP D 609 -57.15 -13.93 -30.90
N ASP D 610 -58.10 -13.32 -31.61
CA ASP D 610 -59.42 -13.91 -31.76
C ASP D 610 -59.39 -14.98 -32.83
N LYS D 611 -60.50 -15.68 -33.00
CA LYS D 611 -60.63 -16.80 -33.92
C LYS D 611 -60.15 -16.48 -35.36
N LYS D 612 -60.21 -15.21 -35.79
CA LYS D 612 -59.71 -14.82 -37.12
C LYS D 612 -58.25 -14.30 -37.17
N GLY D 613 -57.65 -14.09 -36.00
CA GLY D 613 -56.30 -13.58 -35.94
C GLY D 613 -56.25 -12.10 -35.62
N GLU D 614 -57.43 -11.55 -35.38
CA GLU D 614 -57.55 -10.13 -35.08
C GLU D 614 -57.26 -9.90 -33.60
N PRO D 615 -56.78 -8.70 -33.25
CA PRO D 615 -56.45 -8.38 -31.85
C PRO D 615 -57.67 -8.21 -30.97
N GLU D 616 -57.62 -8.74 -29.75
CA GLU D 616 -58.71 -8.64 -28.79
C GLU D 616 -58.19 -8.33 -27.38
N LEU D 617 -58.80 -7.35 -26.74
CA LEU D 617 -58.48 -7.02 -25.36
C LEU D 617 -59.59 -7.49 -24.41
N THR D 618 -59.23 -8.39 -23.50
CA THR D 618 -60.15 -8.90 -22.49
C THR D 618 -59.53 -8.76 -21.11
N SER D 619 -60.17 -9.39 -20.13
CA SER D 619 -59.65 -9.46 -18.77
C SER D 619 -59.46 -10.93 -18.41
N LEU D 620 -58.57 -11.22 -17.47
CA LEU D 620 -58.33 -12.59 -17.05
C LEU D 620 -58.12 -12.71 -15.55
N LYS D 621 -58.98 -13.51 -14.92
CA LYS D 621 -58.92 -13.80 -13.50
C LYS D 621 -57.91 -14.93 -13.28
N VAL D 622 -56.89 -14.63 -12.49
CA VAL D 622 -55.84 -15.60 -12.16
C VAL D 622 -56.00 -16.12 -10.73
N LYS D 623 -56.06 -17.45 -10.60
CA LYS D 623 -56.30 -18.12 -9.31
C LYS D 623 -55.11 -17.94 -8.36
N GLU D 624 -55.32 -18.07 -7.04
CA GLU D 624 -54.25 -17.86 -6.05
C GLU D 624 -53.03 -18.77 -6.24
N ASN D 625 -53.24 -19.91 -6.88
CA ASN D 625 -52.14 -20.85 -7.19
C ASN D 625 -51.30 -20.31 -8.35
N GLY D 626 -51.92 -19.45 -9.14
CA GLY D 626 -51.22 -18.78 -10.22
C GLY D 626 -51.10 -19.53 -11.52
N LYS D 627 -51.71 -20.72 -11.61
CA LYS D 627 -51.61 -21.52 -12.86
C LYS D 627 -52.58 -21.04 -13.94
N VAL D 628 -52.04 -20.35 -14.93
CA VAL D 628 -52.77 -19.85 -16.08
C VAL D 628 -52.62 -20.84 -17.22
N GLN D 629 -53.66 -20.99 -18.03
CA GLN D 629 -53.56 -21.87 -19.20
C GLN D 629 -53.96 -21.04 -20.42
N LEU D 630 -53.20 -21.17 -21.49
CA LEU D 630 -53.43 -20.31 -22.66
C LEU D 630 -53.04 -21.02 -23.94
N GLU D 631 -53.71 -20.72 -25.04
CA GLU D 631 -53.25 -21.25 -26.32
C GLU D 631 -52.89 -20.13 -27.28
N ILE D 632 -51.73 -20.28 -27.92
CA ILE D 632 -51.20 -19.32 -28.86
C ILE D 632 -51.13 -19.92 -30.25
N ARG D 633 -51.87 -19.32 -31.18
CA ARG D 633 -51.79 -19.71 -32.57
C ARG D 633 -50.37 -19.54 -33.12
N PRO D 634 -50.03 -20.32 -34.14
CA PRO D 634 -48.76 -20.09 -34.86
C PRO D 634 -48.70 -18.67 -35.39
N GLN D 635 -47.52 -18.05 -35.34
CA GLN D 635 -47.32 -16.67 -35.75
C GLN D 635 -48.13 -15.70 -34.89
N GLY D 636 -48.57 -16.16 -33.74
CA GLY D 636 -49.40 -15.35 -32.86
C GLY D 636 -48.76 -15.08 -31.50
N GLY D 637 -49.50 -14.38 -30.65
CA GLY D 637 -48.99 -13.98 -29.36
C GLY D 637 -50.03 -13.68 -28.29
N ILE D 638 -49.53 -13.43 -27.07
CA ILE D 638 -50.35 -13.14 -25.90
C ILE D 638 -49.64 -12.13 -25.00
N LEU D 639 -50.40 -11.21 -24.42
CA LEU D 639 -49.82 -10.22 -23.51
C LEU D 639 -50.67 -10.05 -22.24
N CYS D 640 -50.07 -10.23 -21.07
CA CYS D 640 -50.79 -10.00 -19.83
C CYS D 640 -50.19 -8.83 -19.07
N ILE D 641 -51.02 -7.89 -18.65
CA ILE D 641 -50.53 -6.70 -17.95
C ILE D 641 -51.26 -6.47 -16.64
N LYS D 642 -50.51 -6.32 -15.54
CA LYS D 642 -51.07 -5.82 -14.28
C LYS D 642 -49.98 -5.36 -13.34
CA CA E . -7.35 10.82 30.84
CA CA F . 19.57 -28.25 35.96
CA CA G . 14.34 13.55 -27.04
CA CA H . -28.37 -1.92 -40.70
#